data_3CR1
# 
_entry.id   3CR1 
# 
_audit_conform.dict_name       mmcif_pdbx.dic 
_audit_conform.dict_version    5.377 
_audit_conform.dict_location   http://mmcif.pdb.org/dictionaries/ascii/mmcif_pdbx.dic 
# 
loop_
_database_2.database_id 
_database_2.database_code 
_database_2.pdbx_database_accession 
_database_2.pdbx_DOI 
PDB   3CR1         pdb_00003cr1 10.2210/pdb3cr1/pdb 
NDB   UR0141       ?            ?                   
RCSB  RCSB047109   ?            ?                   
WWPDB D_1000047109 ?            ?                   
# 
loop_
_pdbx_database_related.db_name 
_pdbx_database_related.db_id 
_pdbx_database_related.details 
_pdbx_database_related.content_type 
PDB 3B5S 
;DAP38, A-1 2'Omethyl mutant hairpin ribozyme
;
unspecified 
PDB 3B5F 
;DAP38, A-1/G+1 2'-5' linkage mutant hairpin ribozyme
;
unspecified 
PDB 3BBI 
;AP38, A-1 2'Omethyl mutant hairpin ribozyme
;
unspecified 
PDB 3B91 
;AP38, A-1/G+1 2'-5' linkage mutant hairpin ribozyme
;
unspecified 
PDB 3BBM 
;C38, A-1 2'Omethyl mutant hairpin ribozyme
;
unspecified 
PDB 3BBK 
;C38, A-1/G+1 2'-5' linkage mutant hairpin ribozyme
;
unspecified 
# 
_pdbx_database_status.status_code                     REL 
_pdbx_database_status.entry_id                        3CR1 
_pdbx_database_status.recvd_initial_deposition_date   2008-04-04 
_pdbx_database_status.deposit_site                    RCSB 
_pdbx_database_status.process_site                    RCSB 
_pdbx_database_status.status_code_sf                  REL 
_pdbx_database_status.status_code_mr                  ? 
_pdbx_database_status.SG_entry                        ? 
_pdbx_database_status.pdb_format_compatible           Y 
_pdbx_database_status.status_code_cs                  ? 
_pdbx_database_status.status_code_nmr_data            ? 
_pdbx_database_status.methods_development_category    ? 
# 
loop_
_audit_author.name 
_audit_author.pdbx_ordinal 
'Salter, J.D.'   1 
'Wedekind, J.E.' 2 
# 
_citation.id                        primary 
_citation.title                     
'Structural effects of nucleobase variations at key active site residue Ade38 in the hairpin ribozyme.' 
_citation.journal_abbrev            Rna 
_citation.journal_volume            14 
_citation.page_first                1600 
_citation.page_last                 1616 
_citation.year                      2008 
_citation.journal_id_ASTM           RNARFU 
_citation.country                   UK 
_citation.journal_id_ISSN           1355-8382 
_citation.journal_id_CSD            2122 
_citation.book_publisher            ? 
_citation.pdbx_database_id_PubMed   18596253 
_citation.pdbx_database_id_DOI      10.1261/rna.1055308 
# 
loop_
_citation_author.citation_id 
_citation_author.name 
_citation_author.ordinal 
_citation_author.identifier_ORCID 
primary 'MacElrevey, C.' 1 ? 
primary 'Salter, J.D.'   2 ? 
primary 'Krucinska, J.'  3 ? 
primary 'Wedekind, J.E.' 4 ? 
# 
_cell.entry_id           3CR1 
_cell.length_a           93.640 
_cell.length_b           93.640 
_cell.length_c           133.610 
_cell.angle_alpha        90.00 
_cell.angle_beta         90.00 
_cell.angle_gamma        120.00 
_cell.Z_PDB              12 
_cell.pdbx_unique_axis   ? 
_cell.length_a_esd       ? 
_cell.length_b_esd       ? 
_cell.length_c_esd       ? 
_cell.angle_alpha_esd    ? 
_cell.angle_beta_esd     ? 
_cell.angle_gamma_esd    ? 
# 
_symmetry.entry_id                         3CR1 
_symmetry.space_group_name_H-M             'P 61 2 2' 
_symmetry.pdbx_full_space_group_name_H-M   ? 
_symmetry.cell_setting                     ? 
_symmetry.Int_Tables_number                178 
_symmetry.space_group_name_Hall            ? 
# 
loop_
_entity.id 
_entity.type 
_entity.src_method 
_entity.pdbx_description 
_entity.formula_weight 
_entity.pdbx_number_of_molecules 
_entity.pdbx_ec 
_entity.pdbx_mutation 
_entity.pdbx_fragment 
_entity.details 
1 polymer     syn 
;RNA (5'-R(*UP*CP*CP*CP*(A2M)P*GP*UP*CP*CP*AP*CP*CP*G)-3')
;
4066.497 1  ? ? ? '13-mer substrate strand' 
2 polymer     syn 'loop A and B ribozyme strand'                                            9762.989 1  ? ? ? ? 
3 polymer     syn 
;RNA (5'-R(*UP*CP*GP*UP*GP*GP*UP*CP*CP*AP*UP*UP*AP*CP*CP*UP*GP*CP*C)-3')
;
5967.544 1  ? ? ? 'loop B ribozyme strand'  
4 non-polymer syn 'SULFATE ION'                                                             96.063   1  ? ? ? ? 
5 non-polymer syn 'MAGNESIUM ION'                                                           24.305   1  ? ? ? ? 
6 water       nat water                                                                     18.015   33 ? ? ? ? 
# 
loop_
_entity_poly.entity_id 
_entity_poly.type 
_entity_poly.nstd_linkage 
_entity_poly.nstd_monomer 
_entity_poly.pdbx_seq_one_letter_code 
_entity_poly.pdbx_seq_one_letter_code_can 
_entity_poly.pdbx_strand_id 
_entity_poly.pdbx_target_identifier 
1 polyribonucleotide                                  no yes 'UCCC(A2M)GUCCACCG'                  UCCCAGUCCACCG                  A 
? 
2 'polydeoxyribonucleotide/polyribonucleotide hybrid' no yes 'CGGUGAGAAGGG(S9L)GGCAGAGAAACACACGA' CGGUGAGAAGGGXGGCAGAGAAACACACGA B 
? 
3 polyribonucleotide                                  no no  UCGUGGUCCAUUACCUGCC                  UCGUGGUCCAUUACCUGCC            C 
? 
# 
loop_
_entity_poly_seq.entity_id 
_entity_poly_seq.num 
_entity_poly_seq.mon_id 
_entity_poly_seq.hetero 
1 1  U   n 
1 2  C   n 
1 3  C   n 
1 4  C   n 
1 5  A2M n 
1 6  G   n 
1 7  U   n 
1 8  C   n 
1 9  C   n 
1 10 A   n 
1 11 C   n 
1 12 C   n 
1 13 G   n 
2 1  C   n 
2 2  G   n 
2 3  G   n 
2 4  U   n 
2 5  G   n 
2 6  A   n 
2 7  G   n 
2 8  A   n 
2 9  A   n 
2 10 G   n 
2 11 G   n 
2 12 G   n 
2 13 S9L n 
2 14 G   n 
2 15 G   n 
2 16 C   n 
2 17 A   n 
2 18 G   n 
2 19 A   n 
2 20 G   n 
2 21 A   n 
2 22 A   n 
2 23 A   n 
2 24 C   n 
2 25 A   n 
2 26 C   n 
2 27 A   n 
2 28 C   n 
2 29 G   n 
2 30 A   n 
3 1  U   n 
3 2  C   n 
3 3  G   n 
3 4  U   n 
3 5  G   n 
3 6  G   n 
3 7  U   n 
3 8  C   n 
3 9  C   n 
3 10 A   n 
3 11 U   n 
3 12 U   n 
3 13 A   n 
3 14 C   n 
3 15 C   n 
3 16 U   n 
3 17 G   n 
3 18 C   n 
3 19 C   n 
# 
loop_
_struct_ref.entity_id 
_struct_ref.pdbx_db_accession 
_struct_ref.id 
_struct_ref.db_name 
_struct_ref.db_code 
_struct_ref.pdbx_seq_one_letter_code 
_struct_ref.pdbx_align_begin 
_struct_ref.pdbx_db_isoform 
1 3CR1 1 PDB 3CR1 UCCCAGUCCACCG                        1 ? 
2 3CR1 2 PDB 3CR1 'CGGUGAGAAGGG(S9L)GGCAGAGAAACACACGA' 1 ? 
3 3CR1 3 PDB 3CR1 UCGUGGUCCAUUACCUGCC                  1 ? 
# 
loop_
_struct_ref_seq.align_id 
_struct_ref_seq.ref_id 
_struct_ref_seq.pdbx_PDB_id_code 
_struct_ref_seq.pdbx_strand_id 
_struct_ref_seq.seq_align_beg 
_struct_ref_seq.pdbx_seq_align_beg_ins_code 
_struct_ref_seq.seq_align_end 
_struct_ref_seq.pdbx_seq_align_end_ins_code 
_struct_ref_seq.pdbx_db_accession 
_struct_ref_seq.db_align_beg 
_struct_ref_seq.pdbx_db_align_beg_ins_code 
_struct_ref_seq.db_align_end 
_struct_ref_seq.pdbx_db_align_end_ins_code 
_struct_ref_seq.pdbx_auth_seq_align_beg 
_struct_ref_seq.pdbx_auth_seq_align_end 
1 1 3CR1 A 1 ? 13 ? 3CR1 1  ? 13 ? 1  13 
2 2 3CR1 B 1 ? 30 ? 3CR1 2  ? 31 ? 2  31 
3 3 3CR1 C 1 ? 19 ? 3CR1 31 ? 49 ? 31 49 
# 
loop_
_chem_comp.id 
_chem_comp.type 
_chem_comp.mon_nstd_flag 
_chem_comp.name 
_chem_comp.pdbx_synonyms 
_chem_comp.formula 
_chem_comp.formula_weight 
A   'RNA linking' y "ADENOSINE-5'-MONOPHOSPHATE"                              ? 'C10 H14 N5 O7 P' 347.221 
A2M 'RNA linking' n 
;2'-O-methyladenosine 5'-(dihydrogen phosphate)
;
? 'C11 H16 N5 O7 P' 361.248 
C   'RNA linking' y "CYTIDINE-5'-MONOPHOSPHATE"                               ? 'C9 H14 N3 O8 P'  323.197 
G   'RNA linking' y "GUANOSINE-5'-MONOPHOSPHATE"                              ? 'C10 H14 N5 O8 P' 363.221 
HOH non-polymer   . WATER                                                     ? 'H2 O'            18.015  
MG  non-polymer   . 'MAGNESIUM ION'                                           ? 'Mg 2'            24.305  
S9L non-polymer   . '2-[2-(2-HYDROXYETHOXY)ETHOXY]ETHYL DIHYDROGEN PHOSPHATE' ? 'C6 H15 O7 P'     230.153 
SO4 non-polymer   . 'SULFATE ION'                                             ? 'O4 S -2'         96.063  
U   'RNA linking' y "URIDINE-5'-MONOPHOSPHATE"                                ? 'C9 H13 N2 O9 P'  324.181 
# 
_exptl.entry_id          3CR1 
_exptl.method            'X-RAY DIFFRACTION' 
_exptl.crystals_number   1 
# 
_exptl_crystal.id                    1 
_exptl_crystal.density_meas          ? 
_exptl_crystal.density_Matthews      4.27 
_exptl_crystal.density_percent_sol   71.20 
_exptl_crystal.description           ? 
_exptl_crystal.F_000                 ? 
_exptl_crystal.preparation           ? 
# 
_exptl_crystal_grow.crystal_id      1 
_exptl_crystal_grow.method          'VAPOR DIFFUSION, HANGING DROP' 
_exptl_crystal_grow.temp            293 
_exptl_crystal_grow.temp_details    ? 
_exptl_crystal_grow.pH              6.0 
_exptl_crystal_grow.pdbx_details    
;PEG2000 MME, lithium sulfate, magnesium chloride, spermidine, sodium cacodylate, pH 6.0, VAPOR DIFFUSION, HANGING DROP, temperature 293K
;
_exptl_crystal_grow.pdbx_pH_range   . 
# 
loop_
_exptl_crystal_grow_comp.crystal_id 
_exptl_crystal_grow_comp.id 
_exptl_crystal_grow_comp.sol_id 
_exptl_crystal_grow_comp.name 
_exptl_crystal_grow_comp.volume 
_exptl_crystal_grow_comp.conc 
_exptl_crystal_grow_comp.details 
1 1  1 'PEG2000 MME'        ? ? ? 
1 2  1 'lithium sulfate'    ? ? ? 
1 3  1 'magnesium chloride' ? ? ? 
1 4  1 spermidine           ? ? ? 
1 5  1 'sodium cacodylate'  ? ? ? 
1 6  2 'PEG2000 MME'        ? ? ? 
1 7  2 'lithium sulfate'    ? ? ? 
1 8  2 'magnesium chloride' ? ? ? 
1 9  2 spermidine           ? ? ? 
1 10 2 'sodium cacodylate'  ? ? ? 
# 
_diffrn.id                     1 
_diffrn.ambient_temp           95 
_diffrn.ambient_temp_details   ? 
_diffrn.crystal_id             1 
# 
_diffrn_detector.diffrn_id              1 
_diffrn_detector.detector               CCD 
_diffrn_detector.type                   'ADSC QUANTUM 210' 
_diffrn_detector.pdbx_collection_date   2007-06-20 
_diffrn_detector.details                ? 
# 
_diffrn_radiation.diffrn_id                        1 
_diffrn_radiation.wavelength_id                    1 
_diffrn_radiation.pdbx_monochromatic_or_laue_m_l   M 
_diffrn_radiation.monochromator                    
'bent triangular asymmetric cut si(111) monochromator, RH-coated si for vertical focusing' 
_diffrn_radiation.pdbx_diffrn_protocol             'SINGLE WAVELENGTH' 
_diffrn_radiation.pdbx_scattering_type             x-ray 
# 
_diffrn_radiation_wavelength.id           1 
_diffrn_radiation_wavelength.wavelength   0.977 
_diffrn_radiation_wavelength.wt           1.0 
# 
_diffrn_source.diffrn_id                   1 
_diffrn_source.source                      SYNCHROTRON 
_diffrn_source.type                        'CHESS BEAMLINE A1' 
_diffrn_source.pdbx_synchrotron_site       CHESS 
_diffrn_source.pdbx_synchrotron_beamline   A1 
_diffrn_source.pdbx_wavelength             ? 
_diffrn_source.pdbx_wavelength_list        0.977 
# 
_reflns.entry_id                     3CR1 
_reflns.observed_criterion_sigma_I   -3 
_reflns.observed_criterion_sigma_F   0 
_reflns.d_resolution_low             30.89 
_reflns.d_resolution_high            2.25 
_reflns.number_obs                   16729 
_reflns.number_all                   ? 
_reflns.percent_possible_obs         98.2 
_reflns.pdbx_Rmerge_I_obs            0.04 
_reflns.pdbx_Rsym_value              ? 
_reflns.pdbx_netI_over_sigmaI        25.8 
_reflns.B_iso_Wilson_estimate        47.4 
_reflns.pdbx_redundancy              11.3 
_reflns.R_free_details               ? 
_reflns.limit_h_max                  ? 
_reflns.limit_h_min                  ? 
_reflns.limit_k_max                  ? 
_reflns.limit_k_min                  ? 
_reflns.limit_l_max                  ? 
_reflns.limit_l_min                  ? 
_reflns.observed_criterion_F_max     ? 
_reflns.observed_criterion_F_min     ? 
_reflns.pdbx_chi_squared             ? 
_reflns.pdbx_scaling_rejects         ? 
_reflns.pdbx_ordinal                 1 
_reflns.pdbx_diffrn_id               1 
# 
_reflns_shell.d_res_high             2.25 
_reflns_shell.d_res_low              2.33 
_reflns_shell.percent_possible_all   99.7 
_reflns_shell.Rmerge_I_obs           0.541 
_reflns_shell.pdbx_Rsym_value        ? 
_reflns_shell.meanI_over_sigI_obs    4.4 
_reflns_shell.pdbx_redundancy        11.01 
_reflns_shell.percent_possible_obs   ? 
_reflns_shell.number_unique_all      ? 
_reflns_shell.number_measured_all    ? 
_reflns_shell.number_measured_obs    ? 
_reflns_shell.number_unique_obs      ? 
_reflns_shell.pdbx_chi_squared       ? 
_reflns_shell.pdbx_ordinal           1 
_reflns_shell.pdbx_diffrn_id         1 
# 
_refine.entry_id                                 3CR1 
_refine.ls_number_reflns_obs                     16725 
_refine.ls_number_reflns_all                     ? 
_refine.pdbx_ls_sigma_I                          -3.0 
_refine.pdbx_ls_sigma_F                          0.0 
_refine.pdbx_data_cutoff_high_absF               941903.55 
_refine.pdbx_data_cutoff_low_absF                0.000000 
_refine.pdbx_data_cutoff_high_rms_absF           ? 
_refine.ls_d_res_low                             30.89 
_refine.ls_d_res_high                            2.25 
_refine.ls_percent_reflns_obs                    98.0 
_refine.ls_R_factor_obs                          ? 
_refine.ls_R_factor_all                          0.221 
_refine.ls_R_factor_R_work                       0.219 
_refine.ls_R_factor_R_free                       0.246 
_refine.ls_R_factor_R_free_error                 0.007 
_refine.ls_R_factor_R_free_error_details         ? 
_refine.ls_percent_reflns_R_free                 7.9 
_refine.ls_number_reflns_R_free                  1314 
_refine.ls_number_parameters                     ? 
_refine.ls_number_restraints                     ? 
_refine.occupancy_min                            ? 
_refine.occupancy_max                            ? 
_refine.correlation_coeff_Fo_to_Fc               ? 
_refine.correlation_coeff_Fo_to_Fc_free          ? 
_refine.B_iso_mean                               68.1 
_refine.aniso_B[1][1]                            -7.35 
_refine.aniso_B[2][2]                            -7.35 
_refine.aniso_B[3][3]                            14.69 
_refine.aniso_B[1][2]                            -4.64 
_refine.aniso_B[1][3]                            0.00 
_refine.aniso_B[2][3]                            0.00 
_refine.solvent_model_details                    'FLAT MODEL' 
_refine.solvent_model_param_ksol                 0.335642 
_refine.solvent_model_param_bsol                 52.9068 
_refine.pdbx_solvent_vdw_probe_radii             ? 
_refine.pdbx_solvent_ion_probe_radii             ? 
_refine.pdbx_solvent_shrinkage_radii             ? 
_refine.pdbx_ls_cross_valid_method               THROUGHOUT 
_refine.details                                  'Bulk solvent model used' 
_refine.pdbx_starting_model                      2OUE 
_refine.pdbx_method_to_determine_struct          'FOURIER SYNTHESIS' 
_refine.pdbx_isotropic_thermal_model             RESTRAINED 
_refine.pdbx_stereochemistry_target_values       'Parkinson et al. Acta Cryst. D, 52, 57-64 (1996)' 
_refine.pdbx_stereochem_target_val_spec_case     ? 
_refine.pdbx_R_Free_selection_details            RANDOM 
_refine.pdbx_overall_ESU_R                       ? 
_refine.pdbx_overall_ESU_R_Free                  ? 
_refine.overall_SU_ML                            ? 
_refine.overall_SU_B                             ? 
_refine.ls_redundancy_reflns_obs                 ? 
_refine.B_iso_min                                ? 
_refine.B_iso_max                                ? 
_refine.overall_SU_R_Cruickshank_DPI             ? 
_refine.overall_SU_R_free                        ? 
_refine.ls_wR_factor_R_free                      ? 
_refine.ls_wR_factor_R_work                      ? 
_refine.overall_FOM_free_R_set                   ? 
_refine.overall_FOM_work_R_set                   ? 
_refine.pdbx_overall_phase_error                 ? 
_refine.pdbx_refine_id                           'X-RAY DIFFRACTION' 
_refine.pdbx_diffrn_id                           1 
_refine.pdbx_TLS_residual_ADP_flag               ? 
_refine.pdbx_overall_SU_R_free_Cruickshank_DPI   ? 
_refine.pdbx_overall_SU_R_Blow_DPI               ? 
_refine.pdbx_overall_SU_R_free_Blow_DPI          ? 
# 
_refine_analyze.entry_id                        3CR1 
_refine_analyze.Luzzati_coordinate_error_obs    0.42 
_refine_analyze.Luzzati_sigma_a_obs             0.58 
_refine_analyze.Luzzati_d_res_low_obs           5.00 
_refine_analyze.Luzzati_coordinate_error_free   0.46 
_refine_analyze.Luzzati_sigma_a_free            0.60 
_refine_analyze.Luzzati_d_res_low_free          ? 
_refine_analyze.number_disordered_residues      ? 
_refine_analyze.occupancy_sum_hydrogen          ? 
_refine_analyze.occupancy_sum_non_hydrogen      ? 
_refine_analyze.pdbx_Luzzati_d_res_high_obs     ? 
_refine_analyze.pdbx_refine_id                  'X-RAY DIFFRACTION' 
# 
_refine_hist.pdbx_refine_id                   'X-RAY DIFFRACTION' 
_refine_hist.cycle_id                         LAST 
_refine_hist.pdbx_number_atoms_protein        0 
_refine_hist.pdbx_number_atoms_nucleic_acid   1309 
_refine_hist.pdbx_number_atoms_ligand         6 
_refine_hist.number_atoms_solvent             33 
_refine_hist.number_atoms_total               1348 
_refine_hist.d_res_high                       2.25 
_refine_hist.d_res_low                        30.89 
# 
loop_
_refine_ls_restr.type 
_refine_ls_restr.dev_ideal 
_refine_ls_restr.dev_ideal_target 
_refine_ls_restr.weight 
_refine_ls_restr.number 
_refine_ls_restr.pdbx_refine_id 
_refine_ls_restr.pdbx_restraint_function 
c_bond_d           0.009 ? ? ? 'X-RAY DIFFRACTION' ? 
c_angle_deg        1.6   ? ? ? 'X-RAY DIFFRACTION' ? 
c_dihedral_angle_d 16.6  ? ? ? 'X-RAY DIFFRACTION' ? 
c_improper_angle_d 2.22  ? ? ? 'X-RAY DIFFRACTION' ? 
# 
_refine_ls_shell.pdbx_total_number_of_bins_used   6 
_refine_ls_shell.d_res_high                       2.25 
_refine_ls_shell.d_res_low                        2.39 
_refine_ls_shell.number_reflns_R_work             2538 
_refine_ls_shell.R_factor_R_work                  0.414 
_refine_ls_shell.percent_reflns_obs               99.6 
_refine_ls_shell.R_factor_R_free                  0.435 
_refine_ls_shell.R_factor_R_free_error            0.030 
_refine_ls_shell.percent_reflns_R_free            7.8 
_refine_ls_shell.number_reflns_R_free             215 
_refine_ls_shell.number_reflns_all                ? 
_refine_ls_shell.R_factor_all                     ? 
_refine_ls_shell.number_reflns_obs                ? 
_refine_ls_shell.redundancy_reflns_obs            ? 
_refine_ls_shell.pdbx_refine_id                   'X-RAY DIFFRACTION' 
# 
loop_
_pdbx_xplor_file.serial_no 
_pdbx_xplor_file.param_file 
_pdbx_xplor_file.topol_file 
_pdbx_xplor_file.pdbx_refine_id 
1 dna-rna0107.par dna-rna0107.top 'X-RAY DIFFRACTION' 
2 ?               water.top       'X-RAY DIFFRACTION' 
3 ion.param       ion.top         'X-RAY DIFFRACTION' 
4 water_rep.param ?               'X-RAY DIFFRACTION' 
# 
_struct.entry_id                  3CR1 
_struct.title                     
'crystal structure of a minimal, mutant, all-RNA hairpin ribozyme (A38C, A-1OMA) grown from MgCl2' 
_struct.pdbx_model_details        ? 
_struct.pdbx_CASP_flag            ? 
_struct.pdbx_model_type_details   ? 
# 
_struct_keywords.entry_id        3CR1 
_struct_keywords.pdbx_keywords   RNA 
_struct_keywords.text            'ribozyme, A38, RNA' 
# 
loop_
_struct_asym.id 
_struct_asym.pdbx_blank_PDB_chainid_flag 
_struct_asym.pdbx_modified 
_struct_asym.entity_id 
_struct_asym.details 
A N N 1 ? 
B N N 2 ? 
C N N 3 ? 
D N N 4 ? 
E N N 5 ? 
F N N 6 ? 
G N N 6 ? 
H N N 6 ? 
# 
_struct_biol.id   1 
# 
loop_
_struct_conn.id 
_struct_conn.conn_type_id 
_struct_conn.pdbx_leaving_atom_flag 
_struct_conn.pdbx_PDB_id 
_struct_conn.ptnr1_label_asym_id 
_struct_conn.ptnr1_label_comp_id 
_struct_conn.ptnr1_label_seq_id 
_struct_conn.ptnr1_label_atom_id 
_struct_conn.pdbx_ptnr1_label_alt_id 
_struct_conn.pdbx_ptnr1_PDB_ins_code 
_struct_conn.pdbx_ptnr1_standard_comp_id 
_struct_conn.ptnr1_symmetry 
_struct_conn.ptnr2_label_asym_id 
_struct_conn.ptnr2_label_comp_id 
_struct_conn.ptnr2_label_seq_id 
_struct_conn.ptnr2_label_atom_id 
_struct_conn.pdbx_ptnr2_label_alt_id 
_struct_conn.pdbx_ptnr2_PDB_ins_code 
_struct_conn.ptnr1_auth_asym_id 
_struct_conn.ptnr1_auth_comp_id 
_struct_conn.ptnr1_auth_seq_id 
_struct_conn.ptnr2_auth_asym_id 
_struct_conn.ptnr2_auth_comp_id 
_struct_conn.ptnr2_auth_seq_id 
_struct_conn.ptnr2_symmetry 
_struct_conn.pdbx_ptnr3_label_atom_id 
_struct_conn.pdbx_ptnr3_label_seq_id 
_struct_conn.pdbx_ptnr3_label_comp_id 
_struct_conn.pdbx_ptnr3_label_asym_id 
_struct_conn.pdbx_ptnr3_label_alt_id 
_struct_conn.pdbx_ptnr3_PDB_ins_code 
_struct_conn.details 
_struct_conn.pdbx_dist_value 
_struct_conn.pdbx_value_order 
_struct_conn.pdbx_role 
covale1  covale both ? A C   4  "O3'" ? ? ? 1_555 A A2M 5  P  ? ? A C   4  A A2M 5  1_555 ? ? ? ? ? ? ?                    1.603 ? 
? 
covale2  covale one  ? A A2M 5  "O3'" ? ? ? 1_555 A G   6  P  ? ? A A2M 5  A G   6  1_555 ? ? ? ? ? ? ?                    1.593 ? 
? 
covale3  covale both ? B G   12 "O3'" ? ? ? 1_555 B S9L 13 P  ? ? B G   13 B S9L 14 1_555 ? ? ? ? ? ? ?                    1.627 ? 
? 
covale4  covale both ? B S9L 13 "O3'" ? ? ? 1_555 B G   14 P  ? ? B S9L 14 B G   15 1_555 ? ? ? ? ? ? ?                    1.610 ? 
? 
metalc1  metalc ?    ? E MG  .  MG    ? ? ? 1_555 B G   20 N7 ? ? B MG  1  B G   21 1_555 ? ? ? ? ? ? ?                    2.405 ? 
? 
hydrog1  hydrog ?    ? A C   2  N3    ? ? ? 1_555 B G   12 N1 ? ? A C   2  B G   13 1_555 ? ? ? ? ? ? WATSON-CRICK         ?     ? 
? 
hydrog2  hydrog ?    ? A C   2  N4    ? ? ? 1_555 B G   12 O6 ? ? A C   2  B G   13 1_555 ? ? ? ? ? ? WATSON-CRICK         ?     ? 
? 
hydrog3  hydrog ?    ? A C   2  O2    ? ? ? 1_555 B G   12 N2 ? ? A C   2  B G   13 1_555 ? ? ? ? ? ? WATSON-CRICK         ?     ? 
? 
hydrog4  hydrog ?    ? A C   3  N3    ? ? ? 1_555 B G   11 N1 ? ? A C   3  B G   12 1_555 ? ? ? ? ? ? WATSON-CRICK         ?     ? 
? 
hydrog5  hydrog ?    ? A C   3  N4    ? ? ? 1_555 B G   11 O6 ? ? A C   3  B G   12 1_555 ? ? ? ? ? ? WATSON-CRICK         ?     ? 
? 
hydrog6  hydrog ?    ? A C   3  O2    ? ? ? 1_555 B G   11 N2 ? ? A C   3  B G   12 1_555 ? ? ? ? ? ? WATSON-CRICK         ?     ? 
? 
hydrog7  hydrog ?    ? A C   4  N3    ? ? ? 1_555 B G   10 N1 ? ? A C   4  B G   11 1_555 ? ? ? ? ? ? WATSON-CRICK         ?     ? 
? 
hydrog8  hydrog ?    ? A C   4  N4    ? ? ? 1_555 B G   10 O6 ? ? A C   4  B G   11 1_555 ? ? ? ? ? ? WATSON-CRICK         ?     ? 
? 
hydrog9  hydrog ?    ? A C   4  O2    ? ? ? 1_555 B G   10 N2 ? ? A C   4  B G   11 1_555 ? ? ? ? ? ? WATSON-CRICK         ?     ? 
? 
hydrog10 hydrog ?    ? A A2M 5  N3    ? ? ? 1_555 B A   8  N6 ? ? A A2M 5  B A   9  1_555 ? ? ? ? ? ? 'A2M-A MISPAIR'      ?     ? 
? 
hydrog11 hydrog ?    ? A A2M 5  N3    ? ? ? 1_555 B A   9  N6 ? ? A A2M 5  B A   10 1_555 ? ? ? ? ? ? 'A2M-A MISPAIR'      ?     ? 
? 
hydrog12 hydrog ?    ? A G   6  N1    ? ? ? 1_555 B C   24 N3 ? ? A G   6  B C   25 1_555 ? ? ? ? ? ? WATSON-CRICK         ?     ? 
? 
hydrog13 hydrog ?    ? A G   6  N2    ? ? ? 1_555 B C   24 O2 ? ? A G   6  B C   25 1_555 ? ? ? ? ? ? WATSON-CRICK         ?     ? 
? 
hydrog14 hydrog ?    ? A G   6  O6    ? ? ? 1_555 B C   24 N4 ? ? A G   6  B C   25 1_555 ? ? ? ? ? ? WATSON-CRICK         ?     ? 
? 
hydrog15 hydrog ?    ? A U   7  O4    ? ? ? 1_555 B G   7  N2 ? ? A U   7  B G   8  1_555 ? ? ? ? ? ? 'U-G MISPAIR'        ?     ? 
? 
hydrog16 hydrog ?    ? A C   8  N4    ? ? ? 1_555 B A   6  N1 ? ? A C   8  B A   7  1_555 ? ? ? ? ? ? 'C-A MISPAIR'        ?     ? 
? 
hydrog17 hydrog ?    ? A C   9  N3    ? ? ? 1_555 B G   5  N1 ? ? A C   9  B G   6  1_555 ? ? ? ? ? ? WATSON-CRICK         ?     ? 
? 
hydrog18 hydrog ?    ? A C   9  N4    ? ? ? 1_555 B G   5  O6 ? ? A C   9  B G   6  1_555 ? ? ? ? ? ? WATSON-CRICK         ?     ? 
? 
hydrog19 hydrog ?    ? A C   9  O2    ? ? ? 1_555 B G   5  N2 ? ? A C   9  B G   6  1_555 ? ? ? ? ? ? WATSON-CRICK         ?     ? 
? 
hydrog20 hydrog ?    ? A A   10 N1    ? ? ? 1_555 B U   4  N3 ? ? A A   10 B U   5  1_555 ? ? ? ? ? ? WATSON-CRICK         ?     ? 
? 
hydrog21 hydrog ?    ? A A   10 N6    ? ? ? 1_555 B U   4  O4 ? ? A A   10 B U   5  1_555 ? ? ? ? ? ? WATSON-CRICK         ?     ? 
? 
hydrog22 hydrog ?    ? A C   11 N3    ? ? ? 1_555 B G   3  N1 ? ? A C   11 B G   4  1_555 ? ? ? ? ? ? WATSON-CRICK         ?     ? 
? 
hydrog23 hydrog ?    ? A C   11 N4    ? ? ? 1_555 B G   3  O6 ? ? A C   11 B G   4  1_555 ? ? ? ? ? ? WATSON-CRICK         ?     ? 
? 
hydrog24 hydrog ?    ? A C   11 O2    ? ? ? 1_555 B G   3  N2 ? ? A C   11 B G   4  1_555 ? ? ? ? ? ? WATSON-CRICK         ?     ? 
? 
hydrog25 hydrog ?    ? A C   12 N3    ? ? ? 1_555 B G   2  N1 ? ? A C   12 B G   3  1_555 ? ? ? ? ? ? WATSON-CRICK         ?     ? 
? 
hydrog26 hydrog ?    ? A C   12 N4    ? ? ? 1_555 B G   2  O6 ? ? A C   12 B G   3  1_555 ? ? ? ? ? ? WATSON-CRICK         ?     ? 
? 
hydrog27 hydrog ?    ? A C   12 O2    ? ? ? 1_555 B G   2  N2 ? ? A C   12 B G   3  1_555 ? ? ? ? ? ? WATSON-CRICK         ?     ? 
? 
hydrog28 hydrog ?    ? A G   13 N1    ? ? ? 1_555 B C   1  N3 ? ? A G   13 B C   2  1_555 ? ? ? ? ? ? WATSON-CRICK         ?     ? 
? 
hydrog29 hydrog ?    ? A G   13 N2    ? ? ? 1_555 B C   1  O2 ? ? A G   13 B C   2  1_555 ? ? ? ? ? ? WATSON-CRICK         ?     ? 
? 
hydrog30 hydrog ?    ? A G   13 O6    ? ? ? 1_555 B C   1  N4 ? ? A G   13 B C   2  1_555 ? ? ? ? ? ? WATSON-CRICK         ?     ? 
? 
hydrog31 hydrog ?    ? B G   14 N1    ? ? ? 1_555 C C   19 N3 ? ? B G   15 C C   49 1_555 ? ? ? ? ? ? WATSON-CRICK         ?     ? 
? 
hydrog32 hydrog ?    ? B G   14 N2    ? ? ? 1_555 C C   19 O2 ? ? B G   15 C C   49 1_555 ? ? ? ? ? ? WATSON-CRICK         ?     ? 
? 
hydrog33 hydrog ?    ? B G   14 O6    ? ? ? 1_555 C C   19 N4 ? ? B G   15 C C   49 1_555 ? ? ? ? ? ? WATSON-CRICK         ?     ? 
? 
hydrog34 hydrog ?    ? B G   15 N1    ? ? ? 1_555 C C   18 N3 ? ? B G   16 C C   48 1_555 ? ? ? ? ? ? WATSON-CRICK         ?     ? 
? 
hydrog35 hydrog ?    ? B G   15 N2    ? ? ? 1_555 C C   18 O2 ? ? B G   16 C C   48 1_555 ? ? ? ? ? ? WATSON-CRICK         ?     ? 
? 
hydrog36 hydrog ?    ? B G   15 O6    ? ? ? 1_555 C C   18 N4 ? ? B G   16 C C   48 1_555 ? ? ? ? ? ? WATSON-CRICK         ?     ? 
? 
hydrog37 hydrog ?    ? B C   16 N3    ? ? ? 1_555 C G   17 N1 ? ? B C   17 C G   47 1_555 ? ? ? ? ? ? WATSON-CRICK         ?     ? 
? 
hydrog38 hydrog ?    ? B C   16 N4    ? ? ? 1_555 C G   17 O6 ? ? B C   17 C G   47 1_555 ? ? ? ? ? ? WATSON-CRICK         ?     ? 
? 
hydrog39 hydrog ?    ? B C   16 O2    ? ? ? 1_555 C G   17 N2 ? ? B C   17 C G   47 1_555 ? ? ? ? ? ? WATSON-CRICK         ?     ? 
? 
hydrog40 hydrog ?    ? B A   17 N1    ? ? ? 1_555 C U   16 N3 ? ? B A   18 C U   46 1_555 ? ? ? ? ? ? WATSON-CRICK         ?     ? 
? 
hydrog41 hydrog ?    ? B A   17 N6    ? ? ? 1_555 C U   16 O4 ? ? B A   18 C U   46 1_555 ? ? ? ? ? ? WATSON-CRICK         ?     ? 
? 
hydrog42 hydrog ?    ? B G   18 N1    ? ? ? 1_555 C C   15 N3 ? ? B G   19 C C   45 1_555 ? ? ? ? ? ? WATSON-CRICK         ?     ? 
? 
hydrog43 hydrog ?    ? B G   18 N2    ? ? ? 1_555 C C   15 O2 ? ? B G   19 C C   45 1_555 ? ? ? ? ? ? WATSON-CRICK         ?     ? 
? 
hydrog44 hydrog ?    ? B G   18 O6    ? ? ? 1_555 C C   15 N4 ? ? B G   19 C C   45 1_555 ? ? ? ? ? ? WATSON-CRICK         ?     ? 
? 
hydrog45 hydrog ?    ? B A   19 N1    ? ? ? 1_555 C C   14 N4 ? ? B A   20 C C   44 1_555 ? ? ? ? ? ? 'A-C MISPAIR'        ?     ? 
? 
hydrog46 hydrog ?    ? B G   20 N2    ? ? ? 1_555 C A   13 N7 ? ? B G   21 C A   43 1_555 ? ? ? ? ? ? TYPE_11_PAIR         ?     ? 
? 
hydrog47 hydrog ?    ? B G   20 N3    ? ? ? 1_555 C A   13 N6 ? ? B G   21 C A   43 1_555 ? ? ? ? ? ? TYPE_11_PAIR         ?     ? 
? 
hydrog48 hydrog ?    ? B A   21 N6    ? ? ? 1_555 C U   11 O2 ? ? B A   22 C U   41 1_555 ? ? ? ? ? ? 'REVERSED HOOGSTEEN' ?     ? 
? 
hydrog49 hydrog ?    ? B A   21 N7    ? ? ? 1_555 C U   11 N3 ? ? B A   22 C U   41 1_555 ? ? ? ? ? ? 'REVERSED HOOGSTEEN' ?     ? 
? 
hydrog50 hydrog ?    ? B A   22 N6    ? ? ? 1_555 C A   10 N1 ? ? B A   23 C A   40 1_555 ? ? ? ? ? ? TYPE_5_PAIR          ?     ? 
? 
hydrog51 hydrog ?    ? B A   22 N7    ? ? ? 1_555 C A   10 N6 ? ? B A   23 C A   40 1_555 ? ? ? ? ? ? TYPE_5_PAIR          ?     ? 
? 
hydrog52 hydrog ?    ? B A   23 N6    ? ? ? 1_555 C C   8  O2 ? ? B A   24 C C   38 1_555 ? ? ? ? ? ? 'A-C MISPAIR'        ?     ? 
? 
hydrog53 hydrog ?    ? B A   25 N1    ? ? ? 1_555 C G   6  N1 ? ? B A   26 C G   36 1_555 ? ? ? ? ? ? TYPE_8_PAIR          ?     ? 
? 
hydrog54 hydrog ?    ? B A   25 N6    ? ? ? 1_555 C G   6  O6 ? ? B A   26 C G   36 1_555 ? ? ? ? ? ? TYPE_8_PAIR          ?     ? 
? 
hydrog55 hydrog ?    ? B C   26 N3    ? ? ? 1_555 C G   5  N1 ? ? B C   27 C G   35 1_555 ? ? ? ? ? ? WATSON-CRICK         ?     ? 
? 
hydrog56 hydrog ?    ? B C   26 N4    ? ? ? 1_555 C G   5  O6 ? ? B C   27 C G   35 1_555 ? ? ? ? ? ? WATSON-CRICK         ?     ? 
? 
hydrog57 hydrog ?    ? B C   26 O2    ? ? ? 1_555 C G   5  N2 ? ? B C   27 C G   35 1_555 ? ? ? ? ? ? WATSON-CRICK         ?     ? 
? 
hydrog58 hydrog ?    ? B A   27 N1    ? ? ? 1_555 C U   4  N3 ? ? B A   28 C U   34 1_555 ? ? ? ? ? ? WATSON-CRICK         ?     ? 
? 
hydrog59 hydrog ?    ? B A   27 N6    ? ? ? 1_555 C U   4  O4 ? ? B A   28 C U   34 1_555 ? ? ? ? ? ? WATSON-CRICK         ?     ? 
? 
hydrog60 hydrog ?    ? B C   28 N3    ? ? ? 1_555 C G   3  N1 ? ? B C   29 C G   33 1_555 ? ? ? ? ? ? WATSON-CRICK         ?     ? 
? 
hydrog61 hydrog ?    ? B C   28 N4    ? ? ? 1_555 C G   3  O6 ? ? B C   29 C G   33 1_555 ? ? ? ? ? ? WATSON-CRICK         ?     ? 
? 
hydrog62 hydrog ?    ? B C   28 O2    ? ? ? 1_555 C G   3  N2 ? ? B C   29 C G   33 1_555 ? ? ? ? ? ? WATSON-CRICK         ?     ? 
? 
hydrog63 hydrog ?    ? B G   29 N1    ? ? ? 1_555 C C   2  N3 ? ? B G   30 C C   32 1_555 ? ? ? ? ? ? WATSON-CRICK         ?     ? 
? 
hydrog64 hydrog ?    ? B G   29 N2    ? ? ? 1_555 C C   2  O2 ? ? B G   30 C C   32 1_555 ? ? ? ? ? ? WATSON-CRICK         ?     ? 
? 
hydrog65 hydrog ?    ? B G   29 O6    ? ? ? 1_555 C C   2  N4 ? ? B G   30 C C   32 1_555 ? ? ? ? ? ? WATSON-CRICK         ?     ? 
? 
hydrog66 hydrog ?    ? B A   30 N1    ? ? ? 1_555 C U   1  N3 ? ? B A   31 C U   31 1_555 ? ? ? ? ? ? WATSON-CRICK         ?     ? 
? 
hydrog67 hydrog ?    ? B A   30 N6    ? ? ? 1_555 C U   1  O4 ? ? B A   31 C U   31 1_555 ? ? ? ? ? ? WATSON-CRICK         ?     ? 
? 
# 
loop_
_struct_conn_type.id 
_struct_conn_type.criteria 
_struct_conn_type.reference 
covale ? ? 
metalc ? ? 
hydrog ? ? 
# 
_struct_site.id                   AC2 
_struct_site.pdbx_evidence_code   Software 
_struct_site.pdbx_auth_asym_id    A 
_struct_site.pdbx_auth_comp_id    SO4 
_struct_site.pdbx_auth_seq_id     14 
_struct_site.pdbx_auth_ins_code   ? 
_struct_site.pdbx_num_residues    1 
_struct_site.details              'BINDING SITE FOR RESIDUE SO4 A 14' 
# 
_struct_site_gen.id                   1 
_struct_site_gen.site_id              AC2 
_struct_site_gen.pdbx_num_res         1 
_struct_site_gen.label_comp_id        HOH 
_struct_site_gen.label_asym_id        F 
_struct_site_gen.label_seq_id         . 
_struct_site_gen.pdbx_auth_ins_code   ? 
_struct_site_gen.auth_comp_id         HOH 
_struct_site_gen.auth_asym_id         A 
_struct_site_gen.auth_seq_id          18 
_struct_site_gen.label_atom_id        . 
_struct_site_gen.label_alt_id         ? 
_struct_site_gen.symmetry             1_555 
_struct_site_gen.details              ? 
# 
_atom_sites.entry_id                    3CR1 
_atom_sites.fract_transf_matrix[1][1]   0.00679977 
_atom_sites.fract_transf_matrix[1][2]   0.00568660 
_atom_sites.fract_transf_matrix[1][3]   0.00857242 
_atom_sites.fract_transf_matrix[2][1]   0.01208902 
_atom_sites.fract_transf_matrix[2][2]   0.00163156 
_atom_sites.fract_transf_matrix[2][3]   -0.00180202 
_atom_sites.fract_transf_matrix[3][1]   -0.00137729 
_atom_sites.fract_transf_matrix[3][2]   0.00658618 
_atom_sites.fract_transf_matrix[3][3]   -0.00327652 
_atom_sites.fract_transf_vector[1]      0.435285 
_atom_sites.fract_transf_vector[2]      0.212019 
_atom_sites.fract_transf_vector[3]      0.382264 
# 
loop_
_atom_type.symbol 
C  
MG 
N  
O  
P  
S  
# 
loop_
_atom_site.group_PDB 
_atom_site.id 
_atom_site.type_symbol 
_atom_site.label_atom_id 
_atom_site.label_alt_id 
_atom_site.label_comp_id 
_atom_site.label_asym_id 
_atom_site.label_entity_id 
_atom_site.label_seq_id 
_atom_site.pdbx_PDB_ins_code 
_atom_site.Cartn_x 
_atom_site.Cartn_y 
_atom_site.Cartn_z 
_atom_site.occupancy 
_atom_site.B_iso_or_equiv 
_atom_site.pdbx_formal_charge 
_atom_site.auth_seq_id 
_atom_site.auth_comp_id 
_atom_site.auth_asym_id 
_atom_site.auth_atom_id 
_atom_site.pdbx_PDB_model_num 
ATOM   1    O  "O5'" A U   A 1 1  ? 12.896  14.240  1.622   0.50 57.34  ? 1  U   A "O5'" 1 
ATOM   2    O  "O5'" B U   A 1 1  ? 11.550  15.334  1.116   0.50 75.83  ? 1  U   A "O5'" 1 
ATOM   3    C  "C5'" A U   A 1 1  ? 13.008  15.460  0.886   0.50 62.27  ? 1  U   A "C5'" 1 
ATOM   4    C  "C5'" B U   A 1 1  ? 12.572  16.225  0.657   0.50 76.43  ? 1  U   A "C5'" 1 
ATOM   5    C  "C4'" A U   A 1 1  ? 13.658  15.253  -0.458  0.50 65.36  ? 1  U   A "C4'" 1 
ATOM   6    C  "C4'" B U   A 1 1  ? 13.434  15.511  -0.344  0.50 77.15  ? 1  U   A "C4'" 1 
ATOM   7    O  "O4'" A U   A 1 1  ? 14.972  14.652  -0.280  0.50 69.17  ? 1  U   A "O4'" 1 
ATOM   8    O  "O4'" B U   A 1 1  ? 14.537  14.864  0.338   0.50 80.31  ? 1  U   A "O4'" 1 
ATOM   9    C  "C3'" A U   A 1 1  ? 12.934  14.335  -1.426  0.50 66.68  ? 1  U   A "C3'" 1 
ATOM   10   C  "C3'" B U   A 1 1  ? 12.729  14.371  -1.052  0.50 76.95  ? 1  U   A "C3'" 1 
ATOM   11   O  "O3'" A U   A 1 1  ? 11.885  14.985  -2.099  0.50 70.40  ? 1  U   A "O3'" 1 
ATOM   12   O  "O3'" B U   A 1 1  ? 11.898  14.866  -2.102  0.50 75.56  ? 1  U   A "O3'" 1 
ATOM   13   C  "C2'" A U   A 1 1  ? 14.038  13.912  -2.378  0.50 66.50  ? 1  U   A "C2'" 1 
ATOM   14   C  "C2'" B U   A 1 1  ? 13.904  13.503  -1.501  0.50 78.70  ? 1  U   A "C2'" 1 
ATOM   15   O  "O2'" A U   A 1 1  ? 14.399  14.882  -3.339  0.50 61.79  ? 1  U   A "O2'" 1 
ATOM   16   O  "O2'" B U   A 1 1  ? 14.619  13.946  -2.641  0.50 78.26  ? 1  U   A "O2'" 1 
ATOM   17   C  "C1'" A U   A 1 1  ? 15.257  13.882  -1.455  0.50 62.69  ? 1  U   A "C1'" 1 
ATOM   18   C  "C1'" B U   A 1 1  ? 14.822  13.620  -0.290  0.50 78.25  ? 1  U   A "C1'" 1 
ATOM   19   N  N1    A U   A 1 1  ? 15.389  12.482  -1.043  0.50 59.15  ? 1  U   A N1    1 
ATOM   20   N  N1    B U   A 1 1  ? 14.485  12.592  0.674   0.50 75.39  ? 1  U   A N1    1 
ATOM   21   C  C2    A U   A 1 1  ? 15.962  11.622  -1.953  0.50 58.64  ? 1  U   A C2    1 
ATOM   22   C  C2    B U   A 1 1  ? 14.795  11.293  0.384   0.50 75.15  ? 1  U   A C2    1 
ATOM   23   O  O2    A U   A 1 1  ? 16.419  11.964  -3.019  0.50 58.91  ? 1  U   A O2    1 
ATOM   24   O  O2    B U   A 1 1  ? 15.391  10.919  -0.624  0.50 75.31  ? 1  U   A O2    1 
ATOM   25   N  N3    A U   A 1 1  ? 15.967  10.306  -1.582  0.50 57.27  ? 1  U   A N3    1 
ATOM   26   N  N3    B U   A 1 1  ? 14.389  10.403  1.351   0.50 73.81  ? 1  U   A N3    1 
ATOM   27   C  C4    A U   A 1 1  ? 15.479  9.798   -0.379  0.50 59.44  ? 1  U   A C4    1 
ATOM   28   C  C4    B U   A 1 1  ? 13.738  10.734  2.515   0.50 72.68  ? 1  U   A C4    1 
ATOM   29   O  O4    A U   A 1 1  ? 15.497  8.617   -0.075  0.50 63.06  ? 1  U   A O4    1 
ATOM   30   O  O4    B U   A 1 1  ? 13.412  9.817   3.276   0.50 71.88  ? 1  U   A O4    1 
ATOM   31   C  C5    A U   A 1 1  ? 14.941  10.756  0.523   0.50 60.29  ? 1  U   A C5    1 
ATOM   32   C  C5    B U   A 1 1  ? 13.470  12.134  2.740   0.50 73.12  ? 1  U   A C5    1 
ATOM   33   C  C6    A U   A 1 1  ? 14.925  12.034  0.174   0.50 58.51  ? 1  U   A C6    1 
ATOM   34   C  C6    B U   A 1 1  ? 13.855  12.989  1.811   0.50 74.24  ? 1  U   A C6    1 
ATOM   35   P  P     . C   A 1 2  ? 10.366  14.345  -2.234  1.00 77.36  ? 2  C   A P     1 
ATOM   36   O  OP1   . C   A 1 2  ? 9.673   15.197  -3.237  1.00 70.22  ? 2  C   A OP1   1 
ATOM   37   O  OP2   . C   A 1 2  ? 9.707   14.133  -0.901  1.00 71.24  ? 2  C   A OP2   1 
ATOM   38   O  "O5'" . C   A 1 2  ? 10.546  12.924  -2.918  1.00 65.49  ? 2  C   A "O5'" 1 
ATOM   39   C  "C5'" . C   A 1 2  ? 11.265  12.825  -4.127  1.00 55.96  ? 2  C   A "C5'" 1 
ATOM   40   C  "C4'" . C   A 1 2  ? 11.720  11.402  -4.342  1.00 57.92  ? 2  C   A "C4'" 1 
ATOM   41   O  "O4'" . C   A 1 2  ? 12.610  11.029  -3.251  1.00 61.75  ? 2  C   A "O4'" 1 
ATOM   42   C  "C3'" . C   A 1 2  ? 10.628  10.342  -4.273  1.00 52.12  ? 2  C   A "C3'" 1 
ATOM   43   O  "O3'" . C   A 1 2  ? 9.900   10.247  -5.498  1.00 50.45  ? 2  C   A "O3'" 1 
ATOM   44   C  "C2'" . C   A 1 2  ? 11.436  9.097   -3.939  1.00 49.62  ? 2  C   A "C2'" 1 
ATOM   45   O  "O2'" . C   A 1 2  ? 12.149  8.561   -5.025  1.00 51.41  ? 2  C   A "O2'" 1 
ATOM   46   C  "C1'" . C   A 1 2  ? 12.471  9.652   -2.970  1.00 50.27  ? 2  C   A "C1'" 1 
ATOM   47   N  N1    . C   A 1 2  ? 12.055  9.474   -1.579  1.00 48.99  ? 2  C   A N1    1 
ATOM   48   C  C2    . C   A 1 2  ? 12.202  8.206   -1.024  1.00 46.31  ? 2  C   A C2    1 
ATOM   49   O  O2    . C   A 1 2  ? 12.640  7.301   -1.742  1.00 47.24  ? 2  C   A O2    1 
ATOM   50   N  N3    . C   A 1 2  ? 11.843  7.989   0.243   1.00 42.87  ? 2  C   A N3    1 
ATOM   51   C  C4    . C   A 1 2  ? 11.315  8.983   0.958   1.00 48.42  ? 2  C   A C4    1 
ATOM   52   N  N4    . C   A 1 2  ? 10.961  8.722   2.227   1.00 45.93  ? 2  C   A N4    1 
ATOM   53   C  C5    . C   A 1 2  ? 11.124  10.291  0.409   1.00 45.21  ? 2  C   A C5    1 
ATOM   54   C  C6    . C   A 1 2  ? 11.519  10.492  -0.851  1.00 45.89  ? 2  C   A C6    1 
ATOM   55   P  P     . C   A 1 3  ? 8.346   9.845   -5.476  1.00 52.21  ? 3  C   A P     1 
ATOM   56   O  OP1   . C   A 1 3  ? 7.771   10.045  -6.817  1.00 56.93  ? 3  C   A OP1   1 
ATOM   57   O  OP2   . C   A 1 3  ? 7.729   10.501  -4.321  1.00 53.24  ? 3  C   A OP2   1 
ATOM   58   O  "O5'" . C   A 1 3  ? 8.399   8.273   -5.203  1.00 52.77  ? 3  C   A "O5'" 1 
ATOM   59   C  "C5'" . C   A 1 3  ? 8.997   7.415   -6.155  1.00 47.20  ? 3  C   A "C5'" 1 
ATOM   60   C  "C4'" . C   A 1 3  ? 8.817   5.979   -5.755  1.00 48.57  ? 3  C   A "C4'" 1 
ATOM   61   O  "O4'" . C   A 1 3  ? 9.699   5.682   -4.651  1.00 49.74  ? 3  C   A "O4'" 1 
ATOM   62   C  "C3'" . C   A 1 3  ? 7.431   5.604   -5.262  1.00 48.08  ? 3  C   A "C3'" 1 
ATOM   63   O  "O3'" . C   A 1 3  ? 6.615   5.185   -6.330  1.00 49.09  ? 3  C   A "O3'" 1 
ATOM   64   C  "C2'" . C   A 1 3  ? 7.732   4.392   -4.409  1.00 51.10  ? 3  C   A "C2'" 1 
ATOM   65   O  "O2'" . C   A 1 3  ? 8.011   3.291   -5.207  1.00 47.92  ? 3  C   A "O2'" 1 
ATOM   66   C  "C1'" . C   A 1 3  ? 9.047   4.795   -3.763  1.00 52.80  ? 3  C   A "C1'" 1 
ATOM   67   N  N1    . C   A 1 3  ? 8.811   5.461   -2.472  1.00 52.62  ? 3  C   A N1    1 
ATOM   68   C  C2    . C   A 1 3  ? 8.612   4.652   -1.370  1.00 50.95  ? 3  C   A C2    1 
ATOM   69   O  O2    . C   A 1 3  ? 8.623   3.442   -1.540  1.00 51.27  ? 3  C   A O2    1 
ATOM   70   N  N3    . C   A 1 3  ? 8.427   5.198   -0.154  1.00 50.11  ? 3  C   A N3    1 
ATOM   71   C  C4    . C   A 1 3  ? 8.461   6.521   -0.014  1.00 51.64  ? 3  C   A C4    1 
ATOM   72   N  N4    . C   A 1 3  ? 8.333   7.024   1.230   1.00 51.99  ? 3  C   A N4    1 
ATOM   73   C  C5    . C   A 1 3  ? 8.640   7.390   -1.132  1.00 47.65  ? 3  C   A C5    1 
ATOM   74   C  C6    . C   A 1 3  ? 8.801   6.820   -2.338  1.00 51.34  ? 3  C   A C6    1 
ATOM   75   P  P     . C   A 1 4  ? 5.060   5.553   -6.326  1.00 52.02  ? 4  C   A P     1 
ATOM   76   O  OP1   . C   A 1 4  ? 4.532   5.245   -7.661  1.00 57.69  ? 4  C   A OP1   1 
ATOM   77   O  OP2   . C   A 1 4  ? 4.902   6.902   -5.767  1.00 47.01  ? 4  C   A OP2   1 
ATOM   78   O  "O5'" . C   A 1 4  ? 4.430   4.503   -5.313  1.00 52.56  ? 4  C   A "O5'" 1 
ATOM   79   C  "C5'" . C   A 1 4  ? 4.557   3.118   -5.560  1.00 51.03  ? 4  C   A "C5'" 1 
ATOM   80   C  "C4'" . C   A 1 4  ? 4.124   2.316   -4.347  1.00 53.37  ? 4  C   A "C4'" 1 
ATOM   81   O  "O4'" . C   A 1 4  ? 5.017   2.593   -3.230  1.00 52.42  ? 4  C   A "O4'" 1 
ATOM   82   C  "C3'" . C   A 1 4  ? 2.750   2.690   -3.805  1.00 51.19  ? 4  C   A "C3'" 1 
ATOM   83   O  "O3'" . C   A 1 4  ? 1.767   1.975   -4.545  1.00 49.80  ? 4  C   A "O3'" 1 
ATOM   84   C  "C2'" . C   A 1 4  ? 2.834   2.217   -2.355  1.00 50.24  ? 4  C   A "C2'" 1 
ATOM   85   O  "O2'" . C   A 1 4  ? 2.639   0.827   -2.177  1.00 48.16  ? 4  C   A "O2'" 1 
ATOM   86   C  "C1'" . C   A 1 4  ? 4.294   2.500   -2.027  1.00 50.87  ? 4  C   A "C1'" 1 
ATOM   87   N  N1    . C   A 1 4  ? 4.520   3.682   -1.202  1.00 51.20  ? 4  C   A N1    1 
ATOM   88   C  C2    . C   A 1 4  ? 4.462   3.503   0.162   1.00 49.00  ? 4  C   A C2    1 
ATOM   89   O  O2    . C   A 1 4  ? 4.163   2.398   0.584   1.00 54.89  ? 4  C   A O2    1 
ATOM   90   N  N3    . C   A 1 4  ? 4.710   4.525   0.985   1.00 48.65  ? 4  C   A N3    1 
ATOM   91   C  C4    . C   A 1 4  ? 4.974   5.737   0.479   1.00 51.02  ? 4  C   A C4    1 
ATOM   92   N  N4    . C   A 1 4  ? 5.224   6.741   1.355   1.00 49.02  ? 4  C   A N4    1 
ATOM   93   C  C5    . C   A 1 4  ? 4.996   5.973   -0.934  1.00 44.38  ? 4  C   A C5    1 
ATOM   94   C  C6    . C   A 1 4  ? 4.779   4.917   -1.732  1.00 48.81  ? 4  C   A C6    1 
HETATM 95   P  P     . A2M A 1 5  ? 0.405   2.698   -4.982  1.00 56.44  ? 5  A2M A P     1 
HETATM 96   O  OP1   . A2M A 1 5  ? -0.205  1.791   -5.990  1.00 57.09  ? 5  A2M A OP1   1 
HETATM 97   O  "O5'" . A2M A 1 5  ? -0.491  2.739   -3.660  1.00 55.24  ? 5  A2M A "O5'" 1 
HETATM 98   C  "C5'" . A2M A 1 5  ? -0.745  1.568   -2.865  1.00 56.20  ? 5  A2M A "C5'" 1 
HETATM 99   C  "C4'" . A2M A 1 5  ? -1.311  2.010   -1.549  1.00 59.80  ? 5  A2M A "C4'" 1 
HETATM 100  O  "O4'" . A2M A 1 5  ? -0.280  2.644   -0.770  1.00 57.27  ? 5  A2M A "O4'" 1 
HETATM 101  C  "C3'" . A2M A 1 5  ? -2.428  3.035   -1.668  1.00 60.05  ? 5  A2M A "C3'" 1 
HETATM 102  O  "O3'" . A2M A 1 5  ? -3.615  2.262   -1.623  1.00 68.10  ? 5  A2M A "O3'" 1 
HETATM 103  C  "C2'" . A2M A 1 5  ? -2.327  3.777   -0.351  1.00 59.91  ? 5  A2M A "C2'" 1 
HETATM 104  O  "O2'" . A2M A 1 5  ? -3.015  3.045   0.653   1.00 60.71  ? 5  A2M A "O2'" 1 
HETATM 105  C  "C1'" . A2M A 1 5  ? -0.807  3.773   -0.114  1.00 56.56  ? 5  A2M A "C1'" 1 
HETATM 106  C  "CM'" . A2M A 1 5  ? -2.799  3.561   2.020   1.00 58.96  ? 5  A2M A "CM'" 1 
HETATM 107  N  N9    . A2M A 1 5  ? -0.060  4.917   -0.629  1.00 53.29  ? 5  A2M A N9    1 
HETATM 108  C  C8    . A2M A 1 5  ? 0.377   5.097   -1.915  1.00 51.25  ? 5  A2M A C8    1 
HETATM 109  N  N7    . A2M A 1 5  ? 1.129   6.161   -2.070  1.00 51.29  ? 5  A2M A N7    1 
HETATM 110  C  C5    . A2M A 1 5  ? 1.161   6.731   -0.810  1.00 53.45  ? 5  A2M A C5    1 
HETATM 111  C  C6    . A2M A 1 5  ? 1.808   7.859   -0.313  1.00 58.30  ? 5  A2M A C6    1 
HETATM 112  N  N6    . A2M A 1 5  ? 2.588   8.644   -1.053  1.00 60.72  ? 5  A2M A N6    1 
HETATM 113  N  N1    . A2M A 1 5  ? 1.642   8.160   0.995   1.00 61.49  ? 5  A2M A N1    1 
HETATM 114  C  C2    . A2M A 1 5  ? 0.882   7.351   1.739   1.00 58.84  ? 5  A2M A C2    1 
HETATM 115  N  N3    . A2M A 1 5  ? 0.234   6.248   1.382   1.00 57.90  ? 5  A2M A N3    1 
HETATM 116  C  C4    . A2M A 1 5  ? 0.415   5.992   0.081   1.00 53.58  ? 5  A2M A C4    1 
HETATM 117  O  OP2   . A2M A 1 5  ? 0.610   4.130   -5.312  1.00 52.40  ? 5  A2M A OP2   1 
ATOM   118  P  P     . G   A 1 6  ? -4.991  2.864   -2.153  1.00 69.35  ? 6  G   A P     1 
ATOM   119  O  OP1   . G   A 1 6  ? -5.177  2.322   -3.521  1.00 68.98  ? 6  G   A OP1   1 
ATOM   120  O  OP2   . G   A 1 6  ? -5.012  4.335   -1.902  1.00 70.91  ? 6  G   A OP2   1 
ATOM   121  O  "O5'" . G   A 1 6  ? -6.069  2.190   -1.211  1.00 67.04  ? 6  G   A "O5'" 1 
ATOM   122  C  "C5'" . G   A 1 6  ? -6.210  2.574   0.150   1.00 60.28  ? 6  G   A "C5'" 1 
ATOM   123  C  "C4'" . G   A 1 6  ? -7.432  1.904   0.700   1.00 61.96  ? 6  G   A "C4'" 1 
ATOM   124  O  "O4'" . G   A 1 6  ? -7.148  0.488   0.947   1.00 59.59  ? 6  G   A "O4'" 1 
ATOM   125  C  "C3'" . G   A 1 6  ? -7.817  2.503   2.044   1.00 59.47  ? 6  G   A "C3'" 1 
ATOM   126  O  "O3'" . G   A 1 6  ? -9.222  2.771   2.083   1.00 58.45  ? 6  G   A "O3'" 1 
ATOM   127  C  "C2'" . G   A 1 6  ? -7.268  1.539   3.098   1.00 55.60  ? 6  G   A "C2'" 1 
ATOM   128  O  "O2'" . G   A 1 6  ? -8.197  1.342   4.123   1.00 63.22  ? 6  G   A "O2'" 1 
ATOM   129  C  "C1'" . G   A 1 6  ? -7.255  0.234   2.317   1.00 53.09  ? 6  G   A "C1'" 1 
ATOM   130  N  N9    . G   A 1 6  ? -6.497  -0.945  2.699   1.00 51.95  ? 6  G   A N9    1 
ATOM   131  C  C8    . G   A 1 6  ? -6.795  -2.243  2.342   1.00 50.88  ? 6  G   A C8    1 
ATOM   132  N  N7    . G   A 1 6  ? -6.011  -3.123  2.901   1.00 50.13  ? 6  G   A N7    1 
ATOM   133  C  C5    . G   A 1 6  ? -5.139  -2.362  3.668   1.00 49.79  ? 6  G   A C5    1 
ATOM   134  C  C6    . G   A 1 6  ? -4.086  -2.760  4.513   1.00 49.53  ? 6  G   A C6    1 
ATOM   135  O  O6    . G   A 1 6  ? -3.728  -3.917  4.809   1.00 53.13  ? 6  G   A O6    1 
ATOM   136  N  N1    . G   A 1 6  ? -3.422  -1.660  5.051   1.00 47.62  ? 6  G   A N1    1 
ATOM   137  C  C2    . G   A 1 6  ? -3.755  -0.340  4.814   1.00 46.10  ? 6  G   A C2    1 
ATOM   138  N  N2    . G   A 1 6  ? -2.999  0.596   5.407   1.00 46.33  ? 6  G   A N2    1 
ATOM   139  N  N3    . G   A 1 6  ? -4.753  0.039   4.054   1.00 47.18  ? 6  G   A N3    1 
ATOM   140  C  C4    . G   A 1 6  ? -5.401  -1.012  3.516   1.00 50.29  ? 6  G   A C4    1 
ATOM   141  P  P     . U   A 1 7  ? -9.784  4.274   1.923   1.00 64.08  ? 7  U   A P     1 
ATOM   142  O  OP1   . U   A 1 7  ? -11.237 4.124   1.615   1.00 66.76  ? 7  U   A OP1   1 
ATOM   143  O  OP2   . U   A 1 7  ? -8.918  5.019   0.999   1.00 64.46  ? 7  U   A OP2   1 
ATOM   144  O  "O5'" . U   A 1 7  ? -9.671  4.894   3.376   1.00 59.16  ? 7  U   A "O5'" 1 
ATOM   145  C  "C5'" . U   A 1 7  ? -10.311 4.244   4.457   1.00 58.37  ? 7  U   A "C5'" 1 
ATOM   146  C  "C4'" . U   A 1 7  ? -9.990  4.929   5.752   1.00 62.94  ? 7  U   A "C4'" 1 
ATOM   147  O  "O4'" . U   A 1 7  ? -8.573  4.773   6.034   1.00 66.62  ? 7  U   A "O4'" 1 
ATOM   148  C  "C3'" . U   A 1 7  ? -10.185 6.433   5.756   1.00 64.49  ? 7  U   A "C3'" 1 
ATOM   149  O  "O3'" . U   A 1 7  ? -11.517 6.790   6.038   1.00 67.36  ? 7  U   A "O3'" 1 
ATOM   150  C  "C2'" . U   A 1 7  ? -9.280  6.862   6.892   1.00 66.14  ? 7  U   A "C2'" 1 
ATOM   151  O  "O2'" . U   A 1 7  ? -9.882  6.612   8.135   1.00 72.89  ? 7  U   A "O2'" 1 
ATOM   152  C  "C1'" . U   A 1 7  ? -8.099  5.912   6.718   1.00 64.87  ? 7  U   A "C1'" 1 
ATOM   153  N  N1    . U   A 1 7  ? -7.028  6.530   5.936   1.00 66.25  ? 7  U   A N1    1 
ATOM   154  C  C2    . U   A 1 7  ? -6.313  7.511   6.562   1.00 66.82  ? 7  U   A C2    1 
ATOM   155  O  O2    . U   A 1 7  ? -6.541  7.841   7.709   1.00 66.77  ? 7  U   A O2    1 
ATOM   156  N  N3    . U   A 1 7  ? -5.327  8.086   5.807   1.00 67.90  ? 7  U   A N3    1 
ATOM   157  C  C4    . U   A 1 7  ? -4.996  7.770   4.515   1.00 67.50  ? 7  U   A C4    1 
ATOM   158  O  O4    . U   A 1 7  ? -4.024  8.305   3.997   1.00 71.39  ? 7  U   A O4    1 
ATOM   159  C  C5    . U   A 1 7  ? -5.788  6.738   3.934   1.00 67.65  ? 7  U   A C5    1 
ATOM   160  C  C6    . U   A 1 7  ? -6.755  6.166   4.650   1.00 65.81  ? 7  U   A C6    1 
ATOM   161  P  P     . C   A 1 8  ? -12.204 7.991   5.228   1.00 72.60  ? 8  C   A P     1 
ATOM   162  O  OP1   . C   A 1 8  ? -13.570 8.114   5.775   1.00 73.55  ? 8  C   A OP1   1 
ATOM   163  O  OP2   . C   A 1 8  ? -12.010 7.718   3.780   1.00 66.70  ? 8  C   A OP2   1 
ATOM   164  O  "O5'" . C   A 1 8  ? -11.396 9.282   5.674   1.00 69.11  ? 8  C   A "O5'" 1 
ATOM   165  C  "C5'" . C   A 1 8  ? -11.357 9.640   7.045   1.00 73.33  ? 8  C   A "C5'" 1 
ATOM   166  C  "C4'" . C   A 1 8  ? -10.380 10.766  7.269   1.00 73.96  ? 8  C   A "C4'" 1 
ATOM   167  O  "O4'" . C   A 1 8  ? -9.026  10.278  7.101   1.00 74.82  ? 8  C   A "O4'" 1 
ATOM   168  C  "C3'" . C   A 1 8  ? -10.482 11.908  6.275   1.00 76.76  ? 8  C   A "C3'" 1 
ATOM   169  O  "O3'" . C   A 1 8  ? -11.466 12.838  6.660   1.00 80.65  ? 8  C   A "O3'" 1 
ATOM   170  C  "C2'" . C   A 1 8  ? -9.105  12.534  6.360   1.00 76.18  ? 8  C   A "C2'" 1 
ATOM   171  O  "O2'" . C   A 1 8  ? -8.987  13.352  7.499   1.00 75.82  ? 8  C   A "O2'" 1 
ATOM   172  C  "C1'" . C   A 1 8  ? -8.225  11.295  6.513   1.00 76.03  ? 8  C   A "C1'" 1 
ATOM   173  N  N1    . C   A 1 8  ? -7.773  10.820  5.200   1.00 74.37  ? 8  C   A N1    1 
ATOM   174  C  C2    . C   A 1 8  ? -6.580  11.334  4.667   1.00 74.82  ? 8  C   A C2    1 
ATOM   175  O  O2    . C   A 1 8  ? -5.966  12.210  5.289   1.00 75.85  ? 8  C   A O2    1 
ATOM   176  N  N3    . C   A 1 8  ? -6.133  10.874  3.488   1.00 74.24  ? 8  C   A N3    1 
ATOM   177  C  C4    . C   A 1 8  ? -6.836  9.958   2.826   1.00 74.34  ? 8  C   A C4    1 
ATOM   178  N  N4    . C   A 1 8  ? -6.342  9.525   1.670   1.00 72.43  ? 8  C   A N4    1 
ATOM   179  C  C5    . C   A 1 8  ? -8.077  9.442   3.326   1.00 72.75  ? 8  C   A C5    1 
ATOM   180  C  C6    . C   A 1 8  ? -8.498  9.892   4.509   1.00 71.45  ? 8  C   A C6    1 
ATOM   181  P  P     . C   A 1 9  ? -12.368 13.536  5.538   1.00 84.79  ? 9  C   A P     1 
ATOM   182  O  OP1   . C   A 1 9  ? -13.424 14.237  6.300   1.00 88.03  ? 9  C   A OP1   1 
ATOM   183  O  OP2   . C   A 1 9  ? -12.758 12.551  4.486   1.00 80.94  ? 9  C   A OP2   1 
ATOM   184  O  "O5'" . C   A 1 9  ? -11.374 14.599  4.891   1.00 84.01  ? 9  C   A "O5'" 1 
ATOM   185  C  "C5'" . C   A 1 9  ? -10.762 15.602  5.690   1.00 84.57  ? 9  C   A "C5'" 1 
ATOM   186  C  "C4'" . C   A 1 9  ? -9.804  16.436  4.861   1.00 89.03  ? 9  C   A "C4'" 1 
ATOM   187  O  "O4'" . C   A 1 9  ? -8.659  15.621  4.468   1.00 87.03  ? 9  C   A "O4'" 1 
ATOM   188  C  "C3'" . C   A 1 9  ? -10.341 16.952  3.531   1.00 91.40  ? 9  C   A "C3'" 1 
ATOM   189  O  "O3'" . C   A 1 9  ? -11.155 18.120  3.653   1.00 93.63  ? 9  C   A "O3'" 1 
ATOM   190  C  "C2'" . C   A 1 9  ? -9.060  17.198  2.737   1.00 90.47  ? 9  C   A "C2'" 1 
ATOM   191  O  "O2'" . C   A 1 9  ? -8.397  18.398  3.088   1.00 95.08  ? 9  C   A "O2'" 1 
ATOM   192  C  "C1'" . C   A 1 9  ? -8.199  16.018  3.183   1.00 86.03  ? 9  C   A "C1'" 1 
ATOM   193  N  N1    . C   A 1 9  ? -8.292  14.879  2.253   1.00 82.38  ? 9  C   A N1    1 
ATOM   194  C  C2    . C   A 1 9  ? -7.462  14.865  1.130   1.00 79.65  ? 9  C   A C2    1 
ATOM   195  O  O2    . C   A 1 9  ? -6.675  15.797  0.966   1.00 82.76  ? 9  C   A O2    1 
ATOM   196  N  N3    . C   A 1 9  ? -7.541  13.843  0.258   1.00 76.16  ? 9  C   A N3    1 
ATOM   197  C  C4    . C   A 1 9  ? -8.405  12.853  0.475   1.00 76.23  ? 9  C   A C4    1 
ATOM   198  N  N4    . C   A 1 9  ? -8.450  11.856  -0.405  1.00 75.12  ? 9  C   A N4    1 
ATOM   199  C  C5    . C   A 1 9  ? -9.263  12.836  1.610   1.00 77.16  ? 9  C   A C5    1 
ATOM   200  C  C6    . C   A 1 9  ? -9.174  13.858  2.467   1.00 80.49  ? 9  C   A C6    1 
ATOM   201  P  P     . A   A 1 10 ? -12.253 18.450  2.513   1.00 98.76  ? 10 A   A P     1 
ATOM   202  O  OP1   . A   A 1 10 ? -12.970 19.662  2.972   1.00 97.65  ? 10 A   A OP1   1 
ATOM   203  O  OP2   . A   A 1 10 ? -13.032 17.224  2.161   1.00 92.07  ? 10 A   A OP2   1 
ATOM   204  O  "O5'" . A   A 1 10 ? -11.379 18.860  1.245   1.00 96.14  ? 10 A   A "O5'" 1 
ATOM   205  C  "C5'" . A   A 1 10 ? -10.483 19.965  1.316   1.00 95.22  ? 10 A   A "C5'" 1 
ATOM   206  C  "C4'" . A   A 1 10 ? -9.764  20.151  0.000   1.00 95.17  ? 10 A   A "C4'" 1 
ATOM   207  O  "O4'" . A   A 1 10 ? -8.794  19.085  -0.187  1.00 91.86  ? 10 A   A "O4'" 1 
ATOM   208  C  "C3'" . A   A 1 10 ? -10.639 20.077  -1.240  1.00 97.19  ? 10 A   A "C3'" 1 
ATOM   209  O  "O3'" . A   A 1 10 ? -11.291 21.314  -1.512  1.00 100.89 ? 10 A   A "O3'" 1 
ATOM   210  C  "C2'" . A   A 1 10 ? -9.631  19.704  -2.319  1.00 93.71  ? 10 A   A "C2'" 1 
ATOM   211  O  "O2'" . A   A 1 10 ? -8.865  20.814  -2.727  1.00 95.51  ? 10 A   A "O2'" 1 
ATOM   212  C  "C1'" . A   A 1 10 ? -8.726  18.734  -1.562  1.00 88.77  ? 10 A   A "C1'" 1 
ATOM   213  N  N9    . A   A 1 10 ? -9.194  17.361  -1.705  1.00 84.63  ? 10 A   A N9    1 
ATOM   214  C  C8    . A   A 1 10 ? -9.939  16.636  -0.810  1.00 83.63  ? 10 A   A C8    1 
ATOM   215  N  N7    . A   A 1 10 ? -10.221 15.421  -1.218  1.00 83.34  ? 10 A   A N7    1 
ATOM   216  C  C5    . A   A 1 10 ? -9.616  15.341  -2.466  1.00 82.21  ? 10 A   A C5    1 
ATOM   217  C  C6    . A   A 1 10 ? -9.546  14.306  -3.421  1.00 81.37  ? 10 A   A C6    1 
ATOM   218  N  N6    . A   A 1 10 ? -10.109 13.107  -3.256  1.00 81.39  ? 10 A   A N6    1 
ATOM   219  N  N1    . A   A 1 10 ? -8.868  14.552  -4.565  1.00 81.70  ? 10 A   A N1    1 
ATOM   220  C  C2    . A   A 1 10 ? -8.306  15.758  -4.725  1.00 81.42  ? 10 A   A C2    1 
ATOM   221  N  N3    . A   A 1 10 ? -8.304  16.807  -3.900  1.00 81.31  ? 10 A   A N3    1 
ATOM   222  C  C4    . A   A 1 10 ? -8.982  16.529  -2.778  1.00 82.32  ? 10 A   A C4    1 
ATOM   223  P  P     . C   A 1 11 ? -12.771 21.311  -2.138  1.00 103.62 ? 11 C   A P     1 
ATOM   224  O  OP1   . C   A 1 11 ? -13.332 22.647  -1.827  1.00 103.61 ? 11 C   A OP1   1 
ATOM   225  O  OP2   . C   A 1 11 ? -13.489 20.082  -1.690  1.00 102.19 ? 11 C   A OP2   1 
ATOM   226  O  "O5'" . C   A 1 11 ? -12.533 21.177  -3.706  1.00 101.61 ? 11 C   A "O5'" 1 
ATOM   227  C  "C5'" . C   A 1 11 ? -11.828 22.182  -4.417  1.00 101.79 ? 11 C   A "C5'" 1 
ATOM   228  C  "C4'" . C   A 1 11 ? -11.295 21.627  -5.712  1.00 102.59 ? 11 C   A "C4'" 1 
ATOM   229  O  "O4'" . C   A 1 11 ? -10.414 20.507  -5.405  1.00 100.88 ? 11 C   A "O4'" 1 
ATOM   230  C  "C3'" . C   A 1 11 ? -12.329 21.010  -6.640  1.00 104.06 ? 11 C   A "C3'" 1 
ATOM   231  O  "O3'" . C   A 1 11 ? -13.038 21.958  -7.424  1.00 108.23 ? 11 C   A "O3'" 1 
ATOM   232  C  "C2'" . C   A 1 11 ? -11.477 20.064  -7.477  1.00 102.75 ? 11 C   A "C2'" 1 
ATOM   233  O  "O2'" . C   A 1 11 ? -10.733 20.719  -8.494  1.00 103.58 ? 11 C   A "O2'" 1 
ATOM   234  C  "C1'" . C   A 1 11 ? -10.524 19.515  -6.415  1.00 98.23  ? 11 C   A "C1'" 1 
ATOM   235  N  N1    . C   A 1 11 ? -11.069 18.288  -5.814  1.00 93.91  ? 11 C   A N1    1 
ATOM   236  C  C2    . C   A 1 11 ? -10.988 17.086  -6.546  1.00 92.01  ? 11 C   A C2    1 
ATOM   237  O  O2    . C   A 1 11 ? -10.425 17.091  -7.649  1.00 91.87  ? 11 C   A O2    1 
ATOM   238  N  N3    . C   A 1 11 ? -11.525 15.963  -6.036  1.00 90.30  ? 11 C   A N3    1 
ATOM   239  C  C4    . C   A 1 11 ? -12.129 15.996  -4.850  1.00 91.18  ? 11 C   A C4    1 
ATOM   240  N  N4    . C   A 1 11 ? -12.669 14.860  -4.406  1.00 91.02  ? 11 C   A N4    1 
ATOM   241  C  C5    . C   A 1 11 ? -12.213 17.196  -4.070  1.00 91.53  ? 11 C   A C5    1 
ATOM   242  C  C6    . C   A 1 11 ? -11.667 18.307  -4.585  1.00 92.37  ? 11 C   A C6    1 
ATOM   243  P  P     . C   A 1 12 ? -14.500 21.578  -7.984  1.00 112.22 ? 12 C   A P     1 
ATOM   244  O  OP1   . C   A 1 12 ? -15.032 22.751  -8.719  1.00 112.01 ? 12 C   A OP1   1 
ATOM   245  O  OP2   . C   A 1 12 ? -15.274 21.008  -6.853  1.00 111.76 ? 12 C   A OP2   1 
ATOM   246  O  "O5'" . C   A 1 12 ? -14.239 20.416  -9.040  1.00 108.28 ? 12 C   A "O5'" 1 
ATOM   247  C  "C5'" . C   A 1 12 ? -13.541 20.691  -10.238 1.00 106.06 ? 12 C   A "C5'" 1 
ATOM   248  C  "C4'" . C   A 1 12 ? -13.433 19.455  -11.096 1.00 106.41 ? 12 C   A "C4'" 1 
ATOM   249  O  "O4'" . C   A 1 12 ? -12.715 18.420  -10.362 1.00 104.55 ? 12 C   A "O4'" 1 
ATOM   250  C  "C3'" . C   A 1 12 ? -14.752 18.772  -11.415 1.00 107.16 ? 12 C   A "C3'" 1 
ATOM   251  O  "O3'" . C   A 1 12 ? -15.491 19.386  -12.459 1.00 110.19 ? 12 C   A "O3'" 1 
ATOM   252  C  "C2'" . C   A 1 12 ? -14.315 17.352  -11.758 1.00 105.41 ? 12 C   A "C2'" 1 
ATOM   253  O  "O2'" . C   A 1 12 ? -13.775 17.194  -13.058 1.00 106.19 ? 12 C   A "O2'" 1 
ATOM   254  C  "C1'" . C   A 1 12 ? -13.209 17.137  -10.734 1.00 101.36 ? 12 C   A "C1'" 1 
ATOM   255  N  N1    . C   A 1 12 ? -13.734 16.430  -9.558  1.00 96.70  ? 12 C   A N1    1 
ATOM   256  C  C2    . C   A 1 12 ? -13.938 15.040  -9.665  1.00 95.13  ? 12 C   A C2    1 
ATOM   257  O  O2    . C   A 1 12 ? -13.667 14.473  -10.749 1.00 91.43  ? 12 C   A O2    1 
ATOM   258  N  N3    . C   A 1 12 ? -14.427 14.357  -8.595  1.00 93.33  ? 12 C   A N3    1 
ATOM   259  C  C4    . C   A 1 12 ? -14.716 15.009  -7.463  1.00 93.85  ? 12 C   A C4    1 
ATOM   260  N  N4    . C   A 1 12 ? -15.191 14.300  -6.440  1.00 93.47  ? 12 C   A N4    1 
ATOM   261  C  C5    . C   A 1 12 ? -14.528 16.422  -7.333  1.00 94.03  ? 12 C   A C5    1 
ATOM   262  C  C6    . C   A 1 12 ? -14.034 17.085  -8.395  1.00 95.69  ? 12 C   A C6    1 
ATOM   263  P  P     . G   A 1 13 ? -17.095 19.231  -12.482 1.00 112.02 ? 13 G   A P     1 
ATOM   264  O  OP1   . G   A 1 13 ? -17.588 20.152  -13.544 1.00 112.22 ? 13 G   A OP1   1 
ATOM   265  O  OP2   . G   A 1 13 ? -17.575 19.397  -11.081 1.00 110.53 ? 13 G   A OP2   1 
ATOM   266  O  "O5'" . G   A 1 13 ? -17.354 17.719  -12.945 1.00 107.61 ? 13 G   A "O5'" 1 
ATOM   267  C  "C5'" . G   A 1 13 ? -17.040 17.309  -14.279 1.00 103.22 ? 13 G   A "C5'" 1 
ATOM   268  C  "C4'" . G   A 1 13 ? -17.292 15.828  -14.467 1.00 99.90  ? 13 G   A "C4'" 1 
ATOM   269  O  "O4'" . G   A 1 13 ? -16.462 15.077  -13.541 1.00 97.54  ? 13 G   A "O4'" 1 
ATOM   270  C  "C3'" . G   A 1 13 ? -18.699 15.345  -14.163 1.00 99.56  ? 13 G   A "C3'" 1 
ATOM   271  O  "O3'" . G   A 1 13 ? -19.653 15.673  -15.171 1.00 100.46 ? 13 G   A "O3'" 1 
ATOM   272  C  "C2'" . G   A 1 13 ? -18.478 13.861  -13.861 1.00 97.68  ? 13 G   A "C2'" 1 
ATOM   273  O  "O2'" . G   A 1 13 ? -18.326 13.033  -15.002 1.00 97.87  ? 13 G   A "O2'" 1 
ATOM   274  C  "C1'" . G   A 1 13 ? -17.149 13.911  -13.111 1.00 91.21  ? 13 G   A "C1'" 1 
ATOM   275  N  N9    . G   A 1 13 ? -17.315 13.972  -11.660 1.00 84.79  ? 13 G   A N9    1 
ATOM   276  C  C8    . G   A 1 13 ? -17.273 15.088  -10.850 1.00 82.35  ? 13 G   A C8    1 
ATOM   277  N  N7    . G   A 1 13 ? -17.463 14.807  -9.584  1.00 80.09  ? 13 G   A N7    1 
ATOM   278  C  C5    . G   A 1 13 ? -17.646 13.425  -9.559  1.00 78.41  ? 13 G   A C5    1 
ATOM   279  C  C6    . G   A 1 13 ? -17.916 12.539  -8.464  1.00 77.13  ? 13 G   A C6    1 
ATOM   280  O  O6    . G   A 1 13 ? -18.034 12.810  -7.248  1.00 76.18  ? 13 G   A O6    1 
ATOM   281  N  N1    . G   A 1 13 ? -18.049 11.221  -8.898  1.00 74.49  ? 13 G   A N1    1 
ATOM   282  C  C2    . G   A 1 13 ? -17.934 10.800  -10.202 1.00 77.08  ? 13 G   A C2    1 
ATOM   283  N  N2    . G   A 1 13 ? -18.102 9.479   -10.425 1.00 76.33  ? 13 G   A N2    1 
ATOM   284  N  N3    . G   A 1 13 ? -17.676 11.610  -11.223 1.00 79.00  ? 13 G   A N3    1 
ATOM   285  C  C4    . G   A 1 13 ? -17.553 12.896  -10.831 1.00 80.18  ? 13 G   A C4    1 
ATOM   286  O  "O5'" . C   B 2 1  ? -18.094 3.898   -3.761  1.00 103.85 ? 2  C   B "O5'" 1 
ATOM   287  C  "C5'" . C   B 2 1  ? -18.745 2.956   -4.628  1.00 101.65 ? 2  C   B "C5'" 1 
ATOM   288  C  "C4'" . C   B 2 1  ? -18.805 3.373   -6.088  1.00 100.98 ? 2  C   B "C4'" 1 
ATOM   289  O  "O4'" . C   B 2 1  ? -19.732 4.493   -6.243  1.00 98.41  ? 2  C   B "O4'" 1 
ATOM   290  C  "C3'" . C   B 2 1  ? -17.507 3.918   -6.675  1.00 101.72 ? 2  C   B "C3'" 1 
ATOM   291  O  "O3'" . C   B 2 1  ? -16.537 2.917   -6.996  1.00 103.99 ? 2  C   B "O3'" 1 
ATOM   292  C  "C2'" . C   B 2 1  ? -18.003 4.758   -7.859  1.00 98.02  ? 2  C   B "C2'" 1 
ATOM   293  O  "O2'" . C   B 2 1  ? -18.324 4.033   -9.040  1.00 96.50  ? 2  C   B "O2'" 1 
ATOM   294  C  "C1'" . C   B 2 1  ? -19.268 5.382   -7.264  1.00 92.73  ? 2  C   B "C1'" 1 
ATOM   295  N  N1    . C   B 2 1  ? -19.000 6.712   -6.666  1.00 86.15  ? 2  C   B N1    1 
ATOM   296  C  C2    . C   B 2 1  ? -18.805 7.803   -7.523  1.00 83.53  ? 2  C   B C2    1 
ATOM   297  O  O2    . C   B 2 1  ? -18.888 7.618   -8.753  1.00 82.50  ? 2  C   B O2    1 
ATOM   298  N  N3    . C   B 2 1  ? -18.531 9.026   -6.994  1.00 81.28  ? 2  C   B N3    1 
ATOM   299  C  C4    . C   B 2 1  ? -18.448 9.177   -5.663  1.00 82.42  ? 2  C   B C4    1 
ATOM   300  N  N4    . C   B 2 1  ? -18.154 10.396  -5.177  1.00 81.86  ? 2  C   B N4    1 
ATOM   301  C  C5    . C   B 2 1  ? -18.656 8.085   -4.766  1.00 82.13  ? 2  C   B C5    1 
ATOM   302  C  C6    . C   B 2 1  ? -18.929 6.882   -5.306  1.00 84.92  ? 2  C   B C6    1 
ATOM   303  P  P     . G   B 2 2  ? -14.962 3.277   -6.900  1.00 103.37 ? 3  G   B P     1 
ATOM   304  O  OP1   . G   B 2 2  ? -14.258 1.988   -7.113  1.00 103.13 ? 3  G   B OP1   1 
ATOM   305  O  OP2   . G   B 2 2  ? -14.681 4.086   -5.661  1.00 96.01  ? 3  G   B OP2   1 
ATOM   306  O  "O5'" . G   B 2 2  ? -14.710 4.182   -8.191  1.00 99.96  ? 3  G   B "O5'" 1 
ATOM   307  C  "C5'" . G   B 2 2  ? -15.054 3.692   -9.480  1.00 97.40  ? 3  G   B "C5'" 1 
ATOM   308  C  "C4'" . G   B 2 2  ? -14.878 4.764   -10.527 1.00 98.00  ? 3  G   B "C4'" 1 
ATOM   309  O  "O4'" . G   B 2 2  ? -15.880 5.797   -10.331 1.00 95.41  ? 3  G   B "O4'" 1 
ATOM   310  C  "C3'" . G   B 2 2  ? -13.565 5.535   -10.484 1.00 100.94 ? 3  G   B "C3'" 1 
ATOM   311  O  "O3'" . G   B 2 2  ? -12.466 4.831   -11.066 1.00 105.92 ? 3  G   B "O3'" 1 
ATOM   312  C  "C2'" . G   B 2 2  ? -13.933 6.826   -11.211 1.00 97.36  ? 3  G   B "C2'" 1 
ATOM   313  O  "O2'" . G   B 2 2  ? -14.019 6.682   -12.616 1.00 98.15  ? 3  G   B "O2'" 1 
ATOM   314  C  "C1'" . G   B 2 2  ? -15.337 7.067   -10.672 1.00 91.40  ? 3  G   B "C1'" 1 
ATOM   315  N  N9    . G   B 2 2  ? -15.276 7.889   -9.472  1.00 86.04  ? 3  G   B N9    1 
ATOM   316  C  C8    . G   B 2 2  ? -15.465 7.489   -8.169  1.00 84.91  ? 3  G   B C8    1 
ATOM   317  N  N7    . G   B 2 2  ? -15.356 8.469   -7.311  1.00 83.38  ? 3  G   B N7    1 
ATOM   318  C  C5    . G   B 2 2  ? -15.078 9.581   -8.095  1.00 82.96  ? 3  G   B C5    1 
ATOM   319  C  C6    . G   B 2 2  ? -14.872 10.935  -7.727  1.00 82.52  ? 3  G   B C6    1 
ATOM   320  O  O6    . G   B 2 2  ? -14.908 11.443  -6.586  1.00 84.20  ? 3  G   B O6    1 
ATOM   321  N  N1    . G   B 2 2  ? -14.607 11.729  -8.840  1.00 81.55  ? 3  G   B N1    1 
ATOM   322  C  C2    . G   B 2 2  ? -14.549 11.278  -10.144 1.00 81.91  ? 3  G   B C2    1 
ATOM   323  N  N2    . G   B 2 2  ? -14.251 12.195  -11.083 1.00 82.33  ? 3  G   B N2    1 
ATOM   324  N  N3    . G   B 2 2  ? -14.758 10.021  -10.501 1.00 81.67  ? 3  G   B N3    1 
ATOM   325  C  C4    . G   B 2 2  ? -15.014 9.235   -9.433  1.00 83.91  ? 3  G   B C4    1 
ATOM   326  P  P     . G   B 2 3  ? -10.976 5.045   -10.476 1.00 106.52 ? 4  G   B P     1 
ATOM   327  O  OP1   . G   B 2 3  ? -10.141 4.006   -11.145 1.00 105.17 ? 4  G   B OP1   1 
ATOM   328  O  OP2   . G   B 2 3  ? -11.041 5.109   -8.990  1.00 103.11 ? 4  G   B OP2   1 
ATOM   329  O  "O5'" . G   B 2 3  ? -10.562 6.488   -11.007 1.00 101.42 ? 4  G   B "O5'" 1 
ATOM   330  C  "C5'" . G   B 2 3  ? -10.792 6.815   -12.364 1.00 100.43 ? 4  G   B "C5'" 1 
ATOM   331  C  "C4'" . G   B 2 3  ? -10.393 8.231   -12.639 1.00 99.09  ? 4  G   B "C4'" 1 
ATOM   332  O  "O4'" . G   B 2 3  ? -11.415 9.142   -12.154 1.00 96.04  ? 4  G   B "O4'" 1 
ATOM   333  C  "C3'" . G   B 2 3  ? -9.156  8.663   -11.885 1.00 99.81  ? 4  G   B "C3'" 1 
ATOM   334  O  "O3'" . G   B 2 3  ? -7.982  8.151   -12.493 1.00 105.35 ? 4  G   B "O3'" 1 
ATOM   335  C  "C2'" . G   B 2 3  ? -9.294  10.181  -11.896 1.00 95.87  ? 4  G   B "C2'" 1 
ATOM   336  O  "O2'" . G   B 2 3  ? -8.948  10.748  -13.143 1.00 93.32  ? 4  G   B "O2'" 1 
ATOM   337  C  "C1'" . G   B 2 3  ? -10.800 10.338  -11.692 1.00 92.41  ? 4  G   B "C1'" 1 
ATOM   338  N  N9    . G   B 2 3  ? -11.131 10.521  -10.285 1.00 85.05  ? 4  G   B N9    1 
ATOM   339  C  C8    . G   B 2 3  ? -11.519 9.557   -9.388  1.00 84.17  ? 4  G   B C8    1 
ATOM   340  N  N7    . G   B 2 3  ? -11.712 10.027  -8.181  1.00 82.20  ? 4  G   B N7    1 
ATOM   341  C  C5    . G   B 2 3  ? -11.440 11.383  -8.298  1.00 80.72  ? 4  G   B C5    1 
ATOM   342  C  C6    . G   B 2 3  ? -11.463 12.409  -7.319  1.00 81.39  ? 4  G   B C6    1 
ATOM   343  O  O6    . G   B 2 3  ? -11.751 12.327  -6.105  1.00 81.97  ? 4  G   B O6    1 
ATOM   344  N  N1    . G   B 2 3  ? -11.104 13.637  -7.867  1.00 81.19  ? 4  G   B N1    1 
ATOM   345  C  C2    . G   B 2 3  ? -10.769 13.848  -9.186  1.00 79.78  ? 4  G   B C2    1 
ATOM   346  N  N2    . G   B 2 3  ? -10.441 15.115  -9.516  1.00 79.64  ? 4  G   B N2    1 
ATOM   347  N  N3    . G   B 2 3  ? -10.753 12.898  -10.108 1.00 79.06  ? 4  G   B N3    1 
ATOM   348  C  C4    . G   B 2 3  ? -11.089 11.702  -9.596  1.00 80.96  ? 4  G   B C4    1 
ATOM   349  P  P     . U   B 2 4  ? -6.588  8.193   -11.691 1.00 106.60 ? 5  U   B P     1 
ATOM   350  O  OP1   . U   B 2 4  ? -5.747  7.067   -12.183 1.00 106.25 ? 5  U   B OP1   1 
ATOM   351  O  OP2   . U   B 2 4  ? -6.841  8.327   -10.232 1.00 105.20 ? 5  U   B OP2   1 
ATOM   352  O  "O5'" . U   B 2 4  ? -5.984  9.578   -12.181 1.00 102.23 ? 5  U   B "O5'" 1 
ATOM   353  C  "C5'" . U   B 2 4  ? -5.111  10.292  -11.349 1.00 100.44 ? 5  U   B "C5'" 1 
ATOM   354  C  "C4'" . U   B 2 4  ? -5.354  11.769  -11.467 1.00 98.12  ? 5  U   B "C4'" 1 
ATOM   355  O  "O4'" . U   B 2 4  ? -6.750  12.074  -11.241 1.00 96.77  ? 5  U   B "O4'" 1 
ATOM   356  C  "C3'" . U   B 2 4  ? -4.625  12.564  -10.414 1.00 99.87  ? 5  U   B "C3'" 1 
ATOM   357  O  "O3'" . U   B 2 4  ? -3.270  12.709  -10.750 1.00 102.93 ? 5  U   B "O3'" 1 
ATOM   358  C  "C2'" . U   B 2 4  ? -5.443  13.835  -10.330 1.00 95.31  ? 5  U   B "C2'" 1 
ATOM   359  O  "O2'" . U   B 2 4  ? -5.149  14.722  -11.392 1.00 93.90  ? 5  U   B "O2'" 1 
ATOM   360  C  "C1'" . U   B 2 4  ? -6.853  13.253  -10.445 1.00 91.70  ? 5  U   B "C1'" 1 
ATOM   361  N  N1    . U   B 2 4  ? -7.347  12.810  -9.127  1.00 86.55  ? 5  U   B N1    1 
ATOM   362  C  C2    . U   B 2 4  ? -7.454  13.736  -8.082  1.00 84.98  ? 5  U   B C2    1 
ATOM   363  O  O2    . U   B 2 4  ? -7.155  14.921  -8.200  1.00 84.98  ? 5  U   B O2    1 
ATOM   364  N  N3    . U   B 2 4  ? -7.921  13.213  -6.892  1.00 81.70  ? 5  U   B N3    1 
ATOM   365  C  C4    . U   B 2 4  ? -8.275  11.891  -6.649  1.00 80.83  ? 5  U   B C4    1 
ATOM   366  O  O4    . U   B 2 4  ? -8.657  11.560  -5.532  1.00 78.29  ? 5  U   B O4    1 
ATOM   367  C  C5    . U   B 2 4  ? -8.137  11.014  -7.772  1.00 81.69  ? 5  U   B C5    1 
ATOM   368  C  C6    . U   B 2 4  ? -7.691  11.486  -8.937  1.00 83.47  ? 5  U   B C6    1 
ATOM   369  P  P     . G   B 2 5  ? -2.175  12.118  -9.748  1.00 104.92 ? 6  G   B P     1 
ATOM   370  O  OP1   . G   B 2 5  ? -0.909  12.023  -10.524 1.00 105.88 ? 6  G   B OP1   1 
ATOM   371  O  OP2   . G   B 2 5  ? -2.743  10.902  -9.095  1.00 99.78  ? 6  G   B OP2   1 
ATOM   372  O  "O5'" . G   B 2 5  ? -2.055  13.272  -8.663  1.00 96.16  ? 6  G   B "O5'" 1 
ATOM   373  C  "C5'" . G   B 2 5  ? -1.850  14.597  -9.091  1.00 89.27  ? 6  G   B "C5'" 1 
ATOM   374  C  "C4'" . G   B 2 5  ? -2.176  15.555  -7.987  1.00 86.03  ? 6  G   B "C4'" 1 
ATOM   375  O  "O4'" . G   B 2 5  ? -3.598  15.499  -7.707  1.00 84.86  ? 6  G   B "O4'" 1 
ATOM   376  C  "C3'" . G   B 2 5  ? -1.548  15.200  -6.659  1.00 82.81  ? 6  G   B "C3'" 1 
ATOM   377  O  "O3'" . G   B 2 5  ? -0.199  15.610  -6.599  1.00 84.95  ? 6  G   B "O3'" 1 
ATOM   378  C  "C2'" . G   B 2 5  ? -2.447  15.924  -5.673  1.00 80.99  ? 6  G   B "C2'" 1 
ATOM   379  O  "O2'" . G   B 2 5  ? -2.167  17.303  -5.552  1.00 81.46  ? 6  G   B "O2'" 1 
ATOM   380  C  "C1'" . G   B 2 5  ? -3.813  15.722  -6.324  1.00 78.89  ? 6  G   B "C1'" 1 
ATOM   381  N  N9    . G   B 2 5  ? -4.488  14.559  -5.770  1.00 73.16  ? 6  G   B N9    1 
ATOM   382  C  C8    . G   B 2 5  ? -4.639  13.325  -6.346  1.00 72.56  ? 6  G   B C8    1 
ATOM   383  N  N7    . G   B 2 5  ? -5.270  12.480  -5.573  1.00 73.21  ? 6  G   B N7    1 
ATOM   384  C  C5    . G   B 2 5  ? -5.557  13.213  -4.427  1.00 70.41  ? 6  G   B C5    1 
ATOM   385  C  C6    . G   B 2 5  ? -6.233  12.840  -3.248  1.00 70.18  ? 6  G   B C6    1 
ATOM   386  O  O6    . G   B 2 5  ? -6.750  11.747  -2.977  1.00 72.55  ? 6  G   B O6    1 
ATOM   387  N  N1    . G   B 2 5  ? -6.295  13.891  -2.332  1.00 67.63  ? 6  G   B N1    1 
ATOM   388  C  C2    . G   B 2 5  ? -5.787  15.147  -2.545  1.00 68.56  ? 6  G   B C2    1 
ATOM   389  N  N2    . G   B 2 5  ? -5.955  16.038  -1.567  1.00 65.54  ? 6  G   B N2    1 
ATOM   390  N  N3    . G   B 2 5  ? -5.160  15.505  -3.646  1.00 69.43  ? 6  G   B N3    1 
ATOM   391  C  C4    . G   B 2 5  ? -5.082  14.495  -4.536  1.00 70.65  ? 6  G   B C4    1 
ATOM   392  P  P     . A   B 2 6  ? 0.820   14.817  -5.653  1.00 83.05  ? 7  A   B P     1 
ATOM   393  O  OP1   . A   B 2 6  ? 2.151   15.418  -5.875  1.00 88.02  ? 7  A   B OP1   1 
ATOM   394  O  OP2   . A   B 2 6  ? 0.626   13.359  -5.897  1.00 79.70  ? 7  A   B OP2   1 
ATOM   395  O  "O5'" . A   B 2 6  ? 0.357   15.239  -4.192  1.00 80.77  ? 7  A   B "O5'" 1 
ATOM   396  C  "C5'" . A   B 2 6  ? 0.415   16.603  -3.796  1.00 80.33  ? 7  A   B "C5'" 1 
ATOM   397  C  "C4'" . A   B 2 6  ? -0.313  16.807  -2.492  1.00 80.20  ? 7  A   B "C4'" 1 
ATOM   398  O  "O4'" . A   B 2 6  ? -1.697  16.417  -2.655  1.00 82.21  ? 7  A   B "O4'" 1 
ATOM   399  C  "C3'" . A   B 2 6  ? 0.171   15.956  -1.340  1.00 80.41  ? 7  A   B "C3'" 1 
ATOM   400  O  "O3'" . A   B 2 6  ? 1.250   16.575  -0.683  1.00 82.78  ? 7  A   B "O3'" 1 
ATOM   401  C  "C2'" . A   B 2 6  ? -1.045  15.904  -0.433  1.00 79.12  ? 7  A   B "C2'" 1 
ATOM   402  O  "O2'" . A   B 2 6  ? -1.160  17.059  0.371   1.00 76.90  ? 7  A   B "O2'" 1 
ATOM   403  C  "C1'" . A   B 2 6  ? -2.170  15.812  -1.460  1.00 78.54  ? 7  A   B "C1'" 1 
ATOM   404  N  N9    . A   B 2 6  ? -2.505  14.426  -1.782  1.00 75.68  ? 7  A   B N9    1 
ATOM   405  C  C8    . A   B 2 6  ? -2.161  13.721  -2.907  1.00 74.73  ? 7  A   B C8    1 
ATOM   406  N  N7    . A   B 2 6  ? -2.637  12.501  -2.935  1.00 74.35  ? 7  A   B N7    1 
ATOM   407  C  C5    . A   B 2 6  ? -3.338  12.399  -1.747  1.00 73.47  ? 7  A   B C5    1 
ATOM   408  C  C6    . A   B 2 6  ? -4.080  11.363  -1.193  1.00 71.54  ? 7  A   B C6    1 
ATOM   409  N  N6    . A   B 2 6  ? -4.287  10.205  -1.815  1.00 68.52  ? 7  A   B N6    1 
ATOM   410  N  N1    . A   B 2 6  ? -4.626  11.562  0.025   1.00 71.59  ? 7  A   B N1    1 
ATOM   411  C  C2    . A   B 2 6  ? -4.451  12.751  0.623   1.00 73.10  ? 7  A   B C2    1 
ATOM   412  N  N3    . A   B 2 6  ? -3.791  13.817  0.189   1.00 74.66  ? 7  A   B N3    1 
ATOM   413  C  C4    . A   B 2 6  ? -3.250  13.570  -1.017  1.00 74.10  ? 7  A   B C4    1 
ATOM   414  P  P     . G   B 2 7  ? 2.431   15.667  -0.127  1.00 83.61  ? 8  G   B P     1 
ATOM   415  O  OP1   . G   B 2 7  ? 3.446   16.541  0.517   1.00 83.55  ? 8  G   B OP1   1 
ATOM   416  O  OP2   . G   B 2 7  ? 2.826   14.760  -1.249  1.00 75.12  ? 8  G   B OP2   1 
ATOM   417  O  "O5'" . G   B 2 7  ? 1.721   14.798  1.012   1.00 86.85  ? 8  G   B "O5'" 1 
ATOM   418  C  "C5'" . G   B 2 7  ? 0.752   15.354  1.932   1.00 85.83  ? 8  G   B "C5'" 1 
ATOM   419  C  "C4'" . G   B 2 7  ? 0.199   14.247  2.828   1.00 84.51  ? 8  G   B "C4'" 1 
ATOM   420  O  "O4'" . G   B 2 7  ? -0.677  13.350  2.065   1.00 84.19  ? 8  G   B "O4'" 1 
ATOM   421  C  "C3'" . G   B 2 7  ? 1.391   13.404  3.261   1.00 80.14  ? 8  G   B "C3'" 1 
ATOM   422  O  "O3'" . G   B 2 7  ? 1.397   13.099  4.656   1.00 78.58  ? 8  G   B "O3'" 1 
ATOM   423  C  "C2'" . G   B 2 7  ? 1.416   12.253  2.274   1.00 82.00  ? 8  G   B "C2'" 1 
ATOM   424  O  "O2'" . G   B 2 7  ? 1.875   11.010  2.784   1.00 80.31  ? 8  G   B "O2'" 1 
ATOM   425  C  "C1'" . G   B 2 7  ? -0.054  12.094  1.918   1.00 77.89  ? 8  G   B "C1'" 1 
ATOM   426  N  N9    . G   B 2 7  ? -0.180  11.592  0.563   1.00 75.97  ? 8  G   B N9    1 
ATOM   427  C  C8    . G   B 2 7  ? 0.434   12.064  -0.576  1.00 74.85  ? 8  G   B C8    1 
ATOM   428  N  N7    . G   B 2 7  ? 0.211   11.320  -1.622  1.00 73.54  ? 8  G   B N7    1 
ATOM   429  C  C5    . G   B 2 7  ? -0.619  10.318  -1.148  1.00 74.02  ? 8  G   B C5    1 
ATOM   430  C  C6    . G   B 2 7  ? -1.177  9.220   -1.813  1.00 75.48  ? 8  G   B C6    1 
ATOM   431  O  O6    . G   B 2 7  ? -1.034  8.892   -3.001  1.00 74.83  ? 8  G   B O6    1 
ATOM   432  N  N1    . G   B 2 7  ? -1.970  8.445   -0.951  1.00 76.90  ? 8  G   B N1    1 
ATOM   433  C  C2    . G   B 2 7  ? -2.184  8.710   0.392   1.00 76.03  ? 8  G   B C2    1 
ATOM   434  N  N2    . G   B 2 7  ? -2.995  7.849   1.066   1.00 74.16  ? 8  G   B N2    1 
ATOM   435  N  N3    . G   B 2 7  ? -1.646  9.741   1.023   1.00 74.97  ? 8  G   B N3    1 
ATOM   436  C  C4    . G   B 2 7  ? -0.883  10.491  0.199   1.00 74.92  ? 8  G   B C4    1 
ATOM   437  P  P     . A   B 2 8  ? 2.686   12.434  5.354   1.00 76.40  ? 9  A   B P     1 
ATOM   438  O  OP1   . A   B 2 8  ? 3.654   13.503  5.686   1.00 76.89  ? 9  A   B OP1   1 
ATOM   439  O  OP2   . A   B 2 8  ? 3.139   11.231  4.604   1.00 72.01  ? 9  A   B OP2   1 
ATOM   440  O  "O5'" . A   B 2 8  ? 2.097   11.964  6.748   1.00 74.00  ? 9  A   B "O5'" 1 
ATOM   441  C  "C5'" . A   B 2 8  ? 1.308   12.851  7.513   1.00 69.32  ? 9  A   B "C5'" 1 
ATOM   442  C  "C4'" . A   B 2 8  ? 0.330   12.078  8.347   1.00 67.69  ? 9  A   B "C4'" 1 
ATOM   443  O  "O4'" . A   B 2 8  ? -0.755  11.612  7.512   1.00 67.77  ? 9  A   B "O4'" 1 
ATOM   444  C  "C3'" . A   B 2 8  ? 0.887   10.798  8.936   1.00 68.52  ? 9  A   B "C3'" 1 
ATOM   445  O  "O3'" . A   B 2 8  ? 1.564   11.049  10.144  1.00 68.85  ? 9  A   B "O3'" 1 
ATOM   446  C  "C2'" . A   B 2 8  ? -0.370  9.990   9.187   1.00 65.15  ? 9  A   B "C2'" 1 
ATOM   447  O  "O2'" . A   B 2 8  ? -1.066  10.508  10.295  1.00 69.19  ? 9  A   B "O2'" 1 
ATOM   448  C  "C1'" . A   B 2 8  ? -1.203  10.354  7.973   1.00 62.35  ? 9  A   B "C1'" 1 
ATOM   449  N  N9    . A   B 2 8  ? -1.110  9.397   6.885   1.00 62.21  ? 9  A   B N9    1 
ATOM   450  C  C8    . A   B 2 8  ? -0.527  9.561   5.665   1.00 60.88  ? 9  A   B C8    1 
ATOM   451  N  N7    . A   B 2 8  ? -0.684  8.538   4.868   1.00 60.38  ? 9  A   B N7    1 
ATOM   452  C  C5    . A   B 2 8  ? -1.405  7.639   5.621   1.00 59.90  ? 9  A   B C5    1 
ATOM   453  C  C6    . A   B 2 8  ? -1.909  6.380   5.336   1.00 60.91  ? 9  A   B C6    1 
ATOM   454  N  N6    . A   B 2 8  ? -1.791  5.787   4.148   1.00 59.91  ? 9  A   B N6    1 
ATOM   455  N  N1    . A   B 2 8  ? -2.565  5.734   6.318   1.00 62.99  ? 9  A   B N1    1 
ATOM   456  C  C2    . A   B 2 8  ? -2.708  6.340   7.497   1.00 62.04  ? 9  A   B C2    1 
ATOM   457  N  N3    . A   B 2 8  ? -2.295  7.537   7.877   1.00 63.59  ? 9  A   B N3    1 
ATOM   458  C  C4    . A   B 2 8  ? -1.647  8.142   6.877   1.00 61.53  ? 9  A   B C4    1 
ATOM   459  P  P     . A   B 2 9  ? 2.910   10.251  10.449  1.00 72.71  ? 10 A   B P     1 
ATOM   460  O  OP1   . A   B 2 9  ? 3.417   10.759  11.746  1.00 75.61  ? 10 A   B OP1   1 
ATOM   461  O  OP2   . A   B 2 9  ? 3.760   10.323  9.235   1.00 71.52  ? 10 A   B OP2   1 
ATOM   462  O  "O5'" . A   B 2 9  ? 2.431   8.740   10.620  1.00 69.96  ? 10 A   B "O5'" 1 
ATOM   463  C  "C5'" . A   B 2 9  ? 1.732   8.329   11.789  1.00 66.83  ? 10 A   B "C5'" 1 
ATOM   464  C  "C4'" . A   B 2 9  ? 1.377   6.862   11.704  1.00 62.38  ? 10 A   B "C4'" 1 
ATOM   465  O  "O4'" . A   B 2 9  ? 0.429   6.678   10.632  1.00 59.31  ? 10 A   B "O4'" 1 
ATOM   466  C  "C3'" . A   B 2 9  ? 2.525   5.955   11.329  1.00 62.42  ? 10 A   B "C3'" 1 
ATOM   467  O  "O3'" . A   B 2 9  ? 3.268   5.574   12.472  1.00 64.28  ? 10 A   B "O3'" 1 
ATOM   468  C  "C2'" . A   B 2 9  ? 1.802   4.766   10.741  1.00 61.32  ? 10 A   B "C2'" 1 
ATOM   469  O  "O2'" . A   B 2 9  ? 1.246   3.980   11.757  1.00 65.89  ? 10 A   B "O2'" 1 
ATOM   470  C  "C1'" . A   B 2 9  ? 0.656   5.446   10.001  1.00 57.55  ? 10 A   B "C1'" 1 
ATOM   471  N  N9    . A   B 2 9  ? 0.939   5.686   8.587   1.00 57.71  ? 10 A   B N9    1 
ATOM   472  C  C8    . A   B 2 9  ? 1.445   6.808   7.977   1.00 56.84  ? 10 A   B C8    1 
ATOM   473  N  N7    . A   B 2 9  ? 1.629   6.670   6.690   1.00 54.78  ? 10 A   B N7    1 
ATOM   474  C  C5    . A   B 2 9  ? 1.204   5.379   6.428   1.00 55.30  ? 10 A   B C5    1 
ATOM   475  C  C6    . A   B 2 9  ? 1.159   4.612   5.253   1.00 53.85  ? 10 A   B C6    1 
ATOM   476  N  N6    . A   B 2 9  ? 1.494   5.065   4.052   1.00 54.75  ? 10 A   B N6    1 
ATOM   477  N  N1    . A   B 2 9  ? 0.730   3.340   5.349   1.00 54.59  ? 10 A   B N1    1 
ATOM   478  C  C2    . A   B 2 9  ? 0.326   2.895   6.536   1.00 55.20  ? 10 A   B C2    1 
ATOM   479  N  N3    . A   B 2 9  ? 0.291   3.525   7.710   1.00 55.21  ? 10 A   B N3    1 
ATOM   480  C  C4    . A   B 2 9  ? 0.764   4.769   7.587   1.00 56.60  ? 10 A   B C4    1 
ATOM   481  P  P     . G   B 2 10 ? 4.828   5.242   12.318  1.00 63.40  ? 11 G   B P     1 
ATOM   482  O  OP1   . G   B 2 10 ? 5.372   4.846   13.633  1.00 68.96  ? 11 G   B OP1   1 
ATOM   483  O  OP2   . G   B 2 10 ? 5.420   6.392   11.601  1.00 65.83  ? 11 G   B OP2   1 
ATOM   484  O  "O5'" . G   B 2 10 ? 4.854   3.960   11.380  1.00 63.27  ? 11 G   B "O5'" 1 
ATOM   485  C  "C5'" . G   B 2 10 ? 4.356   2.727   11.847  1.00 59.49  ? 11 G   B "C5'" 1 
ATOM   486  C  "C4'" . G   B 2 10 ? 4.331   1.719   10.732  1.00 59.44  ? 11 G   B "C4'" 1 
ATOM   487  O  "O4'" . G   B 2 10 ? 3.419   2.189   9.698   1.00 53.44  ? 11 G   B "O4'" 1 
ATOM   488  C  "C3'" . G   B 2 10 ? 5.646   1.531   9.995   1.00 57.48  ? 11 G   B "C3'" 1 
ATOM   489  O  "O3'" . G   B 2 10 ? 6.535   0.656   10.660  1.00 56.41  ? 11 G   B "O3'" 1 
ATOM   490  C  "C2'" . G   B 2 10 ? 5.174   0.971   8.659   1.00 57.69  ? 11 G   B "C2'" 1 
ATOM   491  O  "O2'" . G   B 2 10 ? 4.811   -0.391  8.731   1.00 53.90  ? 11 G   B "O2'" 1 
ATOM   492  C  "C1'" . G   B 2 10 ? 3.903   1.786   8.427   1.00 55.66  ? 11 G   B "C1'" 1 
ATOM   493  N  N9    . G   B 2 10 ? 4.154   2.981   7.633   1.00 55.80  ? 11 G   B N9    1 
ATOM   494  C  C8    . G   B 2 10 ? 4.333   4.253   8.119   1.00 55.12  ? 11 G   B C8    1 
ATOM   495  N  N7    . G   B 2 10 ? 4.529   5.133   7.175   1.00 54.78  ? 11 G   B N7    1 
ATOM   496  C  C5    . G   B 2 10 ? 4.491   4.398   5.997   1.00 52.40  ? 11 G   B C5    1 
ATOM   497  C  C6    . G   B 2 10 ? 4.653   4.820   4.666   1.00 52.86  ? 11 G   B C6    1 
ATOM   498  O  O6    . G   B 2 10 ? 4.836   5.972   4.257   1.00 52.22  ? 11 G   B O6    1 
ATOM   499  N  N1    . G   B 2 10 ? 4.558   3.755   3.769   1.00 48.11  ? 11 G   B N1    1 
ATOM   500  C  C2    . G   B 2 10 ? 4.304   2.459   4.133   1.00 50.13  ? 11 G   B C2    1 
ATOM   501  N  N2    . G   B 2 10 ? 4.218   1.559   3.145   1.00 48.74  ? 11 G   B N2    1 
ATOM   502  N  N3    . G   B 2 10 ? 4.140   2.062   5.385   1.00 50.45  ? 11 G   B N3    1 
ATOM   503  C  C4    . G   B 2 10 ? 4.253   3.074   6.256   1.00 51.59  ? 11 G   B C4    1 
ATOM   504  P  P     . G   B 2 11 ? 8.116   0.723   10.333  1.00 60.24  ? 12 G   B P     1 
ATOM   505  O  OP1   . G   B 2 11 ? 8.835   -0.191  11.253  1.00 61.86  ? 12 G   B OP1   1 
ATOM   506  O  OP2   . G   B 2 11 ? 8.486   2.158   10.270  1.00 60.89  ? 12 G   B OP2   1 
ATOM   507  O  "O5'" . G   B 2 11 ? 8.276   0.091   8.885   1.00 59.43  ? 12 G   B "O5'" 1 
ATOM   508  C  "C5'" . G   B 2 11 ? 7.948   -1.260  8.665   1.00 52.53  ? 12 G   B "C5'" 1 
ATOM   509  C  "C4'" . G   B 2 11 ? 7.984   -1.595  7.198   1.00 51.32  ? 12 G   B "C4'" 1 
ATOM   510  O  "O4'" . G   B 2 11 ? 6.992   -0.801  6.490   1.00 54.22  ? 12 G   B "O4'" 1 
ATOM   511  C  "C3'" . G   B 2 11 ? 9.261   -1.237  6.482   1.00 56.34  ? 12 G   B "C3'" 1 
ATOM   512  O  "O3'" . G   B 2 11 ? 10.267  -2.199  6.660   1.00 60.40  ? 12 G   B "O3'" 1 
ATOM   513  C  "C2'" . G   B 2 11 ? 8.803   -1.182  5.040   1.00 55.10  ? 12 G   B "C2'" 1 
ATOM   514  O  "O2'" . G   B 2 11 ? 8.563   -2.500  4.582   1.00 58.43  ? 12 G   B "O2'" 1 
ATOM   515  C  "C1'" . G   B 2 11 ? 7.460   -0.490  5.193   1.00 49.61  ? 12 G   B "C1'" 1 
ATOM   516  N  N9    . G   B 2 11 ? 7.613   0.954   5.094   1.00 52.52  ? 12 G   B N9    1 
ATOM   517  C  C8    . G   B 2 11 ? 7.687   1.857   6.117   1.00 50.10  ? 12 G   B C8    1 
ATOM   518  N  N7    . G   B 2 11 ? 7.803   3.089   5.691   1.00 48.36  ? 12 G   B N7    1 
ATOM   519  C  C5    . G   B 2 11 ? 7.825   2.983   4.314   1.00 46.17  ? 12 G   B C5    1 
ATOM   520  C  C6    . G   B 2 11 ? 7.966   3.981   3.318   1.00 49.14  ? 12 G   B C6    1 
ATOM   521  O  O6    . G   B 2 11 ? 8.121   5.200   3.458   1.00 50.16  ? 12 G   B O6    1 
ATOM   522  N  N1    . G   B 2 11 ? 7.938   3.438   2.048   1.00 45.72  ? 12 G   B N1    1 
ATOM   523  C  C2    . G   B 2 11 ? 7.816   2.109   1.777   1.00 47.51  ? 12 G   B C2    1 
ATOM   524  N  N2    . G   B 2 11 ? 7.833   1.759   0.490   1.00 49.65  ? 12 G   B N2    1 
ATOM   525  N  N3    . G   B 2 11 ? 7.698   1.176   2.695   1.00 48.66  ? 12 G   B N3    1 
ATOM   526  C  C4    . G   B 2 11 ? 7.709   1.681   3.929   1.00 47.72  ? 12 G   B C4    1 
ATOM   527  P  P     . G   B 2 12 ? 11.796  -1.726  6.693   1.00 61.42  ? 13 G   B P     1 
ATOM   528  O  OP1   . G   B 2 12 ? 12.566  -2.937  7.043   1.00 65.30  ? 13 G   B OP1   1 
ATOM   529  O  OP2   . G   B 2 12 ? 11.880  -0.520  7.545   1.00 59.63  ? 13 G   B OP2   1 
ATOM   530  O  "O5'" . G   B 2 12 ? 12.091  -1.347  5.180   1.00 58.71  ? 13 G   B "O5'" 1 
ATOM   531  C  "C5'" . G   B 2 12 ? 11.936  -2.326  4.164   1.00 58.31  ? 13 G   B "C5'" 1 
ATOM   532  C  "C4'" . G   B 2 12 ? 12.073  -1.717  2.786   1.00 59.53  ? 13 G   B "C4'" 1 
ATOM   533  O  "O4'" . G   B 2 12 ? 11.011  -0.743  2.582   1.00 61.57  ? 13 G   B "O4'" 1 
ATOM   534  C  "C3'" . G   B 2 12 ? 13.348  -0.918  2.540   1.00 61.46  ? 13 G   B "C3'" 1 
ATOM   535  O  "O3'" . G   B 2 12 ? 14.388  -1.819  2.139   1.00 71.10  ? 13 G   B "O3'" 1 
ATOM   536  C  "C2'" . G   B 2 12 ? 12.921  -0.021  1.388   1.00 56.49  ? 13 G   B "C2'" 1 
ATOM   537  O  "O2'" . G   B 2 12 ? 12.857  -0.747  0.194   1.00 59.75  ? 13 G   B "O2'" 1 
ATOM   538  C  "C1'" . G   B 2 12 ? 11.474  0.297   1.746   1.00 53.91  ? 13 G   B "C1'" 1 
ATOM   539  N  N9    . G   B 2 12 ? 11.344  1.571   2.429   1.00 49.46  ? 13 G   B N9    1 
ATOM   540  C  C8    . G   B 2 12 ? 11.166  1.794   3.756   1.00 51.09  ? 13 G   B C8    1 
ATOM   541  N  N7    . G   B 2 12 ? 11.160  3.070   4.064   1.00 50.49  ? 13 G   B N7    1 
ATOM   542  C  C5    . G   B 2 12 ? 11.327  3.711   2.854   1.00 47.04  ? 13 G   B C5    1 
ATOM   543  C  C6    . G   B 2 12 ? 11.381  5.097   2.553   1.00 48.96  ? 13 G   B C6    1 
ATOM   544  O  O6    . G   B 2 12 ? 11.296  6.063   3.335   1.00 48.68  ? 13 G   B O6    1 
ATOM   545  N  N1    . G   B 2 12 ? 11.538  5.314   1.190   1.00 45.84  ? 13 G   B N1    1 
ATOM   546  C  C2    . G   B 2 12 ? 11.632  4.319   0.248   1.00 47.53  ? 13 G   B C2    1 
ATOM   547  N  N2    . G   B 2 12 ? 11.811  4.714   -1.014  1.00 47.30  ? 13 G   B N2    1 
ATOM   548  N  N3    . G   B 2 12 ? 11.568  3.026   0.524   1.00 45.21  ? 13 G   B N3    1 
ATOM   549  C  C4    . G   B 2 12 ? 11.420  2.802   1.834   1.00 46.90  ? 13 G   B C4    1 
HETATM 550  P  P     . S9L B 2 13 ? 15.954  -1.482  2.420   1.00 69.84  ? 14 S9L B P     1 
HETATM 551  O  O1P   . S9L B 2 13 ? 16.545  -2.872  2.360   1.00 76.30  ? 14 S9L B O1P   1 
HETATM 552  O  O2P   . S9L B 2 13 ? 15.819  -0.618  3.547   1.00 66.21  ? 14 S9L B O2P   1 
HETATM 553  O  "O5'" . S9L B 2 13 ? 16.296  -0.898  0.964   1.00 76.43  ? 14 S9L B "O5'" 1 
HETATM 554  C  C12   . S9L B 2 13 ? 16.065  -1.620  -0.250  1.00 78.69  ? 14 S9L B C12   1 
HETATM 555  C  C22   . S9L B 2 13 ? 15.904  -0.597  -1.385  1.00 84.29  ? 14 S9L B C22   1 
HETATM 556  O  OH3   . S9L B 2 13 ? 17.019  -0.728  -2.264  1.00 94.37  ? 14 S9L B OH3   1 
HETATM 557  C  C13   . S9L B 2 13 ? 19.438  -0.523  -1.696  1.00 100.58 ? 14 S9L B C13   1 
HETATM 558  C  C23   . S9L B 2 13 ? 18.081  0.209   -1.966  1.00 98.80  ? 14 S9L B C23   1 
HETATM 559  O  OH4   . S9L B 2 13 ? 20.149  -0.876  -2.918  1.00 102.60 ? 14 S9L B OH4   1 
HETATM 560  C  C14   . S9L B 2 13 ? 20.446  0.515   -4.969  1.00 92.67  ? 14 S9L B C14   1 
HETATM 561  C  C24   . S9L B 2 13 ? 20.918  0.205   -3.518  1.00 96.17  ? 14 S9L B C24   1 
HETATM 562  O  "O3'" . S9L B 2 13 ? 19.933  -0.668  -5.628  1.00 73.20  ? 14 S9L B "O3'" 1 
ATOM   563  P  P     . G   B 2 14 ? 18.591  -1.043  -6.434  1.00 69.55  ? 15 G   B P     1 
ATOM   564  O  OP1   . G   B 2 14 ? 17.392  -0.386  -5.827  1.00 76.38  ? 15 G   B OP1   1 
ATOM   565  O  OP2   . G   B 2 14 ? 18.570  -2.505  -6.680  1.00 72.01  ? 15 G   B OP2   1 
ATOM   566  O  "O5'" . G   B 2 14 ? 18.822  -0.409  -7.877  1.00 73.84  ? 15 G   B "O5'" 1 
ATOM   567  C  "C5'" . G   B 2 14 ? 19.152  0.960   -8.055  1.00 65.47  ? 15 G   B "C5'" 1 
ATOM   568  C  "C4'" . G   B 2 14 ? 19.045  1.310   -9.513  1.00 66.27  ? 15 G   B "C4'" 1 
ATOM   569  O  "O4'" . G   B 2 14 ? 20.153  0.710   -10.249 1.00 64.75  ? 15 G   B "O4'" 1 
ATOM   570  C  "C3'" . G   B 2 14 ? 17.786  0.791   -10.204 1.00 64.91  ? 15 G   B "C3'" 1 
ATOM   571  O  "O3'" . G   B 2 14 ? 16.762  1.768   -10.017 1.00 60.73  ? 15 G   B "O3'" 1 
ATOM   572  C  "C2'" . G   B 2 14 ? 18.237  0.745   -11.665 1.00 63.91  ? 15 G   B "C2'" 1 
ATOM   573  O  "O2'" . G   B 2 14 ? 18.235  2.035   -12.250 1.00 64.83  ? 15 G   B "O2'" 1 
ATOM   574  C  "C1'" . G   B 2 14 ? 19.698  0.307   -11.525 1.00 62.09  ? 15 G   B "C1'" 1 
ATOM   575  N  N9    . G   B 2 14 ? 19.828  -1.136  -11.624 1.00 60.46  ? 15 G   B N9    1 
ATOM   576  C  C8    . G   B 2 14 ? 19.982  -2.036  -10.604 1.00 60.90  ? 15 G   B C8    1 
ATOM   577  N  N7    . G   B 2 14 ? 20.014  -3.270  -11.018 1.00 59.14  ? 15 G   B N7    1 
ATOM   578  C  C5    . G   B 2 14 ? 19.901  -3.166  -12.396 1.00 58.62  ? 15 G   B C5    1 
ATOM   579  C  C6    . G   B 2 14 ? 19.893  -4.173  -13.401 1.00 58.04  ? 15 G   B C6    1 
ATOM   580  O  O6    . G   B 2 14 ? 20.019  -5.401  -13.264 1.00 53.38  ? 15 G   B O6    1 
ATOM   581  N  N1    . G   B 2 14 ? 19.728  -3.625  -14.664 1.00 56.42  ? 15 G   B N1    1 
ATOM   582  C  C2    . G   B 2 14 ? 19.625  -2.276  -14.929 1.00 59.99  ? 15 G   B C2    1 
ATOM   583  N  N2    . G   B 2 14 ? 19.490  -1.911  -16.218 1.00 58.74  ? 15 G   B N2    1 
ATOM   584  N  N3    . G   B 2 14 ? 19.657  -1.340  -14.003 1.00 58.28  ? 15 G   B N3    1 
ATOM   585  C  C4    . G   B 2 14 ? 19.787  -1.853  -12.774 1.00 57.37  ? 15 G   B C4    1 
ATOM   586  P  P     . G   B 2 15 ? 15.214  1.378   -10.157 1.00 59.34  ? 16 G   B P     1 
ATOM   587  O  OP1   . G   B 2 15 ? 14.541  2.559   -9.584  1.00 68.53  ? 16 G   B OP1   1 
ATOM   588  O  OP2   . G   B 2 15 ? 14.836  0.008   -9.740  1.00 53.87  ? 16 G   B OP2   1 
ATOM   589  O  "O5'" . G   B 2 15 ? 14.886  1.351   -11.706 1.00 63.40  ? 16 G   B "O5'" 1 
ATOM   590  C  "C5'" . G   B 2 15 ? 14.994  2.504   -12.504 1.00 62.51  ? 16 G   B "C5'" 1 
ATOM   591  C  "C4'" . G   B 2 15 ? 14.798  2.100   -13.935 1.00 67.29  ? 16 G   B "C4'" 1 
ATOM   592  O  "O4'" . G   B 2 15 ? 15.959  1.334   -14.364 1.00 66.52  ? 16 G   B "O4'" 1 
ATOM   593  C  "C3'" . G   B 2 15 ? 13.642  1.140   -14.147 1.00 67.40  ? 16 G   B "C3'" 1 
ATOM   594  O  "O3'" . G   B 2 15 ? 12.385  1.784   -14.243 1.00 63.09  ? 16 G   B "O3'" 1 
ATOM   595  C  "C2'" . G   B 2 15 ? 14.045  0.449   -15.438 1.00 67.38  ? 16 G   B "C2'" 1 
ATOM   596  O  "O2'" . G   B 2 15 ? 13.863  1.297   -16.550 1.00 69.53  ? 16 G   B "O2'" 1 
ATOM   597  C  "C1'" . G   B 2 15 ? 15.544  0.283   -15.222 1.00 66.84  ? 16 G   B "C1'" 1 
ATOM   598  N  N9    . G   B 2 15 ? 15.853  -0.988  -14.573 1.00 67.07  ? 16 G   B N9    1 
ATOM   599  C  C8    . G   B 2 15 ? 16.032  -1.204  -13.232 1.00 67.63  ? 16 G   B C8    1 
ATOM   600  N  N7    . G   B 2 15 ? 16.313  -2.447  -12.949 1.00 67.21  ? 16 G   B N7    1 
ATOM   601  C  C5    . G   B 2 15 ? 16.324  -3.086  -14.173 1.00 66.71  ? 16 G   B C5    1 
ATOM   602  C  C6    . G   B 2 15 ? 16.602  -4.434  -14.498 1.00 68.16  ? 16 G   B C6    1 
ATOM   603  O  O6    . G   B 2 15 ? 16.912  -5.364  -13.744 1.00 66.96  ? 16 G   B O6    1 
ATOM   604  N  N1    . G   B 2 15 ? 16.497  -4.660  -15.857 1.00 67.89  ? 16 G   B N1    1 
ATOM   605  C  C2    . G   B 2 15 ? 16.174  -3.710  -16.785 1.00 68.48  ? 16 G   B C2    1 
ATOM   606  N  N2    . G   B 2 15 ? 16.096  -4.135  -18.040 1.00 67.72  ? 16 G   B N2    1 
ATOM   607  N  N3    . G   B 2 15 ? 15.939  -2.441  -16.501 1.00 67.15  ? 16 G   B N3    1 
ATOM   608  C  C4    . G   B 2 15 ? 16.028  -2.203  -15.185 1.00 66.73  ? 16 G   B C4    1 
ATOM   609  P  P     . C   B 2 16 ? 11.076  1.000   -13.769 1.00 64.27  ? 17 C   B P     1 
ATOM   610  O  OP1   . C   B 2 16 ? 9.926   1.913   -13.928 1.00 67.95  ? 17 C   B OP1   1 
ATOM   611  O  OP2   . C   B 2 16 ? 11.369  0.394   -12.441 1.00 64.05  ? 17 C   B OP2   1 
ATOM   612  O  "O5'" . C   B 2 16 ? 10.871  -0.161  -14.832 1.00 62.34  ? 17 C   B "O5'" 1 
ATOM   613  C  "C5'" . C   B 2 16 ? 10.355  0.159   -16.111 1.00 65.44  ? 17 C   B "C5'" 1 
ATOM   614  C  "C4'" . C   B 2 16 ? 10.422  -1.026  -17.016 1.00 63.24  ? 17 C   B "C4'" 1 
ATOM   615  O  "O4'" . C   B 2 16 ? 11.778  -1.527  -17.008 1.00 70.12  ? 17 C   B "O4'" 1 
ATOM   616  C  "C3'" . C   B 2 16 ? 9.635   -2.216  -16.536 1.00 66.20  ? 17 C   B "C3'" 1 
ATOM   617  O  "O3'" . C   B 2 16 ? 8.280   -2.120  -16.872 1.00 68.04  ? 17 C   B "O3'" 1 
ATOM   618  C  "C2'" . C   B 2 16 ? 10.317  -3.357  -17.258 1.00 63.42  ? 17 C   B "C2'" 1 
ATOM   619  O  "O2'" . C   B 2 16 ? 9.966   -3.353  -18.625 1.00 66.87  ? 17 C   B "O2'" 1 
ATOM   620  C  "C1'" . C   B 2 16 ? 11.769  -2.941  -17.125 1.00 65.40  ? 17 C   B "C1'" 1 
ATOM   621  N  N1    . C   B 2 16 ? 12.383  -3.528  -15.920 1.00 66.34  ? 17 C   B N1    1 
ATOM   622  C  C2    . C   B 2 16 ? 12.791  -4.859  -15.975 1.00 66.75  ? 17 C   B C2    1 
ATOM   623  O  O2    . C   B 2 16 ? 12.622  -5.489  -17.026 1.00 68.28  ? 17 C   B O2    1 
ATOM   624  N  N3    . C   B 2 16 ? 13.343  -5.431  -14.885 1.00 66.22  ? 17 C   B N3    1 
ATOM   625  C  C4    . C   B 2 16 ? 13.475  -4.727  -13.759 1.00 66.26  ? 17 C   B C4    1 
ATOM   626  N  N4    . C   B 2 16 ? 13.988  -5.347  -12.695 1.00 61.40  ? 17 C   B N4    1 
ATOM   627  C  C5    . C   B 2 16 ? 13.074  -3.361  -13.673 1.00 64.68  ? 17 C   B C5    1 
ATOM   628  C  C6    . C   B 2 16 ? 12.537  -2.806  -14.771 1.00 66.43  ? 17 C   B C6    1 
ATOM   629  P  P     . A   B 2 17 ? 7.201   -2.787  -15.908 1.00 73.68  ? 18 A   B P     1 
ATOM   630  O  OP1   . A   B 2 17 ? 5.873   -2.409  -16.465 1.00 75.84  ? 18 A   B OP1   1 
ATOM   631  O  OP2   . A   B 2 17 ? 7.557   -2.431  -14.503 1.00 66.93  ? 18 A   B OP2   1 
ATOM   632  O  "O5'" . A   B 2 17 ? 7.406   -4.350  -16.139 1.00 71.96  ? 18 A   B "O5'" 1 
ATOM   633  C  "C5'" . A   B 2 17 ? 7.117   -4.909  -17.412 1.00 73.13  ? 18 A   B "C5'" 1 
ATOM   634  C  "C4'" . A   B 2 17 ? 7.462   -6.376  -17.452 1.00 74.43  ? 18 A   B "C4'" 1 
ATOM   635  O  "O4'" . A   B 2 17 ? 8.898   -6.546  -17.315 1.00 72.35  ? 18 A   B "O4'" 1 
ATOM   636  C  "C3'" . A   B 2 17 ? 6.896   -7.200  -16.317 1.00 75.11  ? 18 A   B "C3'" 1 
ATOM   637  O  "O3'" . A   B 2 17 ? 5.555   -7.584  -16.531 1.00 77.90  ? 18 A   B "O3'" 1 
ATOM   638  C  "C2'" . A   B 2 17 ? 7.822   -8.395  -16.301 1.00 75.43  ? 18 A   B "C2'" 1 
ATOM   639  O  "O2'" . A   B 2 17 ? 7.505   -9.278  -17.355 1.00 76.93  ? 18 A   B "O2'" 1 
ATOM   640  C  "C1'" . A   B 2 17 ? 9.161   -7.722  -16.577 1.00 71.66  ? 18 A   B "C1'" 1 
ATOM   641  N  N9    . A   B 2 17 ? 9.774   -7.348  -15.314 1.00 69.25  ? 18 A   B N9    1 
ATOM   642  C  C8    . A   B 2 17 ? 9.832   -6.130  -14.701 1.00 68.88  ? 18 A   B C8    1 
ATOM   643  N  N7    . A   B 2 17 ? 10.449  -6.152  -13.546 1.00 67.46  ? 18 A   B N7    1 
ATOM   644  C  C5    . A   B 2 17 ? 10.822  -7.474  -13.394 1.00 66.07  ? 18 A   B C5    1 
ATOM   645  C  C6    . A   B 2 17 ? 11.504  -8.147  -12.383 1.00 64.95  ? 18 A   B C6    1 
ATOM   646  N  N6    . A   B 2 17 ? 11.966  -7.567  -11.288 1.00 62.46  ? 18 A   B N6    1 
ATOM   647  N  N1    . A   B 2 17 ? 11.709  -9.463  -12.537 1.00 67.49  ? 18 A   B N1    1 
ATOM   648  C  C2    . A   B 2 17 ? 11.257  -10.056 -13.649 1.00 69.21  ? 18 A   B C2    1 
ATOM   649  N  N3    . A   B 2 17 ? 10.599  -9.529  -14.675 1.00 68.24  ? 18 A   B N3    1 
ATOM   650  C  C4    . A   B 2 17 ? 10.415  -8.219  -14.479 1.00 68.63  ? 18 A   B C4    1 
ATOM   651  P  P     . G   B 2 18 ? 4.586   -7.733  -15.262 1.00 79.78  ? 19 G   B P     1 
ATOM   652  O  OP1   . G   B 2 18 ? 3.195   -7.815  -15.768 1.00 76.89  ? 19 G   B OP1   1 
ATOM   653  O  OP2   . G   B 2 18 ? 4.971   -6.648  -14.325 1.00 80.55  ? 19 G   B OP2   1 
ATOM   654  O  "O5'" . G   B 2 18 ? 5.042   -9.115  -14.597 1.00 75.72  ? 19 G   B "O5'" 1 
ATOM   655  C  "C5'" . G   B 2 18 ? 5.061   -10.300 -15.372 1.00 74.86  ? 19 G   B "C5'" 1 
ATOM   656  C  "C4'" . G   B 2 18 ? 5.674   -11.463 -14.615 1.00 73.27  ? 19 G   B "C4'" 1 
ATOM   657  O  "O4'" . G   B 2 18 ? 7.096   -11.239 -14.411 1.00 72.48  ? 19 G   B "O4'" 1 
ATOM   658  C  "C3'" . G   B 2 18 ? 5.154   -11.686 -13.211 1.00 76.51  ? 19 G   B "C3'" 1 
ATOM   659  O  "O3'" . G   B 2 18 ? 3.916   -12.383 -13.209 1.00 80.09  ? 19 G   B "O3'" 1 
ATOM   660  C  "C2'" . G   B 2 18 ? 6.281   -12.492 -12.577 1.00 75.65  ? 19 G   B "C2'" 1 
ATOM   661  O  "O2'" . G   B 2 18 ? 6.296   -13.847 -12.978 1.00 78.58  ? 19 G   B "O2'" 1 
ATOM   662  C  "C1'" . G   B 2 18 ? 7.507   -11.835 -13.192 1.00 71.68  ? 19 G   B "C1'" 1 
ATOM   663  N  N9    . G   B 2 18 ? 8.058   -10.828 -12.299 1.00 69.26  ? 19 G   B N9    1 
ATOM   664  C  C8    . G   B 2 18 ? 7.898   -9.466  -12.362 1.00 68.01  ? 19 G   B C8    1 
ATOM   665  N  N7    . G   B 2 18 ? 8.482   -8.838  -11.377 1.00 67.97  ? 19 G   B N7    1 
ATOM   666  C  C5    . G   B 2 18 ? 9.066   -9.846  -10.622 1.00 68.30  ? 19 G   B C5    1 
ATOM   667  C  C6    . G   B 2 18 ? 9.820   -9.779  -9.427  1.00 67.73  ? 19 G   B C6    1 
ATOM   668  O  O6    . G   B 2 18 ? 10.114  -8.795  -8.763  1.00 67.79  ? 19 G   B O6    1 
ATOM   669  N  N1    . G   B 2 18 ? 10.234  -11.035 -9.008  1.00 69.43  ? 19 G   B N1    1 
ATOM   670  C  C2    . G   B 2 18 ? 9.942   -12.211 -9.643  1.00 68.80  ? 19 G   B C2    1 
ATOM   671  N  N2    . G   B 2 18 ? 10.424  -13.319 -9.054  1.00 69.15  ? 19 G   B N2    1 
ATOM   672  N  N3    . G   B 2 18 ? 9.229   -12.294 -10.758 1.00 67.10  ? 19 G   B N3    1 
ATOM   673  C  C4    . G   B 2 18 ? 8.827   -11.080 -11.188 1.00 68.30  ? 19 G   B C4    1 
ATOM   674  P  P     . A   B 2 19 ? 2.882   -12.161 -11.997 1.00 82.24  ? 20 A   B P     1 
ATOM   675  O  OP1   . A   B 2 19 ? 1.714   -13.064 -12.228 1.00 81.75  ? 20 A   B OP1   1 
ATOM   676  O  OP2   . A   B 2 19 ? 2.669   -10.695 -11.855 1.00 79.17  ? 20 A   B OP2   1 
ATOM   677  O  "O5'" . A   B 2 19 ? 3.671   -12.679 -10.708 1.00 79.83  ? 20 A   B "O5'" 1 
ATOM   678  C  "C5'" . A   B 2 19 ? 3.849   -14.070 -10.496 1.00 76.01  ? 20 A   B "C5'" 1 
ATOM   679  C  "C4'" . A   B 2 19 ? 4.818   -14.344 -9.362  1.00 72.11  ? 20 A   B "C4'" 1 
ATOM   680  O  "O4'" . A   B 2 19 ? 6.032   -13.580 -9.578  1.00 73.20  ? 20 A   B "O4'" 1 
ATOM   681  C  "C3'" . A   B 2 19 ? 4.373   -13.895 -7.985  1.00 72.70  ? 20 A   B "C3'" 1 
ATOM   682  O  "O3'" . A   B 2 19 ? 3.498   -14.816 -7.362  1.00 73.55  ? 20 A   B "O3'" 1 
ATOM   683  C  "C2'" . A   B 2 19 ? 5.690   -13.763 -7.238  1.00 71.97  ? 20 A   B "C2'" 1 
ATOM   684  O  "O2'" . A   B 2 19 ? 6.220   -14.991 -6.811  1.00 73.39  ? 20 A   B "O2'" 1 
ATOM   685  C  "C1'" . A   B 2 19 ? 6.592   -13.203 -8.326  1.00 70.90  ? 20 A   B "C1'" 1 
ATOM   686  N  N9    . A   B 2 19 ? 6.663   -11.749 -8.236  1.00 66.57  ? 20 A   B N9    1 
ATOM   687  C  C8    . A   B 2 19 ? 6.077   -10.781 -9.009  1.00 65.95  ? 20 A   B C8    1 
ATOM   688  N  N7    . A   B 2 19 ? 6.341   -9.559  -8.610  1.00 65.88  ? 20 A   B N7    1 
ATOM   689  C  C5    . A   B 2 19 ? 7.166   -9.742  -7.511  1.00 63.86  ? 20 A   B C5    1 
ATOM   690  C  C6    . A   B 2 19 ? 7.822   -8.847  -6.655  1.00 62.35  ? 20 A   B C6    1 
ATOM   691  N  N6    . A   B 2 19 ? 7.749   -7.524  -6.758  1.00 57.73  ? 20 A   B N6    1 
ATOM   692  N  N1    . A   B 2 19 ? 8.581   -9.368  -5.671  1.00 65.02  ? 20 A   B N1    1 
ATOM   693  C  C2    . A   B 2 19 ? 8.675   -10.694 -5.566  1.00 65.03  ? 20 A   B C2    1 
ATOM   694  N  N3    . A   B 2 19 ? 8.114   -11.631 -6.307  1.00 65.04  ? 20 A   B N3    1 
ATOM   695  C  C4    . A   B 2 19 ? 7.369   -11.084 -7.273  1.00 64.24  ? 20 A   B C4    1 
ATOM   696  P  P     . G   B 2 20 ? 2.293   -14.256 -6.479  1.00 73.07  ? 21 G   B P     1 
ATOM   697  O  OP1   . G   B 2 20 ? 1.448   -15.367 -5.979  1.00 78.35  ? 21 G   B OP1   1 
ATOM   698  O  OP2   . G   B 2 20 ? 1.683   -13.186 -7.301  1.00 73.56  ? 21 G   B OP2   1 
ATOM   699  O  "O5'" . G   B 2 20 ? 3.025   -13.613 -5.226  1.00 73.42  ? 21 G   B "O5'" 1 
ATOM   700  C  "C5'" . G   B 2 20 ? 3.975   -14.375 -4.502  1.00 71.93  ? 21 G   B "C5'" 1 
ATOM   701  C  "C4'" . G   B 2 20 ? 4.706   -13.515 -3.498  1.00 72.42  ? 21 G   B "C4'" 1 
ATOM   702  O  "O4'" . G   B 2 20 ? 5.619   -12.608 -4.183  1.00 72.72  ? 21 G   B "O4'" 1 
ATOM   703  C  "C3'" . G   B 2 20 ? 3.836   -12.600 -2.656  1.00 72.34  ? 21 G   B "C3'" 1 
ATOM   704  O  "O3'" . G   B 2 20 ? 3.345   -13.278 -1.518  1.00 73.78  ? 21 G   B "O3'" 1 
ATOM   705  C  "C2'" . G   B 2 20 ? 4.839   -11.548 -2.219  1.00 69.23  ? 21 G   B "C2'" 1 
ATOM   706  O  "O2'" . G   B 2 20 ? 5.674   -12.085 -1.214  1.00 71.22  ? 21 G   B "O2'" 1 
ATOM   707  C  "C1'" . G   B 2 20 ? 5.678   -11.382 -3.480  1.00 67.35  ? 21 G   B "C1'" 1 
ATOM   708  N  N9    . G   B 2 20 ? 5.175   -10.313 -4.333  1.00 64.39  ? 21 G   B N9    1 
ATOM   709  C  C8    . G   B 2 20 ? 4.279   -10.400 -5.376  1.00 61.52  ? 21 G   B C8    1 
ATOM   710  N  N7    . G   B 2 20 ? 4.060   -9.249  -5.959  1.00 59.08  ? 21 G   B N7    1 
ATOM   711  C  C5    . G   B 2 20 ? 4.853   -8.353  -5.254  1.00 59.54  ? 21 G   B C5    1 
ATOM   712  C  C6    . G   B 2 20 ? 5.047   -6.961  -5.432  1.00 57.88  ? 21 G   B C6    1 
ATOM   713  O  O6    . G   B 2 20 ? 4.557   -6.223  -6.292  1.00 58.20  ? 21 G   B O6    1 
ATOM   714  N  N1    . G   B 2 20 ? 5.922   -6.438  -4.481  1.00 58.26  ? 21 G   B N1    1 
ATOM   715  C  C2    . G   B 2 20 ? 6.542   -7.167  -3.496  1.00 59.92  ? 21 G   B C2    1 
ATOM   716  N  N2    . G   B 2 20 ? 7.350   -6.493  -2.675  1.00 59.04  ? 21 G   B N2    1 
ATOM   717  N  N3    . G   B 2 20 ? 6.379   -8.469  -3.332  1.00 59.79  ? 21 G   B N3    1 
ATOM   718  C  C4    . G   B 2 20 ? 5.530   -8.990  -4.239  1.00 60.40  ? 21 G   B C4    1 
ATOM   719  P  P     . A   B 2 21 ? 1.772   -13.293 -1.217  1.00 74.80  ? 22 A   B P     1 
ATOM   720  O  OP1   . A   B 2 21 ? 1.268   -14.539 -1.836  1.00 73.81  ? 22 A   B OP1   1 
ATOM   721  O  OP2   . A   B 2 21 ? 1.152   -11.995 -1.584  1.00 74.84  ? 22 A   B OP2   1 
ATOM   722  O  "O5'" . A   B 2 21 ? 1.718   -13.429 0.365   1.00 71.23  ? 22 A   B "O5'" 1 
ATOM   723  C  "C5'" . A   B 2 21 ? 1.862   -12.295 1.206   1.00 69.82  ? 22 A   B "C5'" 1 
ATOM   724  C  "C4'" . A   B 2 21 ? 3.103   -12.440 2.057   1.00 73.13  ? 22 A   B "C4'" 1 
ATOM   725  O  "O4'" . A   B 2 21 ? 4.266   -11.983 1.303   1.00 70.45  ? 22 A   B "O4'" 1 
ATOM   726  C  "C3'" . A   B 2 21 ? 3.124   -11.598 3.323   1.00 71.20  ? 22 A   B "C3'" 1 
ATOM   727  O  "O3'" . A   B 2 21 ? 2.424   -12.260 4.374   1.00 70.70  ? 22 A   B "O3'" 1 
ATOM   728  C  "C2'" . A   B 2 21 ? 4.620   -11.467 3.590   1.00 69.13  ? 22 A   B "C2'" 1 
ATOM   729  O  "O2'" . A   B 2 21 ? 5.202   -12.607 4.172   1.00 71.43  ? 22 A   B "O2'" 1 
ATOM   730  C  "C1'" . A   B 2 21 ? 5.177   -11.329 2.175   1.00 66.22  ? 22 A   B "C1'" 1 
ATOM   731  N  N9    . A   B 2 21 ? 5.277   -9.922  1.781   1.00 63.81  ? 22 A   B N9    1 
ATOM   732  C  C8    . A   B 2 21 ? 4.525   -9.259  0.849   1.00 61.26  ? 22 A   B C8    1 
ATOM   733  N  N7    . A   B 2 21 ? 4.806   -7.985  0.751   1.00 61.16  ? 22 A   B N7    1 
ATOM   734  C  C5    . A   B 2 21 ? 5.822   -7.798  1.675   1.00 61.59  ? 22 A   B C5    1 
ATOM   735  C  C6    . A   B 2 21 ? 6.550   -6.659  2.057   1.00 61.36  ? 22 A   B C6    1 
ATOM   736  N  N6    . A   B 2 21 ? 6.331   -5.448  1.547   1.00 63.29  ? 22 A   B N6    1 
ATOM   737  N  N1    . A   B 2 21 ? 7.512   -6.804  2.994   1.00 60.36  ? 22 A   B N1    1 
ATOM   738  C  C2    . A   B 2 21 ? 7.711   -8.015  3.505   1.00 61.12  ? 22 A   B C2    1 
ATOM   739  N  N3    . A   B 2 21 ? 7.076   -9.162  3.237   1.00 62.51  ? 22 A   B N3    1 
ATOM   740  C  C4    . A   B 2 21 ? 6.133   -8.980  2.304   1.00 61.70  ? 22 A   B C4    1 
ATOM   741  P  P     . A   B 2 22 ? 1.409   -11.431 5.308   1.00 75.13  ? 23 A   B P     1 
ATOM   742  O  OP1   . A   B 2 22 ? 0.772   -12.352 6.277   1.00 79.39  ? 23 A   B OP1   1 
ATOM   743  O  OP2   . A   B 2 22 ? 0.549   -10.575 4.454   1.00 71.74  ? 23 A   B OP2   1 
ATOM   744  O  "O5'" . A   B 2 22 ? 2.392   -10.535 6.174   1.00 73.14  ? 23 A   B "O5'" 1 
ATOM   745  C  "C5'" . A   B 2 22 ? 3.433   -11.147 6.898   1.00 67.03  ? 23 A   B "C5'" 1 
ATOM   746  C  "C4'" . A   B 2 22 ? 4.401   -10.109 7.369   1.00 69.10  ? 23 A   B "C4'" 1 
ATOM   747  O  "O4'" . A   B 2 22 ? 5.138   -9.584  6.228   1.00 72.14  ? 23 A   B "O4'" 1 
ATOM   748  C  "C3'" . A   B 2 22 ? 3.769   -8.885  8.009   1.00 69.43  ? 23 A   B "C3'" 1 
ATOM   749  O  "O3'" . A   B 2 22 ? 3.456   -9.118  9.376   1.00 68.62  ? 23 A   B "O3'" 1 
ATOM   750  C  "C2'" . A   B 2 22 ? 4.870   -7.847  7.822   1.00 69.06  ? 23 A   B "C2'" 1 
ATOM   751  O  "O2'" . A   B 2 22 ? 5.929   -8.057  8.729   1.00 68.98  ? 23 A   B "O2'" 1 
ATOM   752  C  "C1'" . A   B 2 22 ? 5.385   -8.196  6.418   1.00 68.16  ? 23 A   B "C1'" 1 
ATOM   753  N  N9    . A   B 2 22 ? 4.682   -7.433  5.374   1.00 64.12  ? 23 A   B N9    1 
ATOM   754  C  C8    . A   B 2 22 ? 3.713   -7.870  4.511   1.00 62.06  ? 23 A   B C8    1 
ATOM   755  N  N7    . A   B 2 22 ? 3.200   -6.916  3.774   1.00 60.61  ? 23 A   B N7    1 
ATOM   756  C  C5    . A   B 2 22 ? 3.898   -5.786  4.161   1.00 57.65  ? 23 A   B C5    1 
ATOM   757  C  C6    . A   B 2 22 ? 3.808   -4.458  3.765   1.00 57.35  ? 23 A   B C6    1 
ATOM   758  N  N6    . A   B 2 22 ? 2.918   -4.016  2.887   1.00 56.08  ? 23 A   B N6    1 
ATOM   759  N  N1    . A   B 2 22 ? 4.659   -3.576  4.316   1.00 57.33  ? 23 A   B N1    1 
ATOM   760  C  C2    . A   B 2 22 ? 5.528   -4.011  5.218   1.00 58.55  ? 23 A   B C2    1 
ATOM   761  N  N3    . A   B 2 22 ? 5.693   -5.238  5.690   1.00 60.66  ? 23 A   B N3    1 
ATOM   762  C  C4    . A   B 2 22 ? 4.834   -6.088  5.113   1.00 58.56  ? 23 A   B C4    1 
ATOM   763  P  P     . A   B 2 23 ? 2.232   -8.332  10.065  1.00 71.67  ? 24 A   B P     1 
ATOM   764  O  OP1   . A   B 2 23 ? 2.202   -8.801  11.469  1.00 80.22  ? 24 A   B OP1   1 
ATOM   765  O  OP2   . A   B 2 23 ? 0.991   -8.412  9.240   1.00 69.61  ? 24 A   B OP2   1 
ATOM   766  O  "O5'" . A   B 2 23 ? 2.745   -6.831  10.136  1.00 66.48  ? 24 A   B "O5'" 1 
ATOM   767  C  "C5'" . A   B 2 23 ? 3.861   -6.508  10.948  1.00 63.58  ? 24 A   B "C5'" 1 
ATOM   768  C  "C4'" . A   B 2 23 ? 4.252   -5.075  10.740  1.00 62.51  ? 24 A   B "C4'" 1 
ATOM   769  O  "O4'" . A   B 2 23 ? 4.615   -4.886  9.347   1.00 63.83  ? 24 A   B "O4'" 1 
ATOM   770  C  "C3'" . A   B 2 23 ? 3.141   -4.081  10.992  1.00 63.39  ? 24 A   B "C3'" 1 
ATOM   771  O  "O3'" . A   B 2 23 ? 3.101   -3.733  12.380  1.00 63.05  ? 24 A   B "O3'" 1 
ATOM   772  C  "C2'" . A   B 2 23 ? 3.586   -2.914  10.138  1.00 62.44  ? 24 A   B "C2'" 1 
ATOM   773  O  "O2'" . A   B 2 23 ? 4.650   -2.268  10.778  1.00 69.03  ? 24 A   B "O2'" 1 
ATOM   774  C  "C1'" . A   B 2 23 ? 4.164   -3.619  8.910   1.00 60.21  ? 24 A   B "C1'" 1 
ATOM   775  N  N9    . A   B 2 23 ? 3.170   -3.832  7.854   1.00 57.08  ? 24 A   B N9    1 
ATOM   776  C  C8    . A   B 2 23 ? 2.535   -5.000  7.523   1.00 55.50  ? 24 A   B C8    1 
ATOM   777  N  N7    . A   B 2 23 ? 1.670   -4.873  6.548   1.00 53.07  ? 24 A   B N7    1 
ATOM   778  C  C5    . A   B 2 23 ? 1.733   -3.532  6.217   1.00 52.07  ? 24 A   B C5    1 
ATOM   779  C  C6    . A   B 2 23 ? 1.026   -2.751  5.274   1.00 52.43  ? 24 A   B C6    1 
ATOM   780  N  N6    . A   B 2 23 ? 0.008   -3.207  4.520   1.00 48.96  ? 24 A   B N6    1 
ATOM   781  N  N1    . A   B 2 23 ? 1.379   -1.449  5.155   1.00 53.16  ? 24 A   B N1    1 
ATOM   782  C  C2    . A   B 2 23 ? 2.333   -0.961  5.976   1.00 50.66  ? 24 A   B C2    1 
ATOM   783  N  N3    . A   B 2 23 ? 3.021   -1.586  6.935   1.00 53.29  ? 24 A   B N3    1 
ATOM   784  C  C4    . A   B 2 23 ? 2.673   -2.884  6.997   1.00 53.10  ? 24 A   B C4    1 
ATOM   785  P  P     . C   B 2 24 ? 1.686   -3.429  13.083  1.00 64.39  ? 25 C   B P     1 
ATOM   786  O  OP1   . C   B 2 24 ? 1.876   -3.049  14.495  1.00 67.18  ? 25 C   B OP1   1 
ATOM   787  O  OP2   . C   B 2 24 ? 0.745   -4.526  12.724  1.00 60.07  ? 25 C   B OP2   1 
ATOM   788  O  "O5'" . C   B 2 24 ? 1.189   -2.104  12.367  1.00 63.86  ? 25 C   B "O5'" 1 
ATOM   789  C  "C5'" . C   B 2 24 ? 1.898   -0.885  12.524  1.00 56.77  ? 25 C   B "C5'" 1 
ATOM   790  C  "C4'" . C   B 2 24 ? 1.342   0.143   11.569  1.00 56.20  ? 25 C   B "C4'" 1 
ATOM   791  O  "O4'" . C   B 2 24 ? 1.480   -0.371  10.226  1.00 57.22  ? 25 C   B "O4'" 1 
ATOM   792  C  "C3'" . C   B 2 24 ? -0.148  0.357   11.694  1.00 55.69  ? 25 C   B "C3'" 1 
ATOM   793  O  "O3'" . C   B 2 24 ? -0.417  1.337   12.668  1.00 57.37  ? 25 C   B "O3'" 1 
ATOM   794  C  "C2'" . C   B 2 24 ? -0.518  0.873   10.325  1.00 54.07  ? 25 C   B "C2'" 1 
ATOM   795  O  "O2'" . C   B 2 24 ? -0.063  2.189   10.220  1.00 58.23  ? 25 C   B "O2'" 1 
ATOM   796  C  "C1'" . C   B 2 24 ? 0.386   0.036   9.442   1.00 52.69  ? 25 C   B "C1'" 1 
ATOM   797  N  N1    . C   B 2 24 ? -0.246  -1.155  8.879   1.00 51.87  ? 25 C   B N1    1 
ATOM   798  C  C2    . C   B 2 24 ? -0.982  -1.026  7.714   1.00 50.28  ? 25 C   B C2    1 
ATOM   799  O  O2    . C   B 2 24 ? -1.102  0.097   7.212   1.00 54.01  ? 25 C   B O2    1 
ATOM   800  N  N3    . C   B 2 24 ? -1.552  -2.100  7.157   1.00 51.33  ? 25 C   B N3    1 
ATOM   801  C  C4    . C   B 2 24 ? -1.415  -3.292  7.729   1.00 53.91  ? 25 C   B C4    1 
ATOM   802  N  N4    . C   B 2 24 ? -1.998  -4.349  7.136   1.00 48.75  ? 25 C   B N4    1 
ATOM   803  C  C5    . C   B 2 24 ? -0.676  -3.460  8.931   1.00 54.57  ? 25 C   B C5    1 
ATOM   804  C  C6    . C   B 2 24 ? -0.112  -2.367  9.473   1.00 54.69  ? 25 C   B C6    1 
ATOM   805  P  P     . A   B 2 25 ? -1.865  1.384   13.354  1.00 56.78  ? 26 A   B P     1 
ATOM   806  O  OP1   . A   B 2 25 ? -1.861  2.394   14.431  1.00 59.26  ? 26 A   B OP1   1 
ATOM   807  O  OP2   . A   B 2 25 ? -2.189  -0.032  13.656  1.00 57.60  ? 26 A   B OP2   1 
ATOM   808  O  "O5'" . A   B 2 25 ? -2.865  1.905   12.225  1.00 55.58  ? 26 A   B "O5'" 1 
ATOM   809  C  "C5'" . A   B 2 25 ? -2.879  3.277   11.874  1.00 56.68  ? 26 A   B "C5'" 1 
ATOM   810  C  "C4'" . A   B 2 25 ? -3.692  3.503   10.628  1.00 52.55  ? 26 A   B "C4'" 1 
ATOM   811  O  "O4'" . A   B 2 25 ? -3.221  2.621   9.591   1.00 54.76  ? 26 A   B "O4'" 1 
ATOM   812  C  "C3'" . A   B 2 25 ? -5.145  3.138   10.756  1.00 55.32  ? 26 A   B "C3'" 1 
ATOM   813  O  "O3'" . A   B 2 25 ? -5.887  4.186   11.338  1.00 61.63  ? 26 A   B "O3'" 1 
ATOM   814  C  "C2'" . A   B 2 25 ? -5.547  2.903   9.319   1.00 53.00  ? 26 A   B "C2'" 1 
ATOM   815  O  "O2'" . A   B 2 25 ? -5.691  4.137   8.668   1.00 55.34  ? 26 A   B "O2'" 1 
ATOM   816  C  "C1'" . A   B 2 25 ? -4.314  2.194   8.796   1.00 52.51  ? 26 A   B "C1'" 1 
ATOM   817  N  N9    . A   B 2 25 ? -4.427  0.749   8.945   1.00 51.77  ? 26 A   B N9    1 
ATOM   818  C  C8    . A   B 2 25 ? -3.789  -0.025  9.887   1.00 49.71  ? 26 A   B C8    1 
ATOM   819  N  N7    . A   B 2 25 ? -4.017  -1.312  9.747   1.00 49.70  ? 26 A   B N7    1 
ATOM   820  C  C5    . A   B 2 25 ? -4.886  -1.382  8.657   1.00 47.43  ? 26 A   B C5    1 
ATOM   821  C  C6    . A   B 2 25 ? -5.490  -2.465  8.008   1.00 49.02  ? 26 A   B C6    1 
ATOM   822  N  N6    . A   B 2 25 ? -5.301  -3.738  8.369   1.00 49.92  ? 26 A   B N6    1 
ATOM   823  N  N1    . A   B 2 25 ? -6.289  -2.206  6.959   1.00 48.65  ? 26 A   B N1    1 
ATOM   824  C  C2    . A   B 2 25 ? -6.452  -0.931  6.593   1.00 51.39  ? 26 A   B C2    1 
ATOM   825  N  N3    . A   B 2 25 ? -5.935  0.173   7.121   1.00 49.19  ? 26 A   B N3    1 
ATOM   826  C  C4    . A   B 2 25 ? -5.152  -0.126  8.164   1.00 48.12  ? 26 A   B C4    1 
ATOM   827  P  P     . C   B 2 26 ? -7.092  3.829   12.324  1.00 62.83  ? 27 C   B P     1 
ATOM   828  O  OP1   . C   B 2 26 ? -7.571  5.118   12.846  1.00 63.96  ? 27 C   B OP1   1 
ATOM   829  O  OP2   . C   B 2 26 ? -6.604  2.783   13.262  1.00 61.19  ? 27 C   B OP2   1 
ATOM   830  O  "O5'" . C   B 2 26 ? -8.192  3.189   11.361  1.00 60.03  ? 27 C   B "O5'" 1 
ATOM   831  C  "C5'" . C   B 2 26 ? -8.796  3.978   10.340  1.00 57.70  ? 27 C   B "C5'" 1 
ATOM   832  C  "C4'" . C   B 2 26 ? -9.558  3.114   9.356   1.00 56.08  ? 27 C   B "C4'" 1 
ATOM   833  O  "O4'" . C   B 2 26 ? -8.662  2.143   8.754   1.00 56.53  ? 27 C   B "O4'" 1 
ATOM   834  C  "C3'" . C   B 2 26 ? -10.625 2.235   9.963   1.00 55.52  ? 27 C   B "C3'" 1 
ATOM   835  O  "O3'" . C   B 2 26 ? -11.820 2.948   10.162  1.00 64.26  ? 27 C   B "O3'" 1 
ATOM   836  C  "C2'" . C   B 2 26 ? -10.799 1.162   8.908   1.00 56.29  ? 27 C   B "C2'" 1 
ATOM   837  O  "O2'" . C   B 2 26 ? -11.506 1.643   7.796   1.00 58.36  ? 27 C   B "O2'" 1 
ATOM   838  C  "C1'" . C   B 2 26 ? -9.366  0.936   8.472   1.00 53.80  ? 27 C   B "C1'" 1 
ATOM   839  N  N1    . C   B 2 26 ? -8.764  -0.162  9.237   1.00 51.31  ? 27 C   B N1    1 
ATOM   840  C  C2    . C   B 2 26 ? -8.947  -1.470  8.795   1.00 51.01  ? 27 C   B C2    1 
ATOM   841  O  O2    . C   B 2 26 ? -9.629  -1.668  7.785   1.00 49.85  ? 27 C   B O2    1 
ATOM   842  N  N3    . C   B 2 26 ? -8.379  -2.496  9.483   1.00 49.64  ? 27 C   B N3    1 
ATOM   843  C  C4    . C   B 2 26 ? -7.659  -2.241  10.575  1.00 50.84  ? 27 C   B C4    1 
ATOM   844  N  N4    . C   B 2 26 ? -7.099  -3.279  11.218  1.00 52.80  ? 27 C   B N4    1 
ATOM   845  C  C5    . C   B 2 26 ? -7.468  -0.911  11.060  1.00 49.25  ? 27 C   B C5    1 
ATOM   846  C  C6    . C   B 2 26 ? -8.033  0.090   10.366  1.00 51.40  ? 27 C   B C6    1 
ATOM   847  P  P     . A   B 2 27 ? -12.760 2.590   11.417  1.00 59.94  ? 28 A   B P     1 
ATOM   848  O  OP1   . A   B 2 27 ? -13.774 3.659   11.481  1.00 61.93  ? 28 A   B OP1   1 
ATOM   849  O  OP2   . A   B 2 27 ? -11.902 2.320   12.591  1.00 59.21  ? 28 A   B OP2   1 
ATOM   850  O  "O5'" . A   B 2 27 ? -13.471 1.253   10.952  1.00 58.26  ? 28 A   B "O5'" 1 
ATOM   851  C  "C5'" . A   B 2 27 ? -14.312 1.284   9.827   1.00 55.84  ? 28 A   B "C5'" 1 
ATOM   852  C  "C4'" . A   B 2 27 ? -14.730 -0.101  9.455   1.00 60.16  ? 28 A   B "C4'" 1 
ATOM   853  O  "O4'" . A   B 2 27 ? -13.560 -0.849  9.019   1.00 60.21  ? 28 A   B "O4'" 1 
ATOM   854  C  "C3'" . A   B 2 27 ? -15.296 -0.937  10.590  1.00 57.89  ? 28 A   B "C3'" 1 
ATOM   855  O  "O3'" . A   B 2 27 ? -16.670 -0.661  10.785  1.00 61.41  ? 28 A   B "O3'" 1 
ATOM   856  C  "C2'" . A   B 2 27 ? -15.080 -2.340  10.046  1.00 60.07  ? 28 A   B "C2'" 1 
ATOM   857  O  "O2'" . A   B 2 27 ? -16.007 -2.585  9.012   1.00 57.06  ? 28 A   B "O2'" 1 
ATOM   858  C  "C1'" . A   B 2 27 ? -13.694 -2.208  9.405   1.00 58.41  ? 28 A   B "C1'" 1 
ATOM   859  N  N9    . A   B 2 27 ? -12.620 -2.527  10.349  1.00 54.60  ? 28 A   B N9    1 
ATOM   860  C  C8    . A   B 2 27 ? -11.904 -1.665  11.129  1.00 52.35  ? 28 A   B C8    1 
ATOM   861  N  N7    . A   B 2 27 ? -10.989 -2.259  11.868  1.00 53.30  ? 28 A   B N7    1 
ATOM   862  C  C5    . A   B 2 27 ? -11.124 -3.600  11.549  1.00 51.00  ? 28 A   B C5    1 
ATOM   863  C  C6    . A   B 2 27 ? -10.424 -4.744  11.969  1.00 52.82  ? 28 A   B C6    1 
ATOM   864  N  N6    . A   B 2 27 ? -9.412  -4.716  12.847  1.00 52.11  ? 28 A   B N6    1 
ATOM   865  N  N1    . A   B 2 27 ? -10.787 -5.929  11.444  1.00 53.29  ? 28 A   B N1    1 
ATOM   866  C  C2    . A   B 2 27 ? -11.795 -5.955  10.557  1.00 52.82  ? 28 A   B C2    1 
ATOM   867  N  N3    . A   B 2 27 ? -12.522 -4.948  10.085  1.00 52.26  ? 28 A   B N3    1 
ATOM   868  C  C4    . A   B 2 27 ? -12.126 -3.784  10.625  1.00 50.80  ? 28 A   B C4    1 
ATOM   869  P  P     . C   B 2 28 ? -17.313 -0.768  12.260  1.00 61.10  ? 29 C   B P     1 
ATOM   870  O  OP1   . C   B 2 28 ? -18.678 -0.235  12.093  1.00 69.07  ? 29 C   B OP1   1 
ATOM   871  O  OP2   . C   B 2 28 ? -16.443 -0.207  13.306  1.00 64.84  ? 29 C   B OP2   1 
ATOM   872  O  "O5'" . C   B 2 28 ? -17.409 -2.336  12.516  1.00 59.23  ? 29 C   B "O5'" 1 
ATOM   873  C  "C5'" . C   B 2 28 ? -18.274 -3.121  11.714  1.00 57.20  ? 29 C   B "C5'" 1 
ATOM   874  C  "C4'" . C   B 2 28 ? -17.938 -4.587  11.834  1.00 57.71  ? 29 C   B "C4'" 1 
ATOM   875  O  "O4'" . C   B 2 28 ? -16.574 -4.786  11.380  1.00 59.83  ? 29 C   B "O4'" 1 
ATOM   876  C  "C3'" . C   B 2 28 ? -17.956 -5.178  13.240  1.00 55.20  ? 29 C   B "C3'" 1 
ATOM   877  O  "O3'" . C   B 2 28 ? -19.280 -5.543  13.626  1.00 55.93  ? 29 C   B "O3'" 1 
ATOM   878  C  "C2'" . C   B 2 28 ? -17.046 -6.390  13.063  1.00 55.47  ? 29 C   B "C2'" 1 
ATOM   879  O  "O2'" . C   B 2 28 ? -17.647 -7.450  12.358  1.00 53.39  ? 29 C   B "O2'" 1 
ATOM   880  C  "C1'" . C   B 2 28 ? -15.973 -5.822  12.140  1.00 57.14  ? 29 C   B "C1'" 1 
ATOM   881  N  N1    . C   B 2 28 ? -14.861 -5.282  12.939  1.00 51.10  ? 29 C   B N1    1 
ATOM   882  C  C2    . C   B 2 28 ? -13.874 -6.170  13.319  1.00 49.64  ? 29 C   B C2    1 
ATOM   883  O  O2    . C   B 2 28 ? -13.983 -7.348  12.936  1.00 48.64  ? 29 C   B O2    1 
ATOM   884  N  N3    . C   B 2 28 ? -12.836 -5.740  14.087  1.00 49.25  ? 29 C   B N3    1 
ATOM   885  C  C4    . C   B 2 28 ? -12.774 -4.456  14.457  1.00 51.02  ? 29 C   B C4    1 
ATOM   886  N  N4    . C   B 2 28 ? -11.734 -4.063  15.198  1.00 51.30  ? 29 C   B N4    1 
ATOM   887  C  C5    . C   B 2 28 ? -13.782 -3.516  14.079  1.00 50.06  ? 29 C   B C5    1 
ATOM   888  C  C6    . C   B 2 28 ? -14.802 -3.972  13.323  1.00 50.83  ? 29 C   B C6    1 
ATOM   889  P  P     . G   B 2 29 ? -19.673 -5.673  15.186  1.00 57.84  ? 30 G   B P     1 
ATOM   890  O  OP1   . G   B 2 29 ? -21.120 -5.985  15.151  1.00 66.22  ? 30 G   B OP1   1 
ATOM   891  O  OP2   . G   B 2 29 ? -19.189 -4.533  16.017  1.00 56.10  ? 30 G   B OP2   1 
ATOM   892  O  "O5'" . G   B 2 29 ? -18.885 -6.964  15.687  1.00 51.98  ? 30 G   B "O5'" 1 
ATOM   893  C  "C5'" . G   B 2 29 ? -19.161 -8.233  15.130  1.00 52.48  ? 30 G   B "C5'" 1 
ATOM   894  C  "C4'" . G   B 2 29 ? -18.294 -9.305  15.776  1.00 57.66  ? 30 G   B "C4'" 1 
ATOM   895  O  "O4'" . G   B 2 29 ? -16.937 -9.191  15.260  1.00 59.19  ? 30 G   B "O4'" 1 
ATOM   896  C  "C3'" . G   B 2 29 ? -18.116 -9.287  17.298  1.00 60.42  ? 30 G   B "C3'" 1 
ATOM   897  O  "O3'" . G   B 2 29 ? -19.169 -9.898  18.040  1.00 55.09  ? 30 G   B "O3'" 1 
ATOM   898  C  "C2'" . G   B 2 29 ? -16.827 -10.071 17.448  1.00 56.30  ? 30 G   B "C2'" 1 
ATOM   899  O  "O2'" . G   B 2 29 ? -17.097 -11.432 17.156  1.00 59.66  ? 30 G   B "O2'" 1 
ATOM   900  C  "C1'" . G   B 2 29 ? -16.009 -9.513  16.283  1.00 58.74  ? 30 G   B "C1'" 1 
ATOM   901  N  N9    . G   B 2 29 ? -15.274 -8.302  16.665  1.00 56.23  ? 30 G   B N9    1 
ATOM   902  C  C8    . G   B 2 29 ? -15.641 -6.995  16.455  1.00 57.46  ? 30 G   B C8    1 
ATOM   903  N  N7    . G   B 2 29 ? -14.791 -6.133  16.957  1.00 55.59  ? 30 G   B N7    1 
ATOM   904  C  C5    . G   B 2 29 ? -13.792 -6.924  17.508  1.00 56.31  ? 30 G   B C5    1 
ATOM   905  C  C6    . G   B 2 29 ? -12.603 -6.562  18.188  1.00 55.56  ? 30 G   B C6    1 
ATOM   906  O  O6    . G   B 2 29 ? -12.160 -5.434  18.408  1.00 53.00  ? 30 G   B O6    1 
ATOM   907  N  N1    . G   B 2 29 ? -11.905 -7.679  18.634  1.00 55.06  ? 30 G   B N1    1 
ATOM   908  C  C2    . G   B 2 29 ? -12.294 -8.976  18.433  1.00 59.05  ? 30 G   B C2    1 
ATOM   909  N  N2    . G   B 2 29 ? -11.525 -9.940  18.986  1.00 61.11  ? 30 G   B N2    1 
ATOM   910  N  N3    . G   B 2 29 ? -13.373 -9.321  17.757  1.00 59.40  ? 30 G   B N3    1 
ATOM   911  C  C4    . G   B 2 29 ? -14.076 -8.259  17.339  1.00 56.74  ? 30 G   B C4    1 
ATOM   912  P  P     . A   B 2 30 ? -19.600 -9.289  19.471  1.00 58.54  ? 31 A   B P     1 
ATOM   913  O  OP1   . A   B 2 30 ? -20.796 -10.124 19.807  1.00 62.72  ? 31 A   B OP1   1 
ATOM   914  O  OP2   . A   B 2 30 ? -19.738 -7.811  19.421  1.00 56.87  ? 31 A   B OP2   1 
ATOM   915  O  "O5'" . A   B 2 30 ? -18.372 -9.603  20.447  1.00 52.09  ? 31 A   B "O5'" 1 
ATOM   916  C  "C5'" . A   B 2 30 ? -17.863 -10.919 20.549  1.00 57.06  ? 31 A   B "C5'" 1 
ATOM   917  C  "C4'" . A   B 2 30 ? -16.619 -10.966 21.404  1.00 64.03  ? 31 A   B "C4'" 1 
ATOM   918  O  "O4'" . A   B 2 30 ? -15.474 -10.452 20.662  1.00 67.50  ? 31 A   B "O4'" 1 
ATOM   919  C  "C3'" . A   B 2 30 ? -16.622 -10.094 22.650  1.00 66.91  ? 31 A   B "C3'" 1 
ATOM   920  O  "O3'" . A   B 2 30 ? -17.387 -10.499 23.775  1.00 72.10  ? 31 A   B "O3'" 1 
ATOM   921  C  "C2'" . A   B 2 30 ? -15.145 -9.990  22.958  1.00 65.31  ? 31 A   B "C2'" 1 
ATOM   922  O  "O2'" . A   B 2 30 ? -14.686 -11.235 23.431  1.00 75.27  ? 31 A   B "O2'" 1 
ATOM   923  C  "C1'" . A   B 2 30 ? -14.556 -9.840  21.563  1.00 65.32  ? 31 A   B "C1'" 1 
ATOM   924  N  N9    . A   B 2 30 ? -14.412 -8.422  21.262  1.00 64.81  ? 31 A   B N9    1 
ATOM   925  C  C8    . A   B 2 30 ? -15.340 -7.571  20.735  1.00 64.21  ? 31 A   B C8    1 
ATOM   926  N  N7    . A   B 2 30 ? -14.949 -6.323  20.695  1.00 61.57  ? 31 A   B N7    1 
ATOM   927  C  C5    . A   B 2 30 ? -13.665 -6.360  21.199  1.00 60.50  ? 31 A   B C5    1 
ATOM   928  C  C6    . A   B 2 30 ? -12.719 -5.361  21.433  1.00 58.90  ? 31 A   B C6    1 
ATOM   929  N  N6    . A   B 2 30 ? -12.928 -4.068  21.187  1.00 53.05  ? 31 A   B N6    1 
ATOM   930  N  N1    . A   B 2 30 ? -11.540 -5.732  21.954  1.00 57.95  ? 31 A   B N1    1 
ATOM   931  C  C2    . A   B 2 30 ? -11.340 -7.014  22.219  1.00 57.76  ? 31 A   B C2    1 
ATOM   932  N  N3    . A   B 2 30 ? -12.150 -8.046  22.047  1.00 60.27  ? 31 A   B N3    1 
ATOM   933  C  C4    . A   B 2 30 ? -13.312 -7.649  21.531  1.00 61.70  ? 31 A   B C4    1 
ATOM   934  O  "O5'" . U   C 3 1  ? -4.102  -1.491  22.223  1.00 63.78  ? 31 U   C "O5'" 1 
ATOM   935  C  "C5'" . U   C 3 1  ? -3.325  -2.025  23.291  1.00 61.50  ? 31 U   C "C5'" 1 
ATOM   936  C  "C4'" . U   C 3 1  ? -3.796  -3.389  23.736  1.00 62.05  ? 31 U   C "C4'" 1 
ATOM   937  O  "O4'" . U   C 3 1  ? -5.053  -3.248  24.453  1.00 62.32  ? 31 U   C "O4'" 1 
ATOM   938  C  "C3'" . U   C 3 1  ? -4.089  -4.396  22.634  1.00 61.42  ? 31 U   C "C3'" 1 
ATOM   939  O  "O3'" . U   C 3 1  ? -2.911  -5.099  22.276  1.00 55.75  ? 31 U   C "O3'" 1 
ATOM   940  C  "C2'" . U   C 3 1  ? -5.060  -5.337  23.330  1.00 60.66  ? 31 U   C "C2'" 1 
ATOM   941  O  "O2'" . U   C 3 1  ? -4.385  -6.225  24.199  1.00 60.99  ? 31 U   C "O2'" 1 
ATOM   942  C  "C1'" . U   C 3 1  ? -5.882  -4.357  24.172  1.00 61.90  ? 31 U   C "C1'" 1 
ATOM   943  N  N1    . U   C 3 1  ? -7.068  -3.866  23.457  1.00 63.87  ? 31 U   C N1    1 
ATOM   944  C  C2    . U   C 3 1  ? -8.149  -4.732  23.306  1.00 61.48  ? 31 U   C C2    1 
ATOM   945  O  O2    . U   C 3 1  ? -8.169  -5.862  23.770  1.00 61.68  ? 31 U   C O2    1 
ATOM   946  N  N3    . U   C 3 1  ? -9.202  -4.222  22.598  1.00 61.38  ? 31 U   C N3    1 
ATOM   947  C  C4    . U   C 3 1  ? -9.291  -2.960  22.046  1.00 63.05  ? 31 U   C C4    1 
ATOM   948  O  O4    . U   C 3 1  ? -10.327 -2.620  21.486  1.00 55.60  ? 31 U   C O4    1 
ATOM   949  C  C5    . U   C 3 1  ? -8.139  -2.126  22.257  1.00 61.71  ? 31 U   C C5    1 
ATOM   950  C  C6    . U   C 3 1  ? -7.101  -2.594  22.941  1.00 61.42  ? 31 U   C C6    1 
ATOM   951  P  P     . C   C 3 2  ? -2.714  -5.638  20.774  1.00 59.66  ? 32 C   C P     1 
ATOM   952  O  OP1   . C   C 3 2  ? -1.273  -6.000  20.735  1.00 67.44  ? 32 C   C OP1   1 
ATOM   953  O  OP2   . C   C 3 2  ? -3.297  -4.690  19.765  1.00 59.91  ? 32 C   C OP2   1 
ATOM   954  O  "O5'" . C   C 3 2  ? -3.500  -7.018  20.682  1.00 59.20  ? 32 C   C "O5'" 1 
ATOM   955  C  "C5'" . C   C 3 2  ? -3.163  -8.097  21.532  1.00 54.49  ? 32 C   C "C5'" 1 
ATOM   956  C  "C4'" . C   C 3 2  ? -4.296  -9.086  21.574  1.00 58.84  ? 32 C   C "C4'" 1 
ATOM   957  O  "O4'" . C   C 3 2  ? -5.493  -8.463  22.151  1.00 57.84  ? 32 C   C "O4'" 1 
ATOM   958  C  "C3'" . C   C 3 2  ? -4.758  -9.548  20.208  1.00 55.49  ? 32 C   C "C3'" 1 
ATOM   959  O  "O3'" . C   C 3 2  ? -3.952  -10.587 19.727  1.00 51.84  ? 32 C   C "O3'" 1 
ATOM   960  C  "C2'" . C   C 3 2  ? -6.173  -10.019 20.498  1.00 53.92  ? 32 C   C "C2'" 1 
ATOM   961  O  "O2'" . C   C 3 2  ? -6.188  -11.229 21.206  1.00 54.40  ? 32 C   C "O2'" 1 
ATOM   962  C  "C1'" . C   C 3 2  ? -6.641  -8.962  21.484  1.00 54.49  ? 32 C   C "C1'" 1 
ATOM   963  N  N1    . C   C 3 2  ? -7.295  -7.862  20.774  1.00 57.29  ? 32 C   C N1    1 
ATOM   964  C  C2    . C   C 3 2  ? -8.612  -8.037  20.328  1.00 55.54  ? 32 C   C C2    1 
ATOM   965  O  O2    . C   C 3 2  ? -9.131  -9.134  20.451  1.00 49.29  ? 32 C   C O2    1 
ATOM   966  N  N3    . C   C 3 2  ? -9.271  -7.001  19.767  1.00 55.09  ? 32 C   C N3    1 
ATOM   967  C  C4    . C   C 3 2  ? -8.663  -5.824  19.640  1.00 56.51  ? 32 C   C C4    1 
ATOM   968  N  N4    . C   C 3 2  ? -9.376  -4.796  19.178  1.00 54.96  ? 32 C   C N4    1 
ATOM   969  C  C5    . C   C 3 2  ? -7.294  -5.639  20.012  1.00 58.42  ? 32 C   C C5    1 
ATOM   970  C  C6    . C   C 3 2  ? -6.654  -6.678  20.569  1.00 56.98  ? 32 C   C C6    1 
ATOM   971  P  P     . G   C 3 3  ? -3.777  -10.781 18.159  1.00 58.33  ? 33 G   C P     1 
ATOM   972  O  OP1   . G   C 3 3  ? -2.675  -11.752 18.008  1.00 60.13  ? 33 G   C OP1   1 
ATOM   973  O  OP2   . G   C 3 3  ? -3.722  -9.443  17.490  1.00 55.64  ? 33 G   C OP2   1 
ATOM   974  O  "O5'" . G   C 3 3  ? -5.103  -11.471 17.627  1.00 58.22  ? 33 G   C "O5'" 1 
ATOM   975  C  "C5'" . G   C 3 3  ? -5.495  -12.770 18.047  1.00 57.02  ? 33 G   C "C5'" 1 
ATOM   976  C  "C4'" . G   C 3 3  ? -6.847  -13.087 17.463  1.00 57.76  ? 33 G   C "C4'" 1 
ATOM   977  O  "O4'" . G   C 3 3  ? -7.837  -12.171 17.997  1.00 59.83  ? 33 G   C "O4'" 1 
ATOM   978  C  "C3'" . G   C 3 3  ? -6.930  -12.905 15.964  1.00 59.40  ? 33 G   C "C3'" 1 
ATOM   979  O  "O3'" . G   C 3 3  ? -6.543  -14.122 15.363  1.00 58.18  ? 33 G   C "O3'" 1 
ATOM   980  C  "C2'" . G   C 3 3  ? -8.417  -12.636 15.745  1.00 57.60  ? 33 G   C "C2'" 1 
ATOM   981  O  "O2'" . G   C 3 3  ? -9.154  -13.815 15.820  1.00 52.42  ? 33 G   C "O2'" 1 
ATOM   982  C  "C1'" . G   C 3 3  ? -8.759  -11.807 16.977  1.00 55.24  ? 33 G   C "C1'" 1 
ATOM   983  N  N9    . G   C 3 3  ? -8.637  -10.365 16.782  1.00 56.37  ? 33 G   C N9    1 
ATOM   984  C  C8    . G   C 3 3  ? -7.641  -9.548  17.264  1.00 56.54  ? 33 G   C C8    1 
ATOM   985  N  N7    . G   C 3 3  ? -7.855  -8.277  17.023  1.00 55.93  ? 33 G   C N7    1 
ATOM   986  C  C5    . G   C 3 3  ? -9.044  -8.259  16.316  1.00 53.58  ? 33 G   C C5    1 
ATOM   987  C  C6    . G   C 3 3  ? -9.791  -7.172  15.824  1.00 53.97  ? 33 G   C C6    1 
ATOM   988  O  O6    . G   C 3 3  ? -9.548  -5.957  15.929  1.00 56.15  ? 33 G   C O6    1 
ATOM   989  N  N1    . G   C 3 3  ? -10.950 -7.600  15.182  1.00 54.46  ? 33 G   C N1    1 
ATOM   990  C  C2    . G   C 3 3  ? -11.340 -8.912  15.051  1.00 54.20  ? 33 G   C C2    1 
ATOM   991  N  N2    . G   C 3 3  ? -12.489 -9.127  14.428  1.00 56.85  ? 33 G   C N2    1 
ATOM   992  N  N3    . G   C 3 3  ? -10.652 -9.936  15.507  1.00 52.79  ? 33 G   C N3    1 
ATOM   993  C  C4    . G   C 3 3  ? -9.527  -9.542  16.131  1.00 55.20  ? 33 G   C C4    1 
ATOM   994  P  P     . U   C 3 4  ? -6.108  -14.138 13.828  1.00 61.76  ? 34 U   C P     1 
ATOM   995  O  OP1   . U   C 3 4  ? -5.802  -15.547 13.471  1.00 62.97  ? 34 U   C OP1   1 
ATOM   996  O  OP2   . U   C 3 4  ? -5.079  -13.092 13.683  1.00 64.46  ? 34 U   C OP2   1 
ATOM   997  O  "O5'" . U   C 3 4  ? -7.407  -13.677 13.027  1.00 62.43  ? 34 U   C "O5'" 1 
ATOM   998  C  "C5'" . U   C 3 4  ? -8.418  -14.619 12.753  1.00 59.64  ? 34 U   C "C5'" 1 
ATOM   999  C  "C4'" . U   C 3 4  ? -9.624  -13.970 12.137  1.00 59.02  ? 34 U   C "C4'" 1 
ATOM   1000 O  "O4'" . U   C 3 4  ? -10.066 -12.858 12.963  1.00 60.00  ? 34 U   C "O4'" 1 
ATOM   1001 C  "C3'" . U   C 3 4  ? -9.392  -13.322 10.795  1.00 60.08  ? 34 U   C "C3'" 1 
ATOM   1002 O  "O3'" . U   C 3 4  ? -9.448  -14.269 9.766   1.00 63.51  ? 34 U   C "O3'" 1 
ATOM   1003 C  "C2'" . U   C 3 4  ? -10.560 -12.364 10.716  1.00 61.80  ? 34 U   C "C2'" 1 
ATOM   1004 O  "O2'" . U   C 3 4  ? -11.747 -13.097 10.518  1.00 66.21  ? 34 U   C "O2'" 1 
ATOM   1005 C  "C1'" . U   C 3 4  ? -10.605 -11.843 12.140  1.00 58.05  ? 34 U   C "C1'" 1 
ATOM   1006 N  N1    . U   C 3 4  ? -9.797  -10.626 12.275  1.00 59.64  ? 34 U   C N1    1 
ATOM   1007 C  C2    . U   C 3 4  ? -10.395 -9.451  11.906  1.00 59.84  ? 34 U   C C2    1 
ATOM   1008 O  O2    . U   C 3 4  ? -11.493 -9.422  11.404  1.00 63.95  ? 34 U   C O2    1 
ATOM   1009 N  N3    . U   C 3 4  ? -9.655  -8.312  12.130  1.00 55.48  ? 34 U   C N3    1 
ATOM   1010 C  C4    . U   C 3 4  ? -8.396  -8.238  12.655  1.00 53.99  ? 34 U   C C4    1 
ATOM   1011 O  O4    . U   C 3 4  ? -7.882  -7.140  12.812  1.00 55.17  ? 34 U   C O4    1 
ATOM   1012 C  C5    . U   C 3 4  ? -7.809  -9.504  12.956  1.00 53.78  ? 34 U   C C5    1 
ATOM   1013 C  C6    . U   C 3 4  ? -8.514  -10.635 12.757  1.00 58.72  ? 34 U   C C6    1 
ATOM   1014 P  P     . G   C 3 5  ? -8.615  -14.015 8.431   1.00 64.08  ? 35 G   C P     1 
ATOM   1015 O  OP1   . G   C 3 5  ? -8.675  -15.278 7.658   1.00 62.25  ? 35 G   C OP1   1 
ATOM   1016 O  OP2   . G   C 3 5  ? -7.301  -13.445 8.790   1.00 58.14  ? 35 G   C OP2   1 
ATOM   1017 O  "O5'" . G   C 3 5  ? -9.436  -12.852 7.706   1.00 64.94  ? 35 G   C "O5'" 1 
ATOM   1018 C  "C5'" . G   C 3 5  ? -10.810 -13.031 7.389   1.00 63.69  ? 35 G   C "C5'" 1 
ATOM   1019 C  "C4'" . G   C 3 5  ? -11.427 -11.754 6.831   1.00 62.84  ? 35 G   C "C4'" 1 
ATOM   1020 O  "O4'" . G   C 3 5  ? -11.502 -10.724 7.857   1.00 62.38  ? 35 G   C "O4'" 1 
ATOM   1021 C  "C3'" . G   C 3 5  ? -10.702 -11.094 5.678   1.00 62.26  ? 35 G   C "C3'" 1 
ATOM   1022 O  "O3'" . G   C 3 5  ? -11.135 -11.697 4.463   1.00 66.79  ? 35 G   C "O3'" 1 
ATOM   1023 C  "C2'" . G   C 3 5  ? -11.214 -9.664  5.778   1.00 63.89  ? 35 G   C "C2'" 1 
ATOM   1024 O  "O2'" . G   C 3 5  ? -12.541 -9.576  5.332   1.00 59.17  ? 35 G   C "O2'" 1 
ATOM   1025 C  "C1'" . G   C 3 5  ? -11.293 -9.447  7.283   1.00 61.04  ? 35 G   C "C1'" 1 
ATOM   1026 N  N9    . G   C 3 5  ? -10.119 -8.838  7.909   1.00 62.30  ? 35 G   C N9    1 
ATOM   1027 C  C8    . G   C 3 5  ? -9.060  -9.510  8.469   1.00 61.25  ? 35 G   C C8    1 
ATOM   1028 N  N7    . G   C 3 5  ? -8.199  -8.717  9.050   1.00 60.70  ? 35 G   C N7    1 
ATOM   1029 C  C5    . G   C 3 5  ? -8.702  -7.440  8.844   1.00 59.68  ? 35 G   C C5    1 
ATOM   1030 C  C6    . G   C 3 5  ? -8.198  -6.187  9.255   1.00 58.90  ? 35 G   C C6    1 
ATOM   1031 O  O6    . G   C 3 5  ? -7.196  -5.951  9.935   1.00 58.90  ? 35 G   C O6    1 
ATOM   1032 N  N1    . G   C 3 5  ? -8.989  -5.143  8.804   1.00 58.33  ? 35 G   C N1    1 
ATOM   1033 C  C2    . G   C 3 5  ? -10.117 -5.284  8.048   1.00 57.54  ? 35 G   C C2    1 
ATOM   1034 N  N2    . G   C 3 5  ? -10.701 -4.150  7.668   1.00 56.47  ? 35 G   C N2    1 
ATOM   1035 N  N3    . G   C 3 5  ? -10.623 -6.452  7.681   1.00 59.59  ? 35 G   C N3    1 
ATOM   1036 C  C4    . G   C 3 5  ? -9.868  -7.484  8.112   1.00 60.51  ? 35 G   C C4    1 
ATOM   1037 P  P     . G   C 3 6  ? -10.200 -11.626 3.153   1.00 69.52  ? 36 G   C P     1 
ATOM   1038 O  OP1   . G   C 3 6  ? -10.658 -12.691 2.243   1.00 71.26  ? 36 G   C OP1   1 
ATOM   1039 O  OP2   . G   C 3 6  ? -8.802  -11.621 3.633   1.00 69.88  ? 36 G   C OP2   1 
ATOM   1040 O  "O5'" . G   C 3 6  ? -10.547 -10.221 2.485   1.00 63.22  ? 36 G   C "O5'" 1 
ATOM   1041 C  "C5'" . G   C 3 6  ? -11.895 -9.884  2.185   1.00 63.90  ? 36 G   C "C5'" 1 
ATOM   1042 C  "C4'" . G   C 3 6  ? -12.004 -8.420  1.819   1.00 64.44  ? 36 G   C "C4'" 1 
ATOM   1043 O  "O4'" . G   C 3 6  ? -11.409 -7.598  2.845   1.00 59.84  ? 36 G   C "O4'" 1 
ATOM   1044 C  "C3'" . G   C 3 6  ? -11.265 -8.097  0.527   1.00 62.76  ? 36 G   C "C3'" 1 
ATOM   1045 O  "O3'" . G   C 3 6  ? -12.047 -7.034  -0.016  1.00 66.52  ? 36 G   C "O3'" 1 
ATOM   1046 C  "C2'" . G   C 3 6  ? -9.887  -7.625  0.989   1.00 62.11  ? 36 G   C "C2'" 1 
ATOM   1047 O  "O2'" . G   C 3 6  ? -9.295  -6.629  0.193   1.00 65.66  ? 36 G   C "O2'" 1 
ATOM   1048 C  "C1'" . G   C 3 6  ? -10.241 -7.005  2.347   1.00 63.27  ? 36 G   C "C1'" 1 
ATOM   1049 N  N9    . G   C 3 6  ? -9.236  -6.953  3.392   1.00 57.77  ? 36 G   C N9    1 
ATOM   1050 C  C8    . G   C 3 6  ? -8.382  -7.951  3.799   1.00 58.54  ? 36 G   C C8    1 
ATOM   1051 N  N7    . G   C 3 6  ? -7.556  -7.562  4.732   1.00 60.04  ? 36 G   C N7    1 
ATOM   1052 C  C5    . G   C 3 6  ? -7.895  -6.233  4.952   1.00 57.15  ? 36 G   C C5    1 
ATOM   1053 C  C6    . G   C 3 6  ? -7.344  -5.295  5.832   1.00 55.82  ? 36 G   C C6    1 
ATOM   1054 O  O6    . G   C 3 6  ? -6.414  -5.450  6.617   1.00 60.08  ? 36 G   C O6    1 
ATOM   1055 N  N1    . G   C 3 6  ? -7.986  -4.064  5.744   1.00 54.41  ? 36 G   C N1    1 
ATOM   1056 C  C2    . G   C 3 6  ? -9.040  -3.788  4.904   1.00 54.79  ? 36 G   C C2    1 
ATOM   1057 N  N2    . G   C 3 6  ? -9.528  -2.534  4.947   1.00 53.29  ? 36 G   C N2    1 
ATOM   1058 N  N3    . G   C 3 6  ? -9.572  -4.672  4.074   1.00 53.27  ? 36 G   C N3    1 
ATOM   1059 C  C4    . G   C 3 6  ? -8.948  -5.857  4.145   1.00 56.26  ? 36 G   C C4    1 
ATOM   1060 P  P     . U   C 3 7  ? -12.348 -6.930  -1.572  1.00 65.66  ? 37 U   C P     1 
ATOM   1061 O  OP1   . U   C 3 7  ? -13.621 -6.182  -1.686  1.00 63.06  ? 37 U   C OP1   1 
ATOM   1062 O  OP2   . U   C 3 7  ? -12.210 -8.280  -2.155  1.00 64.38  ? 37 U   C OP2   1 
ATOM   1063 O  "O5'" . U   C 3 7  ? -11.197 -5.976  -2.120  1.00 68.57  ? 37 U   C "O5'" 1 
ATOM   1064 C  "C5'" . U   C 3 7  ? -11.344 -5.303  -3.358  1.00 59.95  ? 37 U   C "C5'" 1 
ATOM   1065 C  "C4'" . U   C 3 7  ? -10.625 -3.983  -3.320  1.00 59.04  ? 37 U   C "C4'" 1 
ATOM   1066 O  "O4'" . U   C 3 7  ? -11.253 -3.147  -2.321  1.00 61.12  ? 37 U   C "O4'" 1 
ATOM   1067 C  "C3'" . U   C 3 7  ? -9.176  -4.190  -2.854  1.00 59.21  ? 37 U   C "C3'" 1 
ATOM   1068 O  "O3'" . U   C 3 7  ? -8.272  -3.363  -3.576  1.00 55.19  ? 37 U   C "O3'" 1 
ATOM   1069 C  "C2'" . U   C 3 7  ? -9.183  -3.865  -1.364  1.00 59.71  ? 37 U   C "C2'" 1 
ATOM   1070 O  "O2'" . U   C 3 7  ? -8.048  -3.177  -0.894  1.00 65.13  ? 37 U   C "O2'" 1 
ATOM   1071 C  "C1'" . U   C 3 7  ? -10.339 -2.880  -1.295  1.00 61.32  ? 37 U   C "C1'" 1 
ATOM   1072 N  N1    . U   C 3 7  ? -11.007 -2.760  -0.011  1.00 62.13  ? 37 U   C N1    1 
ATOM   1073 C  C2    . U   C 3 7  ? -10.731 -1.626  0.684   1.00 64.37  ? 37 U   C C2    1 
ATOM   1074 O  O2    . U   C 3 7  ? -10.061 -0.743  0.214   1.00 63.78  ? 37 U   C O2    1 
ATOM   1075 N  N3    . U   C 3 7  ? -11.261 -1.566  1.948   1.00 67.94  ? 37 U   C N3    1 
ATOM   1076 C  C4    . U   C 3 7  ? -12.044 -2.538  2.557   1.00 68.76  ? 37 U   C C4    1 
ATOM   1077 O  O4    . U   C 3 7  ? -12.425 -2.387  3.705   1.00 71.41  ? 37 U   C O4    1 
ATOM   1078 C  C5    . U   C 3 7  ? -12.324 -3.674  1.728   1.00 68.08  ? 37 U   C C5    1 
ATOM   1079 C  C6    . U   C 3 7  ? -11.810 -3.736  0.493   1.00 65.50  ? 37 U   C C6    1 
ATOM   1080 P  P     . C   C 3 8  ? -7.017  -3.974  -4.350  1.00 58.14  ? 38 C   C P     1 
ATOM   1081 O  OP1   . C   C 3 8  ? -6.279  -2.747  -4.722  1.00 58.76  ? 38 C   C OP1   1 
ATOM   1082 O  OP2   . C   C 3 8  ? -7.458  -4.925  -5.393  1.00 61.79  ? 38 C   C OP2   1 
ATOM   1083 O  "O5'" . C   C 3 8  ? -6.170  -4.803  -3.280  1.00 60.78  ? 38 C   C "O5'" 1 
ATOM   1084 C  "C5'" . C   C 3 8  ? -5.174  -4.173  -2.491  1.00 54.59  ? 38 C   C "C5'" 1 
ATOM   1085 C  "C4'" . C   C 3 8  ? -4.486  -5.183  -1.610  1.00 57.76  ? 38 C   C "C4'" 1 
ATOM   1086 O  "O4'" . C   C 3 8  ? -3.427  -4.519  -0.896  1.00 56.28  ? 38 C   C "O4'" 1 
ATOM   1087 C  "C3'" . C   C 3 8  ? -5.432  -5.740  -0.563  1.00 56.64  ? 38 C   C "C3'" 1 
ATOM   1088 O  "O3'" . C   C 3 8  ? -5.049  -7.092  -0.273  1.00 61.28  ? 38 C   C "O3'" 1 
ATOM   1089 C  "C2'" . C   C 3 8  ? -5.202  -4.859  0.662   1.00 56.05  ? 38 C   C "C2'" 1 
ATOM   1090 O  "O2'" . C   C 3 8  ? -5.299  -5.605  1.848   1.00 59.40  ? 38 C   C "O2'" 1 
ATOM   1091 C  "C1'" . C   C 3 8  ? -3.738  -4.436  0.465   1.00 54.91  ? 38 C   C "C1'" 1 
ATOM   1092 N  N1    . C   C 3 8  ? -3.280  -3.131  0.925   1.00 55.75  ? 38 C   C N1    1 
ATOM   1093 C  C2    . C   C 3 8  ? -2.194  -3.065  1.814   1.00 53.93  ? 38 C   C C2    1 
ATOM   1094 O  O2    . C   C 3 8  ? -1.722  -4.117  2.255   1.00 57.28  ? 38 C   C O2    1 
ATOM   1095 N  N3    . C   C 3 8  ? -1.697  -1.862  2.164   1.00 50.90  ? 38 C   C N3    1 
ATOM   1096 C  C4    . C   C 3 8  ? -2.264  -0.752  1.685   1.00 53.72  ? 38 C   C C4    1 
ATOM   1097 N  N4    . C   C 3 8  ? -1.740  0.457   2.033   1.00 54.45  ? 38 C   C N4    1 
ATOM   1098 C  C5    . C   C 3 8  ? -3.399  -0.799  0.817   1.00 54.62  ? 38 C   C C5    1 
ATOM   1099 C  C6    . C   C 3 8  ? -3.867  -1.994  0.469   1.00 54.13  ? 38 C   C C6    1 
ATOM   1100 P  P     . C   C 3 9  ? -5.803  -8.341  -0.934  1.00 62.12  ? 39 C   C P     1 
ATOM   1101 O  OP1   . C   C 3 9  ? -7.249  -8.058  -0.843  1.00 64.39  ? 39 C   C OP1   1 
ATOM   1102 O  OP2   . C   C 3 9  ? -5.236  -9.540  -0.258  1.00 62.26  ? 39 C   C OP2   1 
ATOM   1103 O  "O5'" . C   C 3 9  ? -5.375  -8.334  -2.478  1.00 66.93  ? 39 C   C "O5'" 1 
ATOM   1104 C  "C5'" . C   C 3 9  ? -4.368  -9.230  -3.018  1.00 66.31  ? 39 C   C "C5'" 1 
ATOM   1105 C  "C4'" . C   C 3 9  ? -4.508  -9.317  -4.536  1.00 66.96  ? 39 C   C "C4'" 1 
ATOM   1106 O  "O4'" . C   C 3 9  ? -5.857  -9.777  -4.848  1.00 68.68  ? 39 C   C "O4'" 1 
ATOM   1107 C  "C3'" . C   C 3 9  ? -4.396  -7.901  -5.125  1.00 68.18  ? 39 C   C "C3'" 1 
ATOM   1108 O  "O3'" . C   C 3 9  ? -3.748  -7.823  -6.408  1.00 65.93  ? 39 C   C "O3'" 1 
ATOM   1109 C  "C2'" . C   C 3 9  ? -5.835  -7.419  -5.253  1.00 69.44  ? 39 C   C "C2'" 1 
ATOM   1110 O  "O2'" . C   C 3 9  ? -6.047  -6.581  -6.355  1.00 71.53  ? 39 C   C "O2'" 1 
ATOM   1111 C  "C1'" . C   C 3 9  ? -6.558  -8.741  -5.476  1.00 70.14  ? 39 C   C "C1'" 1 
ATOM   1112 N  N1    . C   C 3 9  ? -7.990  -8.829  -5.220  1.00 74.53  ? 39 C   C N1    1 
ATOM   1113 C  C2    . C   C 3 9  ? -8.801  -9.134  -6.311  1.00 77.01  ? 39 C   C C2    1 
ATOM   1114 O  O2    . C   C 3 9  ? -8.252  -9.405  -7.402  1.00 76.05  ? 39 C   C O2    1 
ATOM   1115 N  N3    . C   C 3 9  ? -10.147 -9.145  -6.160  1.00 76.64  ? 39 C   C N3    1 
ATOM   1116 C  C4    . C   C 3 9  ? -10.681 -8.897  -4.960  1.00 77.32  ? 39 C   C C4    1 
ATOM   1117 N  N4    . C   C 3 9  ? -12.017 -8.910  -4.858  1.00 77.53  ? 39 C   C N4    1 
ATOM   1118 C  C5    . C   C 3 9  ? -9.869  -8.622  -3.811  1.00 75.75  ? 39 C   C C5    1 
ATOM   1119 C  C6    . C   C 3 9  ? -8.539  -8.598  -3.987  1.00 75.25  ? 39 C   C C6    1 
ATOM   1120 P  P     . A   C 3 10 ? -2.141  -7.887  -6.543  1.00 68.29  ? 40 A   C P     1 
ATOM   1121 O  OP1   . A   C 3 10 ? -1.829  -7.943  -7.994  1.00 67.25  ? 40 A   C OP1   1 
ATOM   1122 O  OP2   . A   C 3 10 ? -1.591  -8.934  -5.639  1.00 65.75  ? 40 A   C OP2   1 
ATOM   1123 O  "O5'" . A   C 3 10 ? -1.680  -6.463  -6.018  1.00 66.04  ? 40 A   C "O5'" 1 
ATOM   1124 C  "C5'" . A   C 3 10 ? -2.421  -5.309  -6.357  1.00 58.77  ? 40 A   C "C5'" 1 
ATOM   1125 C  "C4'" . A   C 3 10 ? -2.059  -4.187  -5.422  1.00 63.55  ? 40 A   C "C4'" 1 
ATOM   1126 O  "O4'" . A   C 3 10 ? -2.397  -4.591  -4.066  1.00 59.07  ? 40 A   C "O4'" 1 
ATOM   1127 C  "C3'" . A   C 3 10 ? -0.566  -3.889  -5.345  1.00 61.57  ? 40 A   C "C3'" 1 
ATOM   1128 O  "O3'" . A   C 3 10 ? -0.167  -2.990  -6.378  1.00 62.50  ? 40 A   C "O3'" 1 
ATOM   1129 C  "C2'" . A   C 3 10 ? -0.449  -3.233  -3.978  1.00 60.74  ? 40 A   C "C2'" 1 
ATOM   1130 O  "O2'" . A   C 3 10 ? -0.836  -1.883  -4.010  1.00 58.93  ? 40 A   C "O2'" 1 
ATOM   1131 C  "C1'" . A   C 3 10 ? -1.472  -4.032  -3.161  1.00 56.65  ? 40 A   C "C1'" 1 
ATOM   1132 N  N9    . A   C 3 10 ? -0.899  -5.102  -2.354  1.00 54.96  ? 40 A   C N9    1 
ATOM   1133 C  C8    . A   C 3 10 ? -0.886  -6.456  -2.587  1.00 55.42  ? 40 A   C C8    1 
ATOM   1134 N  N7    . A   C 3 10 ? -0.272  -7.143  -1.653  1.00 52.45  ? 40 A   C N7    1 
ATOM   1135 C  C5    . A   C 3 10 ? 0.139   -6.175  -0.746  1.00 52.75  ? 40 A   C C5    1 
ATOM   1136 C  C6    . A   C 3 10 ? 0.831   -6.256  0.462   1.00 54.52  ? 40 A   C C6    1 
ATOM   1137 N  N6    . A   C 3 10 ? 1.272   -7.403  0.979   1.00 56.08  ? 40 A   C N6    1 
ATOM   1138 N  N1    . A   C 3 10 ? 1.069   -5.111  1.131   1.00 53.81  ? 40 A   C N1    1 
ATOM   1139 C  C2    . A   C 3 10 ? 0.650   -3.963  0.601   1.00 52.07  ? 40 A   C C2    1 
ATOM   1140 N  N3    . A   C 3 10 ? -0.003  -3.755  -0.529  1.00 54.22  ? 40 A   C N3    1 
ATOM   1141 C  C4    . A   C 3 10 ? -0.237  -4.921  -1.162  1.00 53.43  ? 40 A   C C4    1 
ATOM   1142 P  P     . U   C 3 11 ? 1.282   -3.144  -7.073  1.00 57.86  ? 41 U   C P     1 
ATOM   1143 O  OP1   . U   C 3 11 ? 1.308   -2.108  -8.109  1.00 60.76  ? 41 U   C OP1   1 
ATOM   1144 O  OP2   . U   C 3 11 ? 1.554   -4.553  -7.419  1.00 62.84  ? 41 U   C OP2   1 
ATOM   1145 O  "O5'" . U   C 3 11 ? 2.332   -2.772  -5.936  1.00 57.02  ? 41 U   C "O5'" 1 
ATOM   1146 C  "C5'" . U   C 3 11 ? 2.304   -1.500  -5.337  1.00 51.32  ? 41 U   C "C5'" 1 
ATOM   1147 C  "C4'" . U   C 3 11 ? 3.245   -1.450  -4.163  1.00 55.96  ? 41 U   C "C4'" 1 
ATOM   1148 O  "O4'" . U   C 3 11 ? 2.953   -2.529  -3.224  1.00 54.71  ? 41 U   C "O4'" 1 
ATOM   1149 C  "C3'" . U   C 3 11 ? 4.662   -1.707  -4.660  1.00 53.31  ? 41 U   C "C3'" 1 
ATOM   1150 O  "O3'" . U   C 3 11 ? 5.495   -0.684  -4.117  1.00 55.57  ? 41 U   C "O3'" 1 
ATOM   1151 C  "C2'" . U   C 3 11 ? 4.935   -3.179  -4.373  1.00 52.50  ? 41 U   C "C2'" 1 
ATOM   1152 O  "O2'" . U   C 3 11 ? 6.238   -3.519  -3.976  1.00 57.99  ? 41 U   C "O2'" 1 
ATOM   1153 C  "C1'" . U   C 3 11 ? 4.049   -3.400  -3.160  1.00 54.14  ? 41 U   C "C1'" 1 
ATOM   1154 N  N1    . U   C 3 11 ? 3.639   -4.766  -2.819  1.00 54.66  ? 41 U   C N1    1 
ATOM   1155 C  C2    . U   C 3 11 ? 4.177   -5.305  -1.671  1.00 53.26  ? 41 U   C C2    1 
ATOM   1156 O  O2    . U   C 3 11 ? 4.900   -4.688  -0.947  1.00 55.43  ? 41 U   C O2    1 
ATOM   1157 N  N3    . U   C 3 11 ? 3.837   -6.596  -1.405  1.00 54.30  ? 41 U   C N3    1 
ATOM   1158 C  C4    . U   C 3 11 ? 3.034   -7.394  -2.156  1.00 58.35  ? 41 U   C C4    1 
ATOM   1159 O  O4    . U   C 3 11 ? 2.913   -8.579  -1.858  1.00 61.08  ? 41 U   C O4    1 
ATOM   1160 C  C5    . U   C 3 11 ? 2.485   -6.759  -3.323  1.00 59.99  ? 41 U   C C5    1 
ATOM   1161 C  C6    . U   C 3 11 ? 2.802   -5.484  -3.599  1.00 56.76  ? 41 U   C C6    1 
ATOM   1162 P  P     . U   C 3 12 ? 7.027   -0.506  -4.562  1.00 54.23  ? 42 U   C P     1 
ATOM   1163 O  OP1   . U   C 3 12 ? 7.094   0.786   -5.240  1.00 53.10  ? 42 U   C OP1   1 
ATOM   1164 O  OP2   . U   C 3 12 ? 7.567   -1.711  -5.212  1.00 53.88  ? 42 U   C OP2   1 
ATOM   1165 O  "O5'" . U   C 3 12 ? 7.743   -0.327  -3.169  1.00 52.14  ? 42 U   C "O5'" 1 
ATOM   1166 C  "C5'" . U   C 3 12 ? 9.119   -0.158  -3.050  1.00 53.02  ? 42 U   C "C5'" 1 
ATOM   1167 C  "C4'" . U   C 3 12 ? 9.619   -0.989  -1.901  1.00 55.55  ? 42 U   C "C4'" 1 
ATOM   1168 O  "O4'" . U   C 3 12 ? 8.798   -0.765  -0.714  1.00 54.95  ? 42 U   C "O4'" 1 
ATOM   1169 C  "C3'" . U   C 3 12 ? 9.416   -2.464  -2.267  1.00 57.37  ? 42 U   C "C3'" 1 
ATOM   1170 O  "O3'" . U   C 3 12 ? 10.519  -3.171  -1.717  1.00 65.60  ? 42 U   C "O3'" 1 
ATOM   1171 C  "C2'" . U   C 3 12 ? 8.116   -2.869  -1.576  1.00 57.73  ? 42 U   C "C2'" 1 
ATOM   1172 O  "O2'" . U   C 3 12 ? 8.122   -4.175  -1.067  1.00 60.25  ? 42 U   C "O2'" 1 
ATOM   1173 C  "C1'" . U   C 3 12 ? 8.133   -1.953  -0.363  1.00 52.63  ? 42 U   C "C1'" 1 
ATOM   1174 N  N1    . U   C 3 12 ? 6.852   -1.669  0.280   1.00 53.07  ? 42 U   C N1    1 
ATOM   1175 C  C2    . U   C 3 12 ? 6.621   -2.174  1.555   1.00 50.70  ? 42 U   C C2    1 
ATOM   1176 O  O2    . U   C 3 12 ? 7.419   -2.821  2.185   1.00 49.62  ? 42 U   C O2    1 
ATOM   1177 N  N3    . U   C 3 12 ? 5.404   -1.886  2.070   1.00 51.93  ? 42 U   C N3    1 
ATOM   1178 C  C4    . U   C 3 12 ? 4.410   -1.173  1.482   1.00 54.10  ? 42 U   C C4    1 
ATOM   1179 O  O4    . U   C 3 12 ? 3.337   -1.043  2.063   1.00 55.73  ? 42 U   C O4    1 
ATOM   1180 C  C5    . U   C 3 12 ? 4.723   -0.683  0.191   1.00 56.84  ? 42 U   C C5    1 
ATOM   1181 C  C6    . U   C 3 12 ? 5.911   -0.945  -0.352  1.00 54.68  ? 42 U   C C6    1 
ATOM   1182 P  P     . A   C 3 13 ? 11.402  -4.175  -2.585  1.00 61.59  ? 43 A   C P     1 
ATOM   1183 O  OP1   . A   C 3 13 ? 12.379  -3.359  -3.342  1.00 63.77  ? 43 A   C OP1   1 
ATOM   1184 O  OP2   . A   C 3 13 ? 10.524  -5.114  -3.307  1.00 63.82  ? 43 A   C OP2   1 
ATOM   1185 O  "O5'" . A   C 3 13 ? 12.188  -4.889  -1.405  1.00 55.70  ? 43 A   C "O5'" 1 
ATOM   1186 C  "C5'" . A   C 3 13 ? 12.839  -4.085  -0.425  1.00 57.09  ? 43 A   C "C5'" 1 
ATOM   1187 C  "C4'" . A   C 3 13 ? 12.914  -4.817  0.888   1.00 58.65  ? 43 A   C "C4'" 1 
ATOM   1188 O  "O4'" . A   C 3 13 ? 11.597  -4.937  1.464   1.00 62.47  ? 43 A   C "O4'" 1 
ATOM   1189 C  "C3'" . A   C 3 13 ? 13.463  -6.225  0.839   1.00 60.67  ? 43 A   C "C3'" 1 
ATOM   1190 O  "O3'" . A   C 3 13 ? 14.872  -6.150  0.974   1.00 63.93  ? 43 A   C "O3'" 1 
ATOM   1191 C  "C2'" . A   C 3 13 ? 12.834  -6.844  2.079   1.00 61.45  ? 43 A   C "C2'" 1 
ATOM   1192 O  "O2'" . A   C 3 13 ? 13.496  -6.435  3.258   1.00 60.99  ? 43 A   C "O2'" 1 
ATOM   1193 C  "C1'" . A   C 3 13 ? 11.449  -6.202  2.063   1.00 60.88  ? 43 A   C "C1'" 1 
ATOM   1194 N  N9    . A   C 3 13 ? 10.516  -6.930  1.223   1.00 59.55  ? 43 A   C N9    1 
ATOM   1195 C  C8    . A   C 3 13 ? 9.811   -6.419  0.173   1.00 60.66  ? 43 A   C C8    1 
ATOM   1196 N  N7    . A   C 3 13 ? 9.016   -7.279  -0.407  1.00 57.88  ? 43 A   C N7    1 
ATOM   1197 C  C5    . A   C 3 13 ? 9.219   -8.439  0.304   1.00 60.61  ? 43 A   C C5    1 
ATOM   1198 C  C6    . A   C 3 13 ? 8.666   -9.712  0.182   1.00 62.54  ? 43 A   C C6    1 
ATOM   1199 N  N6    . A   C 3 13 ? 7.720   -10.026 -0.716  1.00 61.42  ? 43 A   C N6    1 
ATOM   1200 N  N1    . A   C 3 13 ? 9.102   -10.665 1.034   1.00 63.39  ? 43 A   C N1    1 
ATOM   1201 C  C2    . A   C 3 13 ? 10.014  -10.330 1.962   1.00 61.91  ? 43 A   C C2    1 
ATOM   1202 N  N3    . A   C 3 13 ? 10.592  -9.153  2.191   1.00 62.45  ? 43 A   C N3    1 
ATOM   1203 C  C4    . A   C 3 13 ? 10.150  -8.242  1.310   1.00 62.32  ? 43 A   C C4    1 
ATOM   1204 P  P     . C   C 3 14 ? 15.814  -6.848  -0.115  1.00 65.44  ? 44 C   C P     1 
ATOM   1205 O  OP1   . C   C 3 14 ? 17.158  -6.665  0.475   1.00 67.20  ? 44 C   C OP1   1 
ATOM   1206 O  OP2   . C   C 3 14 ? 15.534  -6.331  -1.469  1.00 64.51  ? 44 C   C OP2   1 
ATOM   1207 O  "O5'" . C   C 3 14 ? 15.337  -8.372  -0.111  1.00 65.25  ? 44 C   C "O5'" 1 
ATOM   1208 C  "C5'" . C   C 3 14 ? 15.640  -9.256  0.967   1.00 66.26  ? 44 C   C "C5'" 1 
ATOM   1209 C  "C4'" . C   C 3 14 ? 15.002  -10.613 0.717   1.00 68.34  ? 44 C   C "C4'" 1 
ATOM   1210 O  "O4'" . C   C 3 14 ? 13.564  -10.493 0.849   1.00 68.18  ? 44 C   C "O4'" 1 
ATOM   1211 C  "C3'" . C   C 3 14 ? 15.192  -11.169 -0.685  1.00 70.06  ? 44 C   C "C3'" 1 
ATOM   1212 O  "O3'" . C   C 3 14 ? 16.419  -11.850 -0.827  1.00 72.21  ? 44 C   C "O3'" 1 
ATOM   1213 C  "C2'" . C   C 3 14 ? 14.008  -12.106 -0.837  1.00 70.85  ? 44 C   C "C2'" 1 
ATOM   1214 O  "O2'" . C   C 3 14 ? 14.204  -13.374 -0.237  1.00 75.79  ? 44 C   C "O2'" 1 
ATOM   1215 C  "C1'" . C   C 3 14 ? 12.923  -11.324 -0.105  1.00 68.37  ? 44 C   C "C1'" 1 
ATOM   1216 N  N1    . C   C 3 14 ? 12.203  -10.457 -1.034  1.00 66.24  ? 44 C   C N1    1 
ATOM   1217 C  C2    . C   C 3 14 ? 11.203  -11.016 -1.841  1.00 67.32  ? 44 C   C C2    1 
ATOM   1218 O  O2    . C   C 3 14 ? 10.997  -12.242 -1.789  1.00 70.80  ? 44 C   C O2    1 
ATOM   1219 N  N3    . C   C 3 14 ? 10.501  -10.218 -2.670  1.00 65.57  ? 44 C   C N3    1 
ATOM   1220 C  C4    . C   C 3 14 ? 10.784  -8.918  -2.733  1.00 63.60  ? 44 C   C C4    1 
ATOM   1221 N  N4    . C   C 3 14 ? 10.057  -8.173  -3.557  1.00 63.55  ? 44 C   C N4    1 
ATOM   1222 C  C5    . C   C 3 14 ? 11.822  -8.330  -1.947  1.00 61.79  ? 44 C   C C5    1 
ATOM   1223 C  C6    . C   C 3 14 ? 12.495  -9.127  -1.114  1.00 62.45  ? 44 C   C C6    1 
ATOM   1224 P  P     . C   C 3 15 ? 17.190  -11.805 -2.229  1.00 73.99  ? 45 C   C P     1 
ATOM   1225 O  OP1   . C   C 3 15 ? 18.522  -12.399 -1.958  1.00 80.68  ? 45 C   C OP1   1 
ATOM   1226 O  OP2   . C   C 3 15 ? 17.110  -10.430 -2.777  1.00 78.98  ? 45 C   C OP2   1 
ATOM   1227 O  "O5'" . C   C 3 15 ? 16.336  -12.757 -3.179  1.00 72.99  ? 45 C   C "O5'" 1 
ATOM   1228 C  "C5'" . C   C 3 15 ? 16.100  -14.104 -2.816  1.00 71.55  ? 45 C   C "C5'" 1 
ATOM   1229 C  "C4'" . C   C 3 15 ? 15.182  -14.761 -3.810  1.00 74.15  ? 45 C   C "C4'" 1 
ATOM   1230 O  "O4'" . C   C 3 15 ? 13.852  -14.193 -3.696  1.00 75.99  ? 45 C   C "O4'" 1 
ATOM   1231 C  "C3'" . C   C 3 15 ? 15.543  -14.526 -5.260  1.00 77.03  ? 45 C   C "C3'" 1 
ATOM   1232 O  "O3'" . C   C 3 15 ? 16.543  -15.413 -5.717  1.00 82.40  ? 45 C   C "O3'" 1 
ATOM   1233 C  "C2'" . C   C 3 15 ? 14.224  -14.767 -5.971  1.00 77.62  ? 45 C   C "C2'" 1 
ATOM   1234 O  "O2'" . C   C 3 15 ? 13.947  -16.134 -6.183  1.00 79.92  ? 45 C   C "O2'" 1 
ATOM   1235 C  "C1'" . C   C 3 15 ? 13.239  -14.162 -4.976  1.00 76.51  ? 45 C   C "C1'" 1 
ATOM   1236 N  N1    . C   C 3 15 ? 12.964  -12.768 -5.325  1.00 75.77  ? 45 C   C N1    1 
ATOM   1237 C  C2    . C   C 3 15 ? 11.992  -12.504 -6.286  1.00 76.15  ? 45 C   C C2    1 
ATOM   1238 O  O2    . C   C 3 15 ? 11.394  -13.467 -6.819  1.00 76.42  ? 45 C   C O2    1 
ATOM   1239 N  N3    . C   C 3 15 ? 11.726  -11.217 -6.613  1.00 74.86  ? 45 C   C N3    1 
ATOM   1240 C  C4    . C   C 3 15 ? 12.395  -10.226 -6.020  1.00 73.65  ? 45 C   C C4    1 
ATOM   1241 N  N4    . C   C 3 15 ? 12.087  -8.971  -6.360  1.00 73.39  ? 45 C   C N4    1 
ATOM   1242 C  C5    . C   C 3 15 ? 13.401  -10.472 -5.049  1.00 72.46  ? 45 C   C C5    1 
ATOM   1243 C  C6    . C   C 3 15 ? 13.648  -11.745 -4.729  1.00 74.85  ? 45 C   C C6    1 
ATOM   1244 P  P     . U   C 3 16 ? 17.520  -14.948 -6.899  1.00 83.90  ? 46 U   C P     1 
ATOM   1245 O  OP1   . U   C 3 16 ? 18.603  -15.945 -6.992  1.00 86.83  ? 46 U   C OP1   1 
ATOM   1246 O  OP2   . U   C 3 16 ? 17.859  -13.523 -6.654  1.00 80.71  ? 46 U   C OP2   1 
ATOM   1247 O  "O5'" . U   C 3 16 ? 16.614  -15.109 -8.193  1.00 78.96  ? 46 U   C "O5'" 1 
ATOM   1248 C  "C5'" . U   C 3 16 ? 16.128  -16.384 -8.543  1.00 79.32  ? 46 U   C "C5'" 1 
ATOM   1249 C  "C4'" . U   C 3 16 ? 15.233  -16.291 -9.745  1.00 80.54  ? 46 U   C "C4'" 1 
ATOM   1250 O  "O4'" . U   C 3 16 ? 14.060  -15.513 -9.390  1.00 78.13  ? 46 U   C "O4'" 1 
ATOM   1251 C  "C3'" . U   C 3 16 ? 15.805  -15.564 -10.954 1.00 81.04  ? 46 U   C "C3'" 1 
ATOM   1252 O  "O3'" . U   C 3 16 ? 16.635  -16.397 -11.756 1.00 84.81  ? 46 U   C "O3'" 1 
ATOM   1253 C  "C2'" . U   C 3 16 ? 14.537  -15.139 -11.686 1.00 81.20  ? 46 U   C "C2'" 1 
ATOM   1254 O  "O2'" . U   C 3 16 ? 13.935  -16.198 -12.394 1.00 79.83  ? 46 U   C "O2'" 1 
ATOM   1255 C  "C1'" . U   C 3 16 ? 13.628  -14.755 -10.515 1.00 78.83  ? 46 U   C "C1'" 1 
ATOM   1256 N  N1    . U   C 3 16 ? 13.725  -13.321 -10.194 1.00 75.05  ? 46 U   C N1    1 
ATOM   1257 C  C2    . U   C 3 16 ? 12.945  -12.448 -10.921 1.00 74.16  ? 46 U   C C2    1 
ATOM   1258 O  O2    . U   C 3 16 ? 12.208  -12.820 -11.820 1.00 72.66  ? 46 U   C O2    1 
ATOM   1259 N  N3    . U   C 3 16 ? 13.070  -11.124 -10.567 1.00 72.82  ? 46 U   C N3    1 
ATOM   1260 C  C4    . U   C 3 16 ? 13.894  -10.603 -9.585  1.00 73.91  ? 46 U   C C4    1 
ATOM   1261 O  O4    . U   C 3 16 ? 13.857  -9.401  -9.335  1.00 74.61  ? 46 U   C O4    1 
ATOM   1262 C  C5    . U   C 3 16 ? 14.681  -11.569 -8.893  1.00 72.88  ? 46 U   C C5    1 
ATOM   1263 C  C6    . U   C 3 16 ? 14.568  -12.862 -9.209  1.00 75.33  ? 46 U   C C6    1 
ATOM   1264 P  P     . G   C 3 17 ? 17.774  -15.741 -12.705 1.00 87.70  ? 47 G   C P     1 
ATOM   1265 O  OP1   . G   C 3 17 ? 18.593  -16.865 -13.224 1.00 89.24  ? 47 G   C OP1   1 
ATOM   1266 O  OP2   . G   C 3 17 ? 18.446  -14.600 -12.030 1.00 82.11  ? 47 G   C OP2   1 
ATOM   1267 O  "O5'" . G   C 3 17 ? 16.957  -15.159 -13.935 1.00 79.01  ? 47 G   C "O5'" 1 
ATOM   1268 C  "C5'" . G   C 3 17 ? 16.256  -16.027 -14.781 1.00 75.51  ? 47 G   C "C5'" 1 
ATOM   1269 C  "C4'" . G   C 3 17 ? 15.488  -15.235 -15.791 1.00 76.63  ? 47 G   C "C4'" 1 
ATOM   1270 O  "O4'" . G   C 3 17 ? 14.503  -14.431 -15.099 1.00 78.25  ? 47 G   C "O4'" 1 
ATOM   1271 C  "C3'" . G   C 3 17 ? 16.316  -14.213 -16.540 1.00 76.72  ? 47 G   C "C3'" 1 
ATOM   1272 O  "O3'" . G   C 3 17 ? 16.991  -14.785 -17.624 1.00 73.80  ? 47 G   C "O3'" 1 
ATOM   1273 C  "C2'" . G   C 3 17 ? 15.261  -13.226 -16.996 1.00 77.83  ? 47 G   C "C2'" 1 
ATOM   1274 O  "O2'" . G   C 3 17 ? 14.539  -13.702 -18.115 1.00 76.35  ? 47 G   C "O2'" 1 
ATOM   1275 C  "C1'" . G   C 3 17 ? 14.352  -13.188 -15.767 1.00 76.43  ? 47 G   C "C1'" 1 
ATOM   1276 N  N9    . G   C 3 17 ? 14.703  -12.105 -14.845 1.00 75.66  ? 47 G   C N9    1 
ATOM   1277 C  C8    . G   C 3 17 ? 15.383  -12.195 -13.649 1.00 74.94  ? 47 G   C C8    1 
ATOM   1278 N  N7    . G   C 3 17 ? 15.518  -11.041 -13.050 1.00 73.99  ? 47 G   C N7    1 
ATOM   1279 C  C5    . G   C 3 17 ? 14.891  -10.137 -13.903 1.00 72.60  ? 47 G   C C5    1 
ATOM   1280 C  C6    . G   C 3 17 ? 14.704  -8.749  -13.778 1.00 71.85  ? 47 G   C C6    1 
ATOM   1281 O  O6    . G   C 3 17 ? 15.048  -8.015  -12.843 1.00 72.29  ? 47 G   C O6    1 
ATOM   1282 N  N1    . G   C 3 17 ? 14.034  -8.221  -14.878 1.00 68.32  ? 47 G   C N1    1 
ATOM   1283 C  C2    . G   C 3 17 ? 13.591  -8.950  -15.955 1.00 71.51  ? 47 G   C C2    1 
ATOM   1284 N  N2    . G   C 3 17 ? 12.965  -8.287  -16.935 1.00 69.54  ? 47 G   C N2    1 
ATOM   1285 N  N3    . G   C 3 17 ? 13.747  -10.245 -16.070 1.00 72.67  ? 47 G   C N3    1 
ATOM   1286 C  C4    . G   C 3 17 ? 14.399  -10.773 -15.016 1.00 73.02  ? 47 G   C C4    1 
ATOM   1287 P  P     . C   C 3 18 ? 18.321  -14.087 -18.171 1.00 80.02  ? 48 C   C P     1 
ATOM   1288 O  OP1   . C   C 3 18 ? 18.716  -14.987 -19.281 1.00 83.11  ? 48 C   C OP1   1 
ATOM   1289 O  OP2   . C   C 3 18 ? 19.302  -13.796 -17.085 1.00 66.18  ? 48 C   C OP2   1 
ATOM   1290 O  "O5'" . C   C 3 18 ? 17.765  -12.744 -18.813 1.00 74.49  ? 48 C   C "O5'" 1 
ATOM   1291 C  "C5'" . C   C 3 18 ? 16.858  -12.822 -19.903 1.00 73.20  ? 48 C   C "C5'" 1 
ATOM   1292 C  "C4'" . C   C 3 18 ? 16.636  -11.457 -20.509 1.00 74.85  ? 48 C   C "C4'" 1 
ATOM   1293 O  "O4'" . C   C 3 18 ? 15.709  -10.701 -19.681 1.00 74.13  ? 48 C   C "O4'" 1 
ATOM   1294 C  "C3'" . C   C 3 18 ? 17.863  -10.564 -20.622 1.00 72.94  ? 48 C   C "C3'" 1 
ATOM   1295 O  "O3'" . C   C 3 18 ? 18.609  -10.837 -21.786 1.00 70.60  ? 48 C   C "O3'" 1 
ATOM   1296 C  "C2'" . C   C 3 18 ? 17.227  -9.188  -20.687 1.00 73.19  ? 48 C   C "C2'" 1 
ATOM   1297 O  "O2'" . C   C 3 18 ? 16.655  -8.956  -21.948 1.00 69.66  ? 48 C   C "O2'" 1 
ATOM   1298 C  "C1'" . C   C 3 18 ? 16.089  -9.339  -19.679 1.00 74.90  ? 48 C   C "C1'" 1 
ATOM   1299 N  N1    . C   C 3 18 ? 16.550  -8.981  -18.326 1.00 74.97  ? 48 C   C N1    1 
ATOM   1300 C  C2    . C   C 3 18 ? 16.469  -7.639  -17.914 1.00 74.21  ? 48 C   C C2    1 
ATOM   1301 O  O2    . C   C 3 18 ? 15.984  -6.793  -18.693 1.00 73.23  ? 48 C   C O2    1 
ATOM   1302 N  N3    . C   C 3 18 ? 16.913  -7.304  -16.687 1.00 73.06  ? 48 C   C N3    1 
ATOM   1303 C  C4    . C   C 3 18 ? 17.407  -8.244  -15.879 1.00 73.37  ? 48 C   C C4    1 
ATOM   1304 N  N4    . C   C 3 18 ? 17.823  -7.872  -14.668 1.00 71.31  ? 48 C   C N4    1 
ATOM   1305 C  C5    . C   C 3 18 ? 17.494  -9.609  -16.271 1.00 72.73  ? 48 C   C C5    1 
ATOM   1306 C  C6    . C   C 3 18 ? 17.060  -9.931  -17.487 1.00 73.89  ? 48 C   C C6    1 
ATOM   1307 P  P     . C   C 3 19 ? 20.150  -10.410 -21.860 1.00 72.78  ? 49 C   C P     1 
ATOM   1308 O  OP1   . C   C 3 19 ? 20.593  -10.782 -23.220 1.00 75.64  ? 49 C   C OP1   1 
ATOM   1309 O  OP2   . C   C 3 19 ? 20.904  -10.909 -20.670 1.00 70.19  ? 49 C   C OP2   1 
ATOM   1310 O  "O5'" . C   C 3 19 ? 20.120  -8.821  -21.783 1.00 73.03  ? 49 C   C "O5'" 1 
ATOM   1311 C  "C5'" . C   C 3 19 ? 19.475  -8.050  -22.791 1.00 70.08  ? 49 C   C "C5'" 1 
ATOM   1312 C  "C4'" . C   C 3 19 ? 19.523  -6.572  -22.443 1.00 67.90  ? 49 C   C "C4'" 1 
ATOM   1313 O  "O4'" . C   C 3 19 ? 18.699  -6.330  -21.270 1.00 67.56  ? 49 C   C "O4'" 1 
ATOM   1314 C  "C3'" . C   C 3 19 ? 20.881  -6.008  -22.058 1.00 66.97  ? 49 C   C "C3'" 1 
ATOM   1315 O  "O3'" . C   C 3 19 ? 21.815  -5.741  -23.110 1.00 67.54  ? 49 C   C "O3'" 1 
ATOM   1316 C  "C2'" . C   C 3 19 ? 20.485  -4.785  -21.249 1.00 64.72  ? 49 C   C "C2'" 1 
ATOM   1317 O  "O2'" . C   C 3 19 ? 19.938  -3.787  -22.091 1.00 61.49  ? 49 C   C "O2'" 1 
ATOM   1318 C  "C1'" . C   C 3 19 ? 19.298  -5.329  -20.469 1.00 64.72  ? 49 C   C "C1'" 1 
ATOM   1319 N  N1    . C   C 3 19 ? 19.682  -5.903  -19.164 1.00 66.79  ? 49 C   C N1    1 
ATOM   1320 C  C2    . C   C 3 19 ? 19.682  -5.066  -18.055 1.00 65.69  ? 49 C   C C2    1 
ATOM   1321 O  O2    . C   C 3 19 ? 19.411  -3.886  -18.208 1.00 66.63  ? 49 C   C O2    1 
ATOM   1322 N  N3    . C   C 3 19 ? 19.991  -5.553  -16.848 1.00 66.26  ? 49 C   C N3    1 
ATOM   1323 C  C4    . C   C 3 19 ? 20.319  -6.825  -16.711 1.00 66.97  ? 49 C   C C4    1 
ATOM   1324 N  N4    . C   C 3 19 ? 20.613  -7.244  -15.489 1.00 66.44  ? 49 C   C N4    1 
ATOM   1325 C  C5    . C   C 3 19 ? 20.358  -7.719  -17.825 1.00 67.50  ? 49 C   C C5    1 
ATOM   1326 C  C6    . C   C 3 19 ? 20.031  -7.217  -19.028 1.00 67.55  ? 49 C   C C6    1 
HETATM 1327 S  S     . SO4 D 4 .  ? 8.864   11.077  3.949   1.00 164.99 ? 14 SO4 A S     1 
HETATM 1328 O  O1    . SO4 D 4 .  ? 8.027   11.505  5.089   1.00 164.12 ? 14 SO4 A O1    1 
HETATM 1329 O  O2    . SO4 D 4 .  ? 9.924   10.169  4.450   1.00 163.74 ? 14 SO4 A O2    1 
HETATM 1330 O  O3    . SO4 D 4 .  ? 8.015   10.351  2.976   1.00 163.73 ? 14 SO4 A O3    1 
HETATM 1331 O  O4    . SO4 D 4 .  ? 9.465   12.272  3.298   1.00 163.18 ? 14 SO4 A O4    1 
HETATM 1332 MG MG    . MG  E 5 .  ? 1.758   -9.111  -6.643  1.00 84.82  ? 1  MG  B MG    1 
HETATM 1333 O  O     . HOH F 6 .  ? 1.495   0.222   0.258   1.00 52.73  ? 15 HOH A O     1 
HETATM 1334 O  O     . HOH F 6 .  ? -6.785  -0.653  -1.447  1.00 59.89  ? 16 HOH A O     1 
HETATM 1335 O  O     . HOH F 6 .  ? 13.595  6.126   -5.049  1.00 60.37  ? 17 HOH A O     1 
HETATM 1336 O  O     . HOH F 6 .  ? 5.827   9.657   1.514   1.00 75.28  ? 18 HOH A O     1 
HETATM 1337 O  O     . HOH F 6 .  ? 1.334   2.687   1.801   1.00 51.49  ? 19 HOH A O     1 
HETATM 1338 O  O     . HOH F 6 .  ? -10.081 4.355   -2.282  1.00 81.71  ? 20 HOH A O     1 
HETATM 1339 O  O     . HOH F 6 .  ? 9.281   10.410  -9.777  1.00 79.79  ? 21 HOH A O     1 
HETATM 1340 O  O     . HOH F 6 .  ? 10.584  12.569  -8.262  1.00 73.07  ? 22 HOH A O     1 
HETATM 1341 O  O     . HOH G 6 .  ? -16.175 -4.172  19.666  1.00 54.90  ? 32 HOH B O     1 
HETATM 1342 O  O     . HOH G 6 .  ? -16.354 -1.303  16.317  1.00 68.37  ? 33 HOH B O     1 
HETATM 1343 O  O     . HOH G 6 .  ? -5.331  -3.252  13.765  1.00 68.45  ? 34 HOH B O     1 
HETATM 1344 O  O     . HOH G 6 .  ? 9.131   -16.853 -9.706  1.00 71.89  ? 35 HOH B O     1 
HETATM 1345 O  O     . HOH G 6 .  ? 10.155  -5.955  -8.825  1.00 68.42  ? 36 HOH B O     1 
HETATM 1346 O  O     . HOH G 6 .  ? -3.915  3.462   5.202   1.00 57.93  ? 37 HOH B O     1 
HETATM 1347 O  O     . HOH G 6 .  ? 3.776   0.874   15.188  1.00 65.93  ? 38 HOH B O     1 
HETATM 1348 O  O     . HOH G 6 .  ? -0.848  -11.470 9.554   1.00 81.45  ? 39 HOH B O     1 
HETATM 1349 O  O     . HOH G 6 .  ? -19.139 -13.797 17.599  1.00 77.73  ? 40 HOH B O     1 
HETATM 1350 O  O     . HOH G 6 .  ? -21.156 -12.518 18.837  1.00 68.97  ? 41 HOH B O     1 
HETATM 1351 O  O     . HOH G 6 .  ? -3.633  -5.756  10.407  1.00 78.07  ? 42 HOH B O     1 
HETATM 1352 O  O     . HOH G 6 .  ? -2.870  6.105   -2.182  1.00 65.15  ? 43 HOH B O     1 
HETATM 1353 O  O     . HOH G 6 .  ? 10.972  -5.440  -20.324 1.00 58.94  ? 44 HOH B O     1 
HETATM 1354 O  O     . HOH G 6 .  ? -1.495  -10.640 11.776  1.00 90.98  ? 45 HOH B O     1 
HETATM 1355 O  O     . HOH G 6 .  ? -14.988 -5.863  8.027   1.00 69.71  ? 46 HOH B O     1 
HETATM 1356 O  O     . HOH H 6 .  ? 0.605   1.029   3.418   1.00 57.80  ? 50 HOH C O     1 
HETATM 1357 O  O     . HOH H 6 .  ? -8.031  -2.168  18.124  1.00 66.73  ? 51 HOH C O     1 
HETATM 1358 O  O     . HOH H 6 .  ? -3.669  -7.594  5.291   1.00 78.45  ? 52 HOH C O     1 
HETATM 1359 O  O     . HOH H 6 .  ? -13.841 -4.782  5.463   1.00 67.78  ? 53 HOH C O     1 
HETATM 1360 O  O     . HOH H 6 .  ? -4.724  -9.158  2.868   1.00 80.32  ? 54 HOH C O     1 
HETATM 1361 O  O     . HOH H 6 .  ? -5.284  -6.075  16.076  1.00 72.23  ? 55 HOH C O     1 
HETATM 1362 O  O     . HOH H 6 .  ? -7.526  -4.258  15.978  1.00 84.02  ? 56 HOH C O     1 
HETATM 1363 O  O     . HOH H 6 .  ? -4.825  -2.090  17.335  1.00 82.58  ? 57 HOH C O     1 
HETATM 1364 O  O     . HOH H 6 .  ? 21.768  -14.627 -15.862 1.00 70.06  ? 58 HOH C O     1 
HETATM 1365 O  O     . HOH H 6 .  ? 7.828   -14.042 1.283   1.00 85.48  ? 59 HOH C O     1 
# 
loop_
_pdbx_poly_seq_scheme.asym_id 
_pdbx_poly_seq_scheme.entity_id 
_pdbx_poly_seq_scheme.seq_id 
_pdbx_poly_seq_scheme.mon_id 
_pdbx_poly_seq_scheme.ndb_seq_num 
_pdbx_poly_seq_scheme.pdb_seq_num 
_pdbx_poly_seq_scheme.auth_seq_num 
_pdbx_poly_seq_scheme.pdb_mon_id 
_pdbx_poly_seq_scheme.auth_mon_id 
_pdbx_poly_seq_scheme.pdb_strand_id 
_pdbx_poly_seq_scheme.pdb_ins_code 
_pdbx_poly_seq_scheme.hetero 
A 1 1  U   1  1  1  U   U   A . n 
A 1 2  C   2  2  2  C   C   A . n 
A 1 3  C   3  3  3  C   C   A . n 
A 1 4  C   4  4  4  C   C   A . n 
A 1 5  A2M 5  5  5  A2M A2M A . n 
A 1 6  G   6  6  6  G   G   A . n 
A 1 7  U   7  7  7  U   U   A . n 
A 1 8  C   8  8  8  C   C   A . n 
A 1 9  C   9  9  9  C   C   A . n 
A 1 10 A   10 10 10 A   A   A . n 
A 1 11 C   11 11 11 C   C   A . n 
A 1 12 C   12 12 12 C   C   A . n 
A 1 13 G   13 13 13 G   G   A . n 
B 2 1  C   1  2  2  C   C   B . n 
B 2 2  G   2  3  3  G   G   B . n 
B 2 3  G   3  4  4  G   G   B . n 
B 2 4  U   4  5  5  U   U   B . n 
B 2 5  G   5  6  6  G   G   B . n 
B 2 6  A   6  7  7  A   A   B . n 
B 2 7  G   7  8  8  G   G   B . n 
B 2 8  A   8  9  9  A   A   B . n 
B 2 9  A   9  10 10 A   A   B . n 
B 2 10 G   10 11 11 G   G   B . n 
B 2 11 G   11 12 12 G   G   B . n 
B 2 12 G   12 13 13 G   G   B . n 
B 2 13 S9L 13 14 14 S9L S9L B . n 
B 2 14 G   14 15 15 G   G   B . n 
B 2 15 G   15 16 16 G   G   B . n 
B 2 16 C   16 17 17 C   C   B . n 
B 2 17 A   17 18 18 A   A   B . n 
B 2 18 G   18 19 19 G   G   B . n 
B 2 19 A   19 20 20 A   A   B . n 
B 2 20 G   20 21 21 G   G   B . n 
B 2 21 A   21 22 22 A   A   B . n 
B 2 22 A   22 23 23 A   A   B . n 
B 2 23 A   23 24 24 A   A   B . n 
B 2 24 C   24 25 25 C   C   B . n 
B 2 25 A   25 26 26 A   A   B . n 
B 2 26 C   26 27 27 C   C   B . n 
B 2 27 A   27 28 28 A   A   B . n 
B 2 28 C   28 29 29 C   C   B . n 
B 2 29 G   29 30 30 G   G   B . n 
B 2 30 A   30 31 31 A   A   B . n 
C 3 1  U   1  31 31 U   U   C . n 
C 3 2  C   2  32 32 C   C   C . n 
C 3 3  G   3  33 33 G   G   C . n 
C 3 4  U   4  34 34 U   U   C . n 
C 3 5  G   5  35 35 G   G   C . n 
C 3 6  G   6  36 36 G   G   C . n 
C 3 7  U   7  37 37 U   U   C . n 
C 3 8  C   8  38 38 C   C   C . n 
C 3 9  C   9  39 39 C   C   C . n 
C 3 10 A   10 40 40 A   A   C . n 
C 3 11 U   11 41 41 U   U   C . n 
C 3 12 U   12 42 42 U   U   C . n 
C 3 13 A   13 43 43 A   A   C . n 
C 3 14 C   14 44 44 C   C   C . n 
C 3 15 C   15 45 45 C   C   C . n 
C 3 16 U   16 46 46 U   U   C . n 
C 3 17 G   17 47 47 G   G   C . n 
C 3 18 C   18 48 48 C   C   C . n 
C 3 19 C   19 49 49 C   C   C . n 
# 
loop_
_pdbx_nonpoly_scheme.asym_id 
_pdbx_nonpoly_scheme.entity_id 
_pdbx_nonpoly_scheme.mon_id 
_pdbx_nonpoly_scheme.ndb_seq_num 
_pdbx_nonpoly_scheme.pdb_seq_num 
_pdbx_nonpoly_scheme.auth_seq_num 
_pdbx_nonpoly_scheme.pdb_mon_id 
_pdbx_nonpoly_scheme.auth_mon_id 
_pdbx_nonpoly_scheme.pdb_strand_id 
_pdbx_nonpoly_scheme.pdb_ins_code 
D 4 SO4 1  14 1  SO4 SO4 A . 
E 5 MG  1  1  1  MG  MG  B . 
F 6 HOH 1  15 2  HOH HOH A . 
F 6 HOH 2  16 10 HOH HOH A . 
F 6 HOH 3  17 13 HOH HOH A . 
F 6 HOH 4  18 14 HOH HOH A . 
F 6 HOH 5  19 16 HOH HOH A . 
F 6 HOH 6  20 20 HOH HOH A . 
F 6 HOH 7  21 27 HOH HOH A . 
F 6 HOH 8  22 31 HOH HOH A . 
G 6 HOH 1  32 3  HOH HOH B . 
G 6 HOH 2  33 5  HOH HOH B . 
G 6 HOH 3  34 7  HOH HOH B . 
G 6 HOH 4  35 11 HOH HOH B . 
G 6 HOH 5  36 12 HOH HOH B . 
G 6 HOH 6  37 15 HOH HOH B . 
G 6 HOH 7  38 17 HOH HOH B . 
G 6 HOH 8  39 18 HOH HOH B . 
G 6 HOH 9  40 21 HOH HOH B . 
G 6 HOH 10 41 22 HOH HOH B . 
G 6 HOH 11 42 23 HOH HOH B . 
G 6 HOH 12 43 25 HOH HOH B . 
G 6 HOH 13 44 28 HOH HOH B . 
G 6 HOH 14 45 30 HOH HOH B . 
G 6 HOH 15 46 33 HOH HOH B . 
H 6 HOH 1  50 1  HOH HOH C . 
H 6 HOH 2  51 4  HOH HOH C . 
H 6 HOH 3  52 6  HOH HOH C . 
H 6 HOH 4  53 8  HOH HOH C . 
H 6 HOH 5  54 9  HOH HOH C . 
H 6 HOH 6  55 19 HOH HOH C . 
H 6 HOH 7  56 24 HOH HOH C . 
H 6 HOH 8  57 26 HOH HOH C . 
H 6 HOH 9  58 29 HOH HOH C . 
H 6 HOH 10 59 32 HOH HOH C . 
# 
_pdbx_struct_mod_residue.id               1 
_pdbx_struct_mod_residue.label_asym_id    A 
_pdbx_struct_mod_residue.label_comp_id    A2M 
_pdbx_struct_mod_residue.label_seq_id     5 
_pdbx_struct_mod_residue.auth_asym_id     A 
_pdbx_struct_mod_residue.auth_comp_id     A2M 
_pdbx_struct_mod_residue.auth_seq_id      5 
_pdbx_struct_mod_residue.PDB_ins_code     ? 
_pdbx_struct_mod_residue.parent_comp_id   A 
_pdbx_struct_mod_residue.details          "2'-O-METHYL-ADENOSINE-5'-MONOPHOSPHATE" 
# 
_pdbx_struct_assembly.id                   1 
_pdbx_struct_assembly.details              author_and_software_defined_assembly 
_pdbx_struct_assembly.method_details       PISA 
_pdbx_struct_assembly.oligomeric_details   trimeric 
_pdbx_struct_assembly.oligomeric_count     3 
# 
_pdbx_struct_assembly_gen.assembly_id       1 
_pdbx_struct_assembly_gen.oper_expression   1 
_pdbx_struct_assembly_gen.asym_id_list      A,B,C,D,E,F,G,H 
# 
loop_
_pdbx_struct_assembly_prop.biol_id 
_pdbx_struct_assembly_prop.type 
_pdbx_struct_assembly_prop.value 
_pdbx_struct_assembly_prop.details 
1 'ABSA (A^2)' 5590 ? 
1 MORE         -25  ? 
1 'SSA (A^2)'  9380 ? 
# 
_pdbx_struct_oper_list.id                   1 
_pdbx_struct_oper_list.type                 'identity operation' 
_pdbx_struct_oper_list.name                 1_555 
_pdbx_struct_oper_list.symmetry_operation   x,y,z 
_pdbx_struct_oper_list.matrix[1][1]         1.0000000000 
_pdbx_struct_oper_list.matrix[1][2]         0.0000000000 
_pdbx_struct_oper_list.matrix[1][3]         0.0000000000 
_pdbx_struct_oper_list.vector[1]            0.0000000000 
_pdbx_struct_oper_list.matrix[2][1]         0.0000000000 
_pdbx_struct_oper_list.matrix[2][2]         1.0000000000 
_pdbx_struct_oper_list.matrix[2][3]         0.0000000000 
_pdbx_struct_oper_list.vector[2]            0.0000000000 
_pdbx_struct_oper_list.matrix[3][1]         0.0000000000 
_pdbx_struct_oper_list.matrix[3][2]         0.0000000000 
_pdbx_struct_oper_list.matrix[3][3]         1.0000000000 
_pdbx_struct_oper_list.vector[3]            0.0000000000 
# 
_pdbx_struct_special_symmetry.id              1 
_pdbx_struct_special_symmetry.PDB_model_num   1 
_pdbx_struct_special_symmetry.auth_asym_id    A 
_pdbx_struct_special_symmetry.auth_comp_id    U 
_pdbx_struct_special_symmetry.auth_seq_id     1 
_pdbx_struct_special_symmetry.PDB_ins_code    ? 
_pdbx_struct_special_symmetry.label_asym_id   A 
_pdbx_struct_special_symmetry.label_comp_id   U 
_pdbx_struct_special_symmetry.label_seq_id    1 
# 
loop_
_pdbx_audit_revision_history.ordinal 
_pdbx_audit_revision_history.data_content_type 
_pdbx_audit_revision_history.major_revision 
_pdbx_audit_revision_history.minor_revision 
_pdbx_audit_revision_history.revision_date 
1 'Structure model' 1 0 2008-08-26 
2 'Structure model' 1 1 2011-07-13 
3 'Structure model' 1 2 2023-08-30 
# 
_pdbx_audit_revision_details.ordinal             1 
_pdbx_audit_revision_details.revision_ordinal    1 
_pdbx_audit_revision_details.data_content_type   'Structure model' 
_pdbx_audit_revision_details.provider            repository 
_pdbx_audit_revision_details.type                'Initial release' 
_pdbx_audit_revision_details.description         ? 
_pdbx_audit_revision_details.details             ? 
# 
loop_
_pdbx_audit_revision_group.ordinal 
_pdbx_audit_revision_group.revision_ordinal 
_pdbx_audit_revision_group.data_content_type 
_pdbx_audit_revision_group.group 
1 2 'Structure model' 'Non-polymer description'   
2 2 'Structure model' 'Version format compliance' 
3 3 'Structure model' 'Data collection'           
4 3 'Structure model' 'Database references'       
5 3 'Structure model' 'Derived calculations'      
6 3 'Structure model' 'Refinement description'    
# 
loop_
_pdbx_audit_revision_category.ordinal 
_pdbx_audit_revision_category.revision_ordinal 
_pdbx_audit_revision_category.data_content_type 
_pdbx_audit_revision_category.category 
1 3 'Structure model' chem_comp_atom                
2 3 'Structure model' chem_comp_bond                
3 3 'Structure model' database_2                    
4 3 'Structure model' pdbx_initial_refinement_model 
5 3 'Structure model' pdbx_struct_special_symmetry  
6 3 'Structure model' struct_conn                   
7 3 'Structure model' struct_ref_seq                
8 3 'Structure model' struct_site                   
# 
loop_
_pdbx_audit_revision_item.ordinal 
_pdbx_audit_revision_item.revision_ordinal 
_pdbx_audit_revision_item.data_content_type 
_pdbx_audit_revision_item.item 
1  3 'Structure model' '_database_2.pdbx_DOI'                
2  3 'Structure model' '_database_2.pdbx_database_accession' 
3  3 'Structure model' '_struct_conn.pdbx_leaving_atom_flag' 
4  3 'Structure model' '_struct_conn.ptnr1_auth_comp_id'     
5  3 'Structure model' '_struct_conn.ptnr1_auth_seq_id'      
6  3 'Structure model' '_struct_conn.ptnr1_label_asym_id'    
7  3 'Structure model' '_struct_conn.ptnr1_label_atom_id'    
8  3 'Structure model' '_struct_conn.ptnr1_label_comp_id'    
9  3 'Structure model' '_struct_conn.ptnr1_label_seq_id'     
10 3 'Structure model' '_struct_conn.ptnr2_auth_comp_id'     
11 3 'Structure model' '_struct_conn.ptnr2_auth_seq_id'      
12 3 'Structure model' '_struct_conn.ptnr2_label_asym_id'    
13 3 'Structure model' '_struct_conn.ptnr2_label_atom_id'    
14 3 'Structure model' '_struct_conn.ptnr2_label_comp_id'    
15 3 'Structure model' '_struct_conn.ptnr2_label_seq_id'     
16 3 'Structure model' '_struct_ref_seq.db_align_beg'        
17 3 'Structure model' '_struct_ref_seq.db_align_end'        
18 3 'Structure model' '_struct_site.pdbx_auth_asym_id'      
19 3 'Structure model' '_struct_site.pdbx_auth_comp_id'      
20 3 'Structure model' '_struct_site.pdbx_auth_seq_id'       
# 
loop_
_software.name 
_software.classification 
_software.version 
_software.citation_id 
_software.pdbx_ordinal 
CNS          refinement        1.1 ? 1 
CrystalClear 'data collection' .   ? 2 
CrystalClear 'data reduction'  .   ? 3 
CrystalClear 'data scaling'    .   ? 4 
CNS          phasing           .   ? 5 
# 
loop_
_pdbx_validate_rmsd_angle.id 
_pdbx_validate_rmsd_angle.PDB_model_num 
_pdbx_validate_rmsd_angle.auth_atom_id_1 
_pdbx_validate_rmsd_angle.auth_asym_id_1 
_pdbx_validate_rmsd_angle.auth_comp_id_1 
_pdbx_validate_rmsd_angle.auth_seq_id_1 
_pdbx_validate_rmsd_angle.PDB_ins_code_1 
_pdbx_validate_rmsd_angle.label_alt_id_1 
_pdbx_validate_rmsd_angle.auth_atom_id_2 
_pdbx_validate_rmsd_angle.auth_asym_id_2 
_pdbx_validate_rmsd_angle.auth_comp_id_2 
_pdbx_validate_rmsd_angle.auth_seq_id_2 
_pdbx_validate_rmsd_angle.PDB_ins_code_2 
_pdbx_validate_rmsd_angle.label_alt_id_2 
_pdbx_validate_rmsd_angle.auth_atom_id_3 
_pdbx_validate_rmsd_angle.auth_asym_id_3 
_pdbx_validate_rmsd_angle.auth_comp_id_3 
_pdbx_validate_rmsd_angle.auth_seq_id_3 
_pdbx_validate_rmsd_angle.PDB_ins_code_3 
_pdbx_validate_rmsd_angle.label_alt_id_3 
_pdbx_validate_rmsd_angle.angle_value 
_pdbx_validate_rmsd_angle.angle_target_value 
_pdbx_validate_rmsd_angle.angle_deviation 
_pdbx_validate_rmsd_angle.angle_standard_deviation 
_pdbx_validate_rmsd_angle.linker_flag 
1 1 N1    A U 1 ? A "C1'" A U 1 ? A "C2'" A U 1 ? A 105.11 112.00 -6.89 1.10 N 
2 1 N3    A U 1 ? A C4    A U 1 ? A O4    A U 1 ? A 124.24 119.40 4.84  0.70 N 
3 1 C5    A U 1 ? A C4    A U 1 ? A O4    A U 1 ? A 120.05 125.90 -5.85 0.60 N 
4 1 N9    A G 6 ? ? "C1'" A G 6 ? ? "C2'" A G 6 ? ? 124.45 114.00 10.45 1.30 N 
5 1 "C5'" B G 8 ? ? "C4'" B G 8 ? ? "C3'" B G 8 ? ? 106.53 115.20 -8.67 1.40 N 
# 
loop_
_chem_comp_atom.comp_id 
_chem_comp_atom.atom_id 
_chem_comp_atom.type_symbol 
_chem_comp_atom.pdbx_aromatic_flag 
_chem_comp_atom.pdbx_stereo_config 
_chem_comp_atom.pdbx_ordinal 
A   OP3    O  N N 1   
A   P      P  N N 2   
A   OP1    O  N N 3   
A   OP2    O  N N 4   
A   "O5'"  O  N N 5   
A   "C5'"  C  N N 6   
A   "C4'"  C  N R 7   
A   "O4'"  O  N N 8   
A   "C3'"  C  N S 9   
A   "O3'"  O  N N 10  
A   "C2'"  C  N R 11  
A   "O2'"  O  N N 12  
A   "C1'"  C  N R 13  
A   N9     N  Y N 14  
A   C8     C  Y N 15  
A   N7     N  Y N 16  
A   C5     C  Y N 17  
A   C6     C  Y N 18  
A   N6     N  N N 19  
A   N1     N  Y N 20  
A   C2     C  Y N 21  
A   N3     N  Y N 22  
A   C4     C  Y N 23  
A   HOP3   H  N N 24  
A   HOP2   H  N N 25  
A   "H5'"  H  N N 26  
A   "H5''" H  N N 27  
A   "H4'"  H  N N 28  
A   "H3'"  H  N N 29  
A   "HO3'" H  N N 30  
A   "H2'"  H  N N 31  
A   "HO2'" H  N N 32  
A   "H1'"  H  N N 33  
A   H8     H  N N 34  
A   H61    H  N N 35  
A   H62    H  N N 36  
A   H2     H  N N 37  
A2M P      P  N N 38  
A2M OP1    O  N N 39  
A2M OP3    O  N N 40  
A2M "O5'"  O  N N 41  
A2M "C5'"  C  N N 42  
A2M "C4'"  C  N R 43  
A2M "O4'"  O  N N 44  
A2M "C3'"  C  N R 45  
A2M "O3'"  O  N N 46  
A2M "C2'"  C  N R 47  
A2M "O2'"  O  N N 48  
A2M "C1'"  C  N R 49  
A2M "CM'"  C  N N 50  
A2M N9     N  Y N 51  
A2M C8     C  Y N 52  
A2M N7     N  Y N 53  
A2M C5     C  Y N 54  
A2M C6     C  Y N 55  
A2M N6     N  N N 56  
A2M N1     N  Y N 57  
A2M C2     C  Y N 58  
A2M N3     N  Y N 59  
A2M C4     C  Y N 60  
A2M HOP3   H  N N 61  
A2M "H5'"  H  N N 62  
A2M "H5''" H  N N 63  
A2M "H4'"  H  N N 64  
A2M "H3'"  H  N N 65  
A2M "HO3'" H  N N 66  
A2M "H2'"  H  N N 67  
A2M "H1'"  H  N N 68  
A2M "HM'1" H  N N 69  
A2M "HM'2" H  N N 70  
A2M "HM'3" H  N N 71  
A2M H8     H  N N 72  
A2M H61    H  N N 73  
A2M H62    H  N N 74  
A2M H2     H  N N 75  
A2M OP2    O  N N 76  
A2M HOP2   H  N N 77  
C   OP3    O  N N 78  
C   P      P  N N 79  
C   OP1    O  N N 80  
C   OP2    O  N N 81  
C   "O5'"  O  N N 82  
C   "C5'"  C  N N 83  
C   "C4'"  C  N R 84  
C   "O4'"  O  N N 85  
C   "C3'"  C  N S 86  
C   "O3'"  O  N N 87  
C   "C2'"  C  N R 88  
C   "O2'"  O  N N 89  
C   "C1'"  C  N R 90  
C   N1     N  N N 91  
C   C2     C  N N 92  
C   O2     O  N N 93  
C   N3     N  N N 94  
C   C4     C  N N 95  
C   N4     N  N N 96  
C   C5     C  N N 97  
C   C6     C  N N 98  
C   HOP3   H  N N 99  
C   HOP2   H  N N 100 
C   "H5'"  H  N N 101 
C   "H5''" H  N N 102 
C   "H4'"  H  N N 103 
C   "H3'"  H  N N 104 
C   "HO3'" H  N N 105 
C   "H2'"  H  N N 106 
C   "HO2'" H  N N 107 
C   "H1'"  H  N N 108 
C   H41    H  N N 109 
C   H42    H  N N 110 
C   H5     H  N N 111 
C   H6     H  N N 112 
G   OP3    O  N N 113 
G   P      P  N N 114 
G   OP1    O  N N 115 
G   OP2    O  N N 116 
G   "O5'"  O  N N 117 
G   "C5'"  C  N N 118 
G   "C4'"  C  N R 119 
G   "O4'"  O  N N 120 
G   "C3'"  C  N S 121 
G   "O3'"  O  N N 122 
G   "C2'"  C  N R 123 
G   "O2'"  O  N N 124 
G   "C1'"  C  N R 125 
G   N9     N  Y N 126 
G   C8     C  Y N 127 
G   N7     N  Y N 128 
G   C5     C  Y N 129 
G   C6     C  N N 130 
G   O6     O  N N 131 
G   N1     N  N N 132 
G   C2     C  N N 133 
G   N2     N  N N 134 
G   N3     N  N N 135 
G   C4     C  Y N 136 
G   HOP3   H  N N 137 
G   HOP2   H  N N 138 
G   "H5'"  H  N N 139 
G   "H5''" H  N N 140 
G   "H4'"  H  N N 141 
G   "H3'"  H  N N 142 
G   "HO3'" H  N N 143 
G   "H2'"  H  N N 144 
G   "HO2'" H  N N 145 
G   "H1'"  H  N N 146 
G   H8     H  N N 147 
G   H1     H  N N 148 
G   H21    H  N N 149 
G   H22    H  N N 150 
HOH O      O  N N 151 
HOH H1     H  N N 152 
HOH H2     H  N N 153 
MG  MG     MG N N 154 
S9L O3P    O  N N 155 
S9L P      P  N N 156 
S9L O1P    O  N N 157 
S9L O2P    O  N N 158 
S9L "O5'"  O  N N 159 
S9L C12    C  N N 160 
S9L C22    C  N N 161 
S9L OH3    O  N N 162 
S9L C13    C  N N 163 
S9L C23    C  N N 164 
S9L OH4    O  N N 165 
S9L C14    C  N N 166 
S9L C24    C  N N 167 
S9L "O3'"  O  N N 168 
S9L HO3P   H  N N 169 
S9L HO1P   H  N N 170 
S9L H121   H  N N 171 
S9L H122   H  N N 172 
S9L H221   H  N N 173 
S9L H222   H  N N 174 
S9L H131   H  N N 175 
S9L H132   H  N N 176 
S9L H231   H  N N 177 
S9L H232   H  N N 178 
S9L H141   H  N N 179 
S9L H142   H  N N 180 
S9L H241   H  N N 181 
S9L H242   H  N N 182 
S9L "HO3'" H  N N 183 
SO4 S      S  N N 184 
SO4 O1     O  N N 185 
SO4 O2     O  N N 186 
SO4 O3     O  N N 187 
SO4 O4     O  N N 188 
U   OP3    O  N N 189 
U   P      P  N N 190 
U   OP1    O  N N 191 
U   OP2    O  N N 192 
U   "O5'"  O  N N 193 
U   "C5'"  C  N N 194 
U   "C4'"  C  N R 195 
U   "O4'"  O  N N 196 
U   "C3'"  C  N S 197 
U   "O3'"  O  N N 198 
U   "C2'"  C  N R 199 
U   "O2'"  O  N N 200 
U   "C1'"  C  N R 201 
U   N1     N  N N 202 
U   C2     C  N N 203 
U   O2     O  N N 204 
U   N3     N  N N 205 
U   C4     C  N N 206 
U   O4     O  N N 207 
U   C5     C  N N 208 
U   C6     C  N N 209 
U   HOP3   H  N N 210 
U   HOP2   H  N N 211 
U   "H5'"  H  N N 212 
U   "H5''" H  N N 213 
U   "H4'"  H  N N 214 
U   "H3'"  H  N N 215 
U   "HO3'" H  N N 216 
U   "H2'"  H  N N 217 
U   "HO2'" H  N N 218 
U   "H1'"  H  N N 219 
U   H3     H  N N 220 
U   H5     H  N N 221 
U   H6     H  N N 222 
# 
loop_
_chem_comp_bond.comp_id 
_chem_comp_bond.atom_id_1 
_chem_comp_bond.atom_id_2 
_chem_comp_bond.value_order 
_chem_comp_bond.pdbx_aromatic_flag 
_chem_comp_bond.pdbx_stereo_config 
_chem_comp_bond.pdbx_ordinal 
A   OP3   P      sing N N 1   
A   OP3   HOP3   sing N N 2   
A   P     OP1    doub N N 3   
A   P     OP2    sing N N 4   
A   P     "O5'"  sing N N 5   
A   OP2   HOP2   sing N N 6   
A   "O5'" "C5'"  sing N N 7   
A   "C5'" "C4'"  sing N N 8   
A   "C5'" "H5'"  sing N N 9   
A   "C5'" "H5''" sing N N 10  
A   "C4'" "O4'"  sing N N 11  
A   "C4'" "C3'"  sing N N 12  
A   "C4'" "H4'"  sing N N 13  
A   "O4'" "C1'"  sing N N 14  
A   "C3'" "O3'"  sing N N 15  
A   "C3'" "C2'"  sing N N 16  
A   "C3'" "H3'"  sing N N 17  
A   "O3'" "HO3'" sing N N 18  
A   "C2'" "O2'"  sing N N 19  
A   "C2'" "C1'"  sing N N 20  
A   "C2'" "H2'"  sing N N 21  
A   "O2'" "HO2'" sing N N 22  
A   "C1'" N9     sing N N 23  
A   "C1'" "H1'"  sing N N 24  
A   N9    C8     sing Y N 25  
A   N9    C4     sing Y N 26  
A   C8    N7     doub Y N 27  
A   C8    H8     sing N N 28  
A   N7    C5     sing Y N 29  
A   C5    C6     sing Y N 30  
A   C5    C4     doub Y N 31  
A   C6    N6     sing N N 32  
A   C6    N1     doub Y N 33  
A   N6    H61    sing N N 34  
A   N6    H62    sing N N 35  
A   N1    C2     sing Y N 36  
A   C2    N3     doub Y N 37  
A   C2    H2     sing N N 38  
A   N3    C4     sing Y N 39  
A2M P     OP1    doub N N 40  
A2M P     OP3    sing N N 41  
A2M P     "O5'"  sing N N 42  
A2M OP3   HOP3   sing N N 43  
A2M "O5'" "C5'"  sing N N 44  
A2M "C5'" "C4'"  sing N N 45  
A2M "C5'" "H5'"  sing N N 46  
A2M "C5'" "H5''" sing N N 47  
A2M "C4'" "O4'"  sing N N 48  
A2M "C4'" "C3'"  sing N N 49  
A2M "C4'" "H4'"  sing N N 50  
A2M "O4'" "C1'"  sing N N 51  
A2M "C3'" "O3'"  sing N N 52  
A2M "C3'" "C2'"  sing N N 53  
A2M "C3'" "H3'"  sing N N 54  
A2M "O3'" "HO3'" sing N N 55  
A2M "C2'" "O2'"  sing N N 56  
A2M "C2'" "C1'"  sing N N 57  
A2M "C2'" "H2'"  sing N N 58  
A2M "O2'" "CM'"  sing N N 59  
A2M "C1'" N9     sing N N 60  
A2M "C1'" "H1'"  sing N N 61  
A2M "CM'" "HM'1" sing N N 62  
A2M "CM'" "HM'2" sing N N 63  
A2M "CM'" "HM'3" sing N N 64  
A2M N9    C8     sing Y N 65  
A2M N9    C4     sing Y N 66  
A2M C8    N7     doub Y N 67  
A2M C8    H8     sing N N 68  
A2M N7    C5     sing Y N 69  
A2M C5    C6     sing Y N 70  
A2M C5    C4     doub Y N 71  
A2M C6    N6     sing N N 72  
A2M C6    N1     doub Y N 73  
A2M N6    H61    sing N N 74  
A2M N6    H62    sing N N 75  
A2M N1    C2     sing Y N 76  
A2M C2    N3     doub Y N 77  
A2M C2    H2     sing N N 78  
A2M N3    C4     sing Y N 79  
A2M P     OP2    sing N N 80  
A2M OP2   HOP2   sing N N 81  
C   OP3   P      sing N N 82  
C   OP3   HOP3   sing N N 83  
C   P     OP1    doub N N 84  
C   P     OP2    sing N N 85  
C   P     "O5'"  sing N N 86  
C   OP2   HOP2   sing N N 87  
C   "O5'" "C5'"  sing N N 88  
C   "C5'" "C4'"  sing N N 89  
C   "C5'" "H5'"  sing N N 90  
C   "C5'" "H5''" sing N N 91  
C   "C4'" "O4'"  sing N N 92  
C   "C4'" "C3'"  sing N N 93  
C   "C4'" "H4'"  sing N N 94  
C   "O4'" "C1'"  sing N N 95  
C   "C3'" "O3'"  sing N N 96  
C   "C3'" "C2'"  sing N N 97  
C   "C3'" "H3'"  sing N N 98  
C   "O3'" "HO3'" sing N N 99  
C   "C2'" "O2'"  sing N N 100 
C   "C2'" "C1'"  sing N N 101 
C   "C2'" "H2'"  sing N N 102 
C   "O2'" "HO2'" sing N N 103 
C   "C1'" N1     sing N N 104 
C   "C1'" "H1'"  sing N N 105 
C   N1    C2     sing N N 106 
C   N1    C6     sing N N 107 
C   C2    O2     doub N N 108 
C   C2    N3     sing N N 109 
C   N3    C4     doub N N 110 
C   C4    N4     sing N N 111 
C   C4    C5     sing N N 112 
C   N4    H41    sing N N 113 
C   N4    H42    sing N N 114 
C   C5    C6     doub N N 115 
C   C5    H5     sing N N 116 
C   C6    H6     sing N N 117 
G   OP3   P      sing N N 118 
G   OP3   HOP3   sing N N 119 
G   P     OP1    doub N N 120 
G   P     OP2    sing N N 121 
G   P     "O5'"  sing N N 122 
G   OP2   HOP2   sing N N 123 
G   "O5'" "C5'"  sing N N 124 
G   "C5'" "C4'"  sing N N 125 
G   "C5'" "H5'"  sing N N 126 
G   "C5'" "H5''" sing N N 127 
G   "C4'" "O4'"  sing N N 128 
G   "C4'" "C3'"  sing N N 129 
G   "C4'" "H4'"  sing N N 130 
G   "O4'" "C1'"  sing N N 131 
G   "C3'" "O3'"  sing N N 132 
G   "C3'" "C2'"  sing N N 133 
G   "C3'" "H3'"  sing N N 134 
G   "O3'" "HO3'" sing N N 135 
G   "C2'" "O2'"  sing N N 136 
G   "C2'" "C1'"  sing N N 137 
G   "C2'" "H2'"  sing N N 138 
G   "O2'" "HO2'" sing N N 139 
G   "C1'" N9     sing N N 140 
G   "C1'" "H1'"  sing N N 141 
G   N9    C8     sing Y N 142 
G   N9    C4     sing Y N 143 
G   C8    N7     doub Y N 144 
G   C8    H8     sing N N 145 
G   N7    C5     sing Y N 146 
G   C5    C6     sing N N 147 
G   C5    C4     doub Y N 148 
G   C6    O6     doub N N 149 
G   C6    N1     sing N N 150 
G   N1    C2     sing N N 151 
G   N1    H1     sing N N 152 
G   C2    N2     sing N N 153 
G   C2    N3     doub N N 154 
G   N2    H21    sing N N 155 
G   N2    H22    sing N N 156 
G   N3    C4     sing N N 157 
HOH O     H1     sing N N 158 
HOH O     H2     sing N N 159 
S9L O3P   P      sing N N 160 
S9L O3P   HO3P   sing N N 161 
S9L P     O2P    doub N N 162 
S9L P     O1P    sing N N 163 
S9L P     "O5'"  sing N N 164 
S9L O1P   HO1P   sing N N 165 
S9L "O5'" C12    sing N N 166 
S9L C12   C22    sing N N 167 
S9L C12   H121   sing N N 168 
S9L C12   H122   sing N N 169 
S9L C22   OH3    sing N N 170 
S9L C22   H221   sing N N 171 
S9L C22   H222   sing N N 172 
S9L OH3   C23    sing N N 173 
S9L C13   C23    sing N N 174 
S9L C13   OH4    sing N N 175 
S9L C13   H131   sing N N 176 
S9L C13   H132   sing N N 177 
S9L C23   H231   sing N N 178 
S9L C23   H232   sing N N 179 
S9L OH4   C24    sing N N 180 
S9L C14   C24    sing N N 181 
S9L C14   "O3'"  sing N N 182 
S9L C14   H141   sing N N 183 
S9L C14   H142   sing N N 184 
S9L C24   H241   sing N N 185 
S9L C24   H242   sing N N 186 
S9L "O3'" "HO3'" sing N N 187 
SO4 S     O1     doub N N 188 
SO4 S     O2     doub N N 189 
SO4 S     O3     sing N N 190 
SO4 S     O4     sing N N 191 
U   OP3   P      sing N N 192 
U   OP3   HOP3   sing N N 193 
U   P     OP1    doub N N 194 
U   P     OP2    sing N N 195 
U   P     "O5'"  sing N N 196 
U   OP2   HOP2   sing N N 197 
U   "O5'" "C5'"  sing N N 198 
U   "C5'" "C4'"  sing N N 199 
U   "C5'" "H5'"  sing N N 200 
U   "C5'" "H5''" sing N N 201 
U   "C4'" "O4'"  sing N N 202 
U   "C4'" "C3'"  sing N N 203 
U   "C4'" "H4'"  sing N N 204 
U   "O4'" "C1'"  sing N N 205 
U   "C3'" "O3'"  sing N N 206 
U   "C3'" "C2'"  sing N N 207 
U   "C3'" "H3'"  sing N N 208 
U   "O3'" "HO3'" sing N N 209 
U   "C2'" "O2'"  sing N N 210 
U   "C2'" "C1'"  sing N N 211 
U   "C2'" "H2'"  sing N N 212 
U   "O2'" "HO2'" sing N N 213 
U   "C1'" N1     sing N N 214 
U   "C1'" "H1'"  sing N N 215 
U   N1    C2     sing N N 216 
U   N1    C6     sing N N 217 
U   C2    O2     doub N N 218 
U   C2    N3     sing N N 219 
U   N3    C4     sing N N 220 
U   N3    H3     sing N N 221 
U   C4    O4     doub N N 222 
U   C4    C5     sing N N 223 
U   C5    C6     doub N N 224 
U   C5    H5     sing N N 225 
U   C6    H6     sing N N 226 
# 
loop_
_ndb_struct_conf_na.entry_id 
_ndb_struct_conf_na.feature 
3CR1 'double helix'         
3CR1 'a-form double helix'  
3CR1 'bulge loop'           
3CR1 'mismatched base pair' 
# 
loop_
_ndb_struct_na_base_pair.model_number 
_ndb_struct_na_base_pair.i_label_asym_id 
_ndb_struct_na_base_pair.i_label_comp_id 
_ndb_struct_na_base_pair.i_label_seq_id 
_ndb_struct_na_base_pair.i_symmetry 
_ndb_struct_na_base_pair.j_label_asym_id 
_ndb_struct_na_base_pair.j_label_comp_id 
_ndb_struct_na_base_pair.j_label_seq_id 
_ndb_struct_na_base_pair.j_symmetry 
_ndb_struct_na_base_pair.shear 
_ndb_struct_na_base_pair.stretch 
_ndb_struct_na_base_pair.stagger 
_ndb_struct_na_base_pair.buckle 
_ndb_struct_na_base_pair.propeller 
_ndb_struct_na_base_pair.opening 
_ndb_struct_na_base_pair.pair_number 
_ndb_struct_na_base_pair.pair_name 
_ndb_struct_na_base_pair.i_auth_asym_id 
_ndb_struct_na_base_pair.i_auth_seq_id 
_ndb_struct_na_base_pair.i_PDB_ins_code 
_ndb_struct_na_base_pair.j_auth_asym_id 
_ndb_struct_na_base_pair.j_auth_seq_id 
_ndb_struct_na_base_pair.j_PDB_ins_code 
_ndb_struct_na_base_pair.hbond_type_28 
_ndb_struct_na_base_pair.hbond_type_12 
1 A C   2  1_555 B G 12 1_555 0.104  -0.157 -0.344 8.358   -18.239 1.976    1  A_C2:G13_B  A 2  ? B 13 ? 19 1  
1 A C   3  1_555 B G 11 1_555 0.151  -0.155 -0.061 -4.133  -7.298  1.693    2  A_C3:G12_B  A 3  ? B 12 ? 19 1  
1 A C   4  1_555 B G 10 1_555 0.434  -0.145 -0.017 4.103   2.990   3.214    3  A_C4:G11_B  A 4  ? B 11 ? 19 1  
1 A A2M 5  1_555 B A 8  1_555 6.766  -3.722 -0.868 9.993   -3.298  -31.264  4  A_A2M5:A9_B A 5  ? B 9  ? ?  ?  
1 A U   7  1_555 B G 7  1_555 -8.010 -2.937 0.109  8.590   9.307   -3.769   5  A_U7:G8_B   A 7  ? B 8  ? ?  ?  
1 A C   8  1_555 B A 6  1_555 -1.976 0.466  -1.176 24.474  -16.251 8.701    6  A_C8:A7_B   A 8  ? B 7  ? ?  ?  
1 A C   9  1_555 B G 5  1_555 -0.133 -0.062 -0.252 10.219  -13.424 5.079    7  A_C9:G6_B   A 9  ? B 6  ? 19 1  
1 A A   10 1_555 B U 4  1_555 0.826  -0.121 0.552  3.328   -12.360 1.154    8  A_A10:U5_B  A 10 ? B 5  ? 20 1  
1 A C   11 1_555 B G 3  1_555 0.462  -0.055 0.329  3.632   -13.511 3.391    9  A_C11:G4_B  A 11 ? B 4  ? 19 1  
1 A C   12 1_555 B G 2  1_555 0.108  -0.332 0.364  0.688   -13.716 3.599    10 A_C12:G3_B  A 12 ? B 3  ? 19 1  
1 A G   13 1_555 B C 1  1_555 -0.152 0.009  0.071  -1.454  -9.966  5.749    11 A_G13:C2_B  A 13 ? B 2  ? 19 1  
1 B G   14 1_555 C C 19 1_555 -0.314 -0.142 0.320  -0.998  -10.755 0.458    12 B_G15:C49_C B 15 ? C 49 ? 19 1  
1 B G   15 1_555 C C 18 1_555 -0.141 -0.237 0.350  8.786   -13.183 -1.212   13 B_G16:C48_C B 16 ? C 48 ? 19 1  
1 B C   16 1_555 C G 17 1_555 0.027  -0.142 0.023  6.041   -11.349 -0.722   14 B_C17:G47_C B 17 ? C 47 ? 19 1  
1 B A   17 1_555 C U 16 1_555 -0.264 -0.007 -0.251 -6.933  -13.730 7.446    15 B_A18:U46_C B 18 ? C 46 ? 20 1  
1 B G   18 1_555 C C 15 1_555 -0.373 -0.152 -0.422 -10.722 -10.410 7.566    16 B_G19:C45_C B 19 ? C 45 ? 19 1  
1 B A   19 1_555 C C 14 1_555 2.257  0.165  -0.648 -13.591 -6.518  10.763   17 B_A20:C44_C B 20 ? C 44 ? ?  1  
1 B G   20 1_555 C A 13 1_555 6.973  -4.471 -0.176 -4.596  0.744   -7.697   18 B_G21:A43_C B 21 ? C 43 ? 11 10 
1 B A   21 1_555 C U 11 1_555 -4.012 -1.797 -0.227 -7.942  -11.475 -101.647 19 B_A22:U41_C B 22 ? C 41 ? 24 4  
1 B A   22 1_555 C A 10 1_555 -4.204 0.951  -0.768 -3.111  -23.382 -96.176  20 B_A23:A40_C B 23 ? C 40 ? 5  4  
1 B A   23 1_555 C C 8  1_555 -1.318 0.093  0.225  8.675   11.403  122.052  21 B_A24:C38_C B 24 ? C 38 ? ?  2  
1 B C   24 1_555 A G 6  1_555 0.179  -0.114 -0.157 18.830  -11.294 2.446    22 B_C25:G6_A  B 25 ? A 6  ? 19 1  
1 B A   25 1_555 C G 6  1_555 0.305  1.319  -0.431 -9.779  -21.051 -19.308  23 B_A26:G36_C B 26 ? C 36 ? 8  ?  
1 B C   26 1_555 C G 5  1_555 0.075  -0.178 0.023  6.705   -22.876 2.181    24 B_C27:G35_C B 27 ? C 35 ? 19 1  
1 B A   27 1_555 C U 4  1_555 0.108  -0.226 0.178  2.006   -22.307 -0.420   25 B_A28:U34_C B 28 ? C 34 ? 20 1  
1 B C   28 1_555 C G 3  1_555 0.030  -0.105 -0.066 8.110   -14.528 2.518    26 B_C29:G33_C B 29 ? C 33 ? 19 1  
1 B G   29 1_555 C C 2  1_555 -0.363 -0.102 -0.053 -10.991 -16.737 -0.646   27 B_G30:C32_C B 30 ? C 32 ? 19 1  
1 B A   30 1_555 C U 1  1_555 0.405  -0.072 -0.007 -3.465  -11.953 0.792    28 B_A31:U31_C B 31 ? C 31 ? 20 1  
# 
loop_
_ndb_struct_na_base_pair_step.model_number 
_ndb_struct_na_base_pair_step.i_label_asym_id_1 
_ndb_struct_na_base_pair_step.i_label_comp_id_1 
_ndb_struct_na_base_pair_step.i_label_seq_id_1 
_ndb_struct_na_base_pair_step.i_symmetry_1 
_ndb_struct_na_base_pair_step.j_label_asym_id_1 
_ndb_struct_na_base_pair_step.j_label_comp_id_1 
_ndb_struct_na_base_pair_step.j_label_seq_id_1 
_ndb_struct_na_base_pair_step.j_symmetry_1 
_ndb_struct_na_base_pair_step.i_label_asym_id_2 
_ndb_struct_na_base_pair_step.i_label_comp_id_2 
_ndb_struct_na_base_pair_step.i_label_seq_id_2 
_ndb_struct_na_base_pair_step.i_symmetry_2 
_ndb_struct_na_base_pair_step.j_label_asym_id_2 
_ndb_struct_na_base_pair_step.j_label_comp_id_2 
_ndb_struct_na_base_pair_step.j_label_seq_id_2 
_ndb_struct_na_base_pair_step.j_symmetry_2 
_ndb_struct_na_base_pair_step.shift 
_ndb_struct_na_base_pair_step.slide 
_ndb_struct_na_base_pair_step.rise 
_ndb_struct_na_base_pair_step.tilt 
_ndb_struct_na_base_pair_step.roll 
_ndb_struct_na_base_pair_step.twist 
_ndb_struct_na_base_pair_step.x_displacement 
_ndb_struct_na_base_pair_step.y_displacement 
_ndb_struct_na_base_pair_step.helical_rise 
_ndb_struct_na_base_pair_step.inclination 
_ndb_struct_na_base_pair_step.tip 
_ndb_struct_na_base_pair_step.helical_twist 
_ndb_struct_na_base_pair_step.step_number 
_ndb_struct_na_base_pair_step.step_name 
_ndb_struct_na_base_pair_step.i_auth_asym_id_1 
_ndb_struct_na_base_pair_step.i_auth_seq_id_1 
_ndb_struct_na_base_pair_step.i_PDB_ins_code_1 
_ndb_struct_na_base_pair_step.j_auth_asym_id_1 
_ndb_struct_na_base_pair_step.j_auth_seq_id_1 
_ndb_struct_na_base_pair_step.j_PDB_ins_code_1 
_ndb_struct_na_base_pair_step.i_auth_asym_id_2 
_ndb_struct_na_base_pair_step.i_auth_seq_id_2 
_ndb_struct_na_base_pair_step.i_PDB_ins_code_2 
_ndb_struct_na_base_pair_step.j_auth_asym_id_2 
_ndb_struct_na_base_pair_step.j_auth_seq_id_2 
_ndb_struct_na_base_pair_step.j_PDB_ins_code_2 
1 A C   2  1_555 B G 12 1_555 A C   3  1_555 B G 11 1_555 -0.542 -1.815 3.573 -2.167 12.753  32.438  -4.965 0.577  2.718 21.779 
3.700   34.858  1  AA_C2C3:G12G13_BB   A 2  ? B 13 ? A 3  ? B 12 ? 
1 A C   3  1_555 B G 11 1_555 A C   4  1_555 B G 10 1_555 0.296  -1.470 3.233 1.127  7.945   28.306  -4.482 -0.358 2.738 15.847 
-2.247  29.399  2  AA_C3C4:G11G12_BB   A 3  ? B 12 ? A 4  ? B 11 ? 
1 A C   4  1_555 B G 10 1_555 A A2M 5  1_555 B A 8  1_555 -0.119 -0.923 5.399 -0.721 23.114  78.129  -1.687 0.061  5.022 17.977 
0.561   80.951  3  AA_C4A2M5:A9G11_BB  A 4  ? B 11 ? A 5  ? B 9  ? 
1 A A2M 5  1_555 B A 8  1_555 A U   7  1_555 B G 7  1_555 -0.038 -0.051 3.437 10.143 3.561   2.011   -6.063 16.713 0.582 26.312 
-74.949 10.936  4  AA_A2M5U7:G8A9_BB   A 5  ? B 9  ? A 7  ? B 8  ? 
1 A U   7  1_555 B G 7  1_555 A C   8  1_555 B A 6  1_555 0.153  -0.599 2.924 0.107  11.821  53.204  -1.286 -0.162 2.744 13.017 
-0.118  54.408  5  AA_U7C8:A7G8_BB     A 7  ? B 8  ? A 8  ? B 7  ? 
1 A C   8  1_555 B A 6  1_555 A C   9  1_555 B G 5  1_555 -0.048 -1.328 3.872 -5.972 8.915   37.987  -3.173 -0.735 3.454 13.373 
8.957   39.420  6  AA_C8C9:G6A7_BB     A 8  ? B 7  ? A 9  ? B 6  ? 
1 A C   9  1_555 B G 5  1_555 A A   10 1_555 B U 4  1_555 -0.299 -1.707 3.260 -5.331 9.951   36.972  -3.735 -0.165 2.743 15.261 
8.175   38.599  7  AA_C9A10:U5G6_BB    A 9  ? B 6  ? A 10 ? B 5  ? 
1 A A   10 1_555 B U 4  1_555 A C   11 1_555 B G 3  1_555 -0.115 -1.417 3.209 2.171  4.054   28.724  -3.667 0.681  2.968 8.107  
-4.340  29.083  8  AA_A10C11:G4U5_BB   A 10 ? B 5  ? A 11 ? B 4  ? 
1 A C   11 1_555 B G 3  1_555 A C   12 1_555 B G 2  1_555 0.085  -2.197 3.132 0.249  7.216   29.764  -5.417 -0.118 2.542 13.794 
-0.477  30.608  9  AA_C11C12:G3G4_BB   A 11 ? B 4  ? A 12 ? B 3  ? 
1 A C   12 1_555 B G 2  1_555 A G   13 1_555 B C 1  1_555 0.126  -1.748 3.073 3.164  9.066   31.680  -4.404 0.243  2.492 16.149 
-5.635  33.067  10 AA_C12G13:C2G3_BB   A 12 ? B 3  ? A 13 ? B 2  ? 
1 B G   14 1_555 C C 19 1_555 B G   15 1_555 C C 18 1_555 -0.758 -1.074 2.985 -2.854 6.741   33.775  -2.739 0.883  2.778 11.437 
4.842   34.537  11 BB_G15G16:C48C49_CC B 15 ? C 49 ? B 16 ? C 48 ? 
1 B G   15 1_555 C C 18 1_555 B C   16 1_555 C G 17 1_555 0.363  -1.402 3.284 0.949  9.148   34.733  -3.524 -0.460 2.845 15.000 
-1.556  35.894  12 BB_G16C17:G47C48_CC B 16 ? C 48 ? B 17 ? C 47 ? 
1 B C   16 1_555 C G 17 1_555 B A   17 1_555 C U 16 1_555 0.583  -1.611 3.491 2.063  12.244  31.266  -4.765 -0.676 2.719 21.678 
-3.653  33.584  13 BB_C17A18:U46G47_CC B 17 ? C 47 ? B 18 ? C 46 ? 
1 B A   17 1_555 C U 16 1_555 B G   18 1_555 C C 15 1_555 0.213  -1.877 3.410 0.071  8.531   28.781  -5.319 -0.397 2.753 16.705 
-0.140  29.994  14 BB_A18G19:C45U46_CC B 18 ? C 46 ? B 19 ? C 45 ? 
1 B G   18 1_555 C C 15 1_555 B A   19 1_555 C C 14 1_555 0.580  -1.429 3.516 3.058  6.047   37.225  -3.021 -0.482 3.288 9.378  
-4.742  37.815  15 BB_G19A20:C44C45_CC B 19 ? C 45 ? B 20 ? C 44 ? 
1 B A   19 1_555 C C 14 1_555 B G   20 1_555 C A 13 1_555 -0.347 -1.129 3.086 4.201  6.436   57.455  -1.482 0.565  2.925 6.662  
-4.348  57.923  16 BB_A20G21:A43C44_CC B 20 ? C 44 ? B 21 ? C 43 ? 
1 B G   20 1_555 C A 13 1_555 B A   21 1_555 C U 11 1_555 -2.206 -0.652 3.522 2.756  -0.441  15.946  -1.993 9.841  3.115 -1.575 
-9.835  16.187  17 BB_G21A22:U41A43_CC B 21 ? C 43 ? B 22 ? C 41 ? 
1 B A   21 1_555 C U 11 1_555 B A   22 1_555 C A 10 1_555 0.036  -2.415 3.541 -9.851 7.877   44.788  -3.744 -0.897 3.025 10.103 
12.634  46.442  18 BB_A22A23:A40U41_CC B 22 ? C 41 ? B 23 ? C 40 ? 
1 B A   22 1_555 C A 10 1_555 B A   23 1_555 C C 8  1_555 -0.168 -2.931 2.920 1.258  -10.433 -68.334 2.906  -0.110 2.507 9.233  
1.113   -69.040 19 BB_A23A24:C38A40_CC B 23 ? C 40 ? B 24 ? C 38 ? 
1 B C   24 1_555 A G 6  1_555 B A   25 1_555 C G 6  1_555 0.168  -1.874 3.863 3.765  9.309   48.732  -3.005 0.113  3.475 11.144 
-4.507  49.694  20 BB_C25A26:G36G6_CA  B 25 ? A 6  ? B 26 ? C 36 ? 
1 B A   25 1_555 C G 6  1_555 B C   26 1_555 C G 5  1_555 1.202  -0.561 2.928 -3.650 1.847   29.118  -1.449 -3.047 2.720 3.651  
7.215   29.398  21 BB_A26C27:G35G36_CC B 26 ? C 36 ? B 27 ? C 35 ? 
1 B C   26 1_555 C G 5  1_555 B A   27 1_555 C U 4  1_555 -0.036 -1.172 3.267 -1.184 12.393  35.183  -3.385 -0.092 2.715 19.754 
1.888   37.255  22 BB_C27A28:U34G35_CC B 27 ? C 35 ? B 28 ? C 34 ? 
1 B A   27 1_555 C U 4  1_555 B C   28 1_555 C G 3  1_555 0.525  -0.992 3.146 2.643  -1.371  31.740  -1.562 -0.487 3.217 -2.500 
-4.820  31.876  23 BB_A28C29:G33U34_CC B 28 ? C 34 ? B 29 ? C 33 ? 
1 B C   28 1_555 C G 3  1_555 B G   29 1_555 C C 2  1_555 0.175  -1.429 3.618 2.272  14.226  35.402  -4.042 0.028  2.862 22.288 
-3.560  38.133  24 BB_C29G30:C32G33_CC B 29 ? C 33 ? B 30 ? C 32 ? 
1 B G   29 1_555 C C 2  1_555 B A   30 1_555 C U 1  1_555 0.725  -1.544 3.027 3.033  4.784   33.835  -3.297 -0.800 2.841 8.149  
-5.167  34.292  25 BB_G30A31:U31C32_CC B 30 ? C 32 ? B 31 ? C 31 ? 
# 
loop_
_pdbx_entity_nonpoly.entity_id 
_pdbx_entity_nonpoly.name 
_pdbx_entity_nonpoly.comp_id 
4 'SULFATE ION'   SO4 
5 'MAGNESIUM ION' MG  
6 water           HOH 
# 
_pdbx_initial_refinement_model.id               1 
_pdbx_initial_refinement_model.entity_id_list   ? 
_pdbx_initial_refinement_model.type             'experimental model' 
_pdbx_initial_refinement_model.source_name      PDB 
_pdbx_initial_refinement_model.accession_code   2OUE 
_pdbx_initial_refinement_model.details          ? 
# 
